data_3JBW
#
_entry.id   3JBW
#
_cell.length_a   1.000
_cell.length_b   1.000
_cell.length_c   1.000
_cell.angle_alpha   90.00
_cell.angle_beta   90.00
_cell.angle_gamma   90.00
#
_symmetry.space_group_name_H-M   'P 1'
#
loop_
_entity.id
_entity.type
_entity.pdbx_description
1 polymer 'V(D)J recombination-activating protein 1'
2 polymer 'V(D)J recombination-activating protein 2'
3 polymer '12-RSS signal end forward strand'
4 polymer 'Nicked 12-RSS intermediate reverse strand'
5 polymer 'Nicked 23-RSS intermediate reverse strand'
6 polymer 'Nicked 23-RSS intermediate forward strand'
7 polymer "5'-D(P*GP*AP*TP*CP*TP*GP*GP*CP*CP*TP*GP*TP*CP*TP*TP*A)-3'"
8 non-polymer 'ZINC ION'
#
loop_
_entity_poly.entity_id
_entity_poly.type
_entity_poly.pdbx_seq_one_letter_code
_entity_poly.pdbx_strand_id
1 'polypeptide(L)'
;GGSRCQRDHLSTKLIPTEVPADLIRAVTCQVCDHLLSDPVQSPCRHLFCRLCIIRYTHALGPNCPTCNQHLNPSHLIKPA
KFFLATLSSLPLLCPSEECSDWVRLDSFREHCLNHYREKESQEEQTPSEQNLDGYLPVNKGGRPRQHLLSLTRRAQKHRL
RDLKNQVKTFAEKEEGGDVKSVCLTLFLLALRAGNEHKQADELEAMMQGRGFGLHPAVCLAIRVNTFLSCSQYHKMYRTV
KATSGRQIFQPLHTLRNAEKELLPGFHQFEWQPALKNVSTSWDVGIIDGLSGWTVSVDDVPADTISRRFRYDVALVSALK
DLEEDIMEGLRERALDDSMCTSGFTVVVKESCDGMGDVSEKHGSGPAVPEKAVRFSFTIMSISIRLEGEDDGITIFQEQK
PNSELSCRPLCLMFVDESDHETLTAILGPVVAERKAMMESRLIISVGGLLRSFRFFFRGTGYDEKMVREMEGLEASGSTY
ICTLCDSTRAEASQNMVLHSITRSHDENLERYEIWRKNPFSESADELRDRVKGVSAKPFMETQPTLDALHCDIGNATEFY
KIFQDEIGEVYQKPNPSREERRRWRSTLDKQLRKKMKLKPVMRMNGNYARRLMTREAVEAVCELVPSEERREALLKLMDL
YLQMKPVWRSTCPSRDCPDQLCQYSYNSQQFADLLSSMFKYRYDGKITNYLHKTLAHVPEIVERDGSIGAWASEGNESGN
KLFRRFRKMNARQSKTFELEDILKHHWLYTSKYLQKFMEAHKNS
;
A,C
2 'polypeptide(L)'
;GGSMSLQPLTAVNCGSLVQPGFSLLDLEGDVYLFGQKGWPKRSCPTGIFGVRIKKGELKLRAISFSNNSSYLPPLRCPAI
AHFEAQDGKPECYLIHGGRTPNNELSSSLYMLSVDSRGCNRKVTLRCEEKELVGDVPSARYGHTLSVINSRGKTACVLFG
GRSYMPPTERTTQNWNSVVDCPPQVYLIDLEFGCCTAHTLPELTDGQSFHVALARQDCVYFLGGHILSSDCRPSRLIRLH
VELLLGSPVLTCTILHEGLTITSAIASPIGYHEYIIFGGYQSETQKRMECTYVGLDDVGVHMESREPPQWTSEISHSRTW
FGGSLGKGTALVAIPSEGNPTPPEAYHFYQVSFQKEQDGEATAQGGSQESTDFEDSAPLEDSEELYFGREPHELEYSSDV
EGDTYNEEDEEDESQTGYWIKCCLSCQVDPNIWEPYYSTELTRPAMIFCSRGEGGHWVHAQCMELPESLLLQLSQDNSKY
FCLDHGGLPKQEMTPPKQMLPVKRVPMKMTHRKAPVSLKMTPAKKTFLRRLFD
;
B,D
3 'polydeoxyribonucleotide'
;(DC)(DA)(DC)(DA)(DG)(DT)(DG)(DC)(DT)(DA)(DC)(DA)(DG)(DA)(DC)(DT)(DG)(DG)(DA)(DA)
(DC)(DA)(DA)(DA)(DA)(DA)(DC)(DC)(DC)(DT)(DG)(DC)(DA)(DG)
;
E
4 'polydeoxyribonucleotide'
;(DC)(DT)(DG)(DC)(DA)(DG)(DG)(DG)(DT)(DT)(DT)(DT)(DT)(DG)(DT)(DT)(DC)(DC)(DA)(DG)
(DT)(DC)(DT)(DG)(DT)(DA)(DG)(DC)(DA)(DC)(DT)(DG)(DT)(DG)(DT)(DA)(DA)(DG)(DA)(DC)
(DA)(DG)(DG)(DC)(DC)(DA)(DG)(DA)(DT)(DC)
;
F
5 'polydeoxyribonucleotide'
;(DC)(DT)(DG)(DC)(DA)(DG)(DG)(DG)(DT)(DT)(DT)(DT)(DT)(DG)(DT)(DA)(DC)(DA)(DG)(DC)
(DC)(DA)(DG)(DA)(DC)(DA)(DG)(DT)(DG)(DG)(DA)(DG)(DT)(DA)(DC)(DT)(DA)(DC)(DC)(DA)
(DC)(DT)(DG)(DT)(DG)(DT)(DA)(DA)(DG)(DA)(DC)(DA)(DG)(DG)(DC)(DC)(DA)(DG)(DA)(DT)
(DC)
;
G
6 'polydeoxyribonucleotide'
;(DC)(DA)(DC)(DA)(DG)(DT)(DG)(DG)(DT)(DA)(DG)(DT)(DA)(DC)(DT)(DC)(DC)(DA)(DC)(DT)
(DG)(DT)(DC)(DT)(DG)(DG)(DC)(DT)(DG)(DT)(DA)(DC)(DA)(DA)(DA)(DA)(DA)(DC)(DC)(DC)
(DT)(DG)(DC)(DA)(DG)
;
H
7 'polydeoxyribonucleotide' (DG)(DA)(DT)(DC)(DT)(DG)(DG)(DC)(DC)(DT)(DG)(DT)(DC)(DT)(DT)(DA) I,J
#
# COMPACT_ATOMS: atom_id res chain seq x y z
N GLY A 141 -8.68 80.94 -10.81
CA GLY A 141 -10.10 80.91 -10.56
C GLY A 141 -10.55 79.54 -10.11
N GLY A 142 -9.59 78.74 -9.70
CA GLY A 142 -9.87 77.38 -9.27
C GLY A 142 -9.20 76.32 -10.12
N ARG A 143 -9.96 75.26 -10.40
CA ARG A 143 -9.47 74.13 -11.19
C ARG A 143 -10.45 73.11 -11.72
N PRO A 144 -10.35 72.81 -13.02
CA PRO A 144 -11.19 71.72 -13.55
C PRO A 144 -10.74 70.41 -12.91
N ARG A 145 -11.69 69.54 -12.60
CA ARG A 145 -11.32 68.26 -12.03
C ARG A 145 -12.16 67.19 -12.70
N GLN A 146 -11.51 66.08 -13.07
CA GLN A 146 -12.22 64.96 -13.67
C GLN A 146 -13.03 64.18 -12.63
N HIS A 147 -13.87 63.28 -13.12
CA HIS A 147 -14.77 62.51 -12.29
C HIS A 147 -14.13 61.48 -11.32
N LEU A 148 -14.79 61.42 -10.19
CA LEU A 148 -14.51 60.67 -8.97
C LEU A 148 -14.15 59.20 -9.03
N LEU A 149 -14.80 58.44 -9.91
CA LEU A 149 -14.60 56.99 -9.94
C LEU A 149 -13.23 56.66 -10.52
N SER A 150 -12.57 57.64 -11.14
CA SER A 150 -11.22 57.42 -11.65
C SER A 150 -10.15 57.81 -10.64
N LEU A 151 -10.50 58.64 -9.67
CA LEU A 151 -9.55 59.05 -8.62
C LEU A 151 -9.39 57.90 -7.62
N THR A 152 -8.31 57.94 -6.85
CA THR A 152 -8.15 56.98 -5.75
C THR A 152 -9.14 57.24 -4.63
N ARG A 153 -9.41 56.22 -3.82
CA ARG A 153 -10.32 56.35 -2.68
C ARG A 153 -9.85 57.48 -1.75
N ARG A 154 -8.53 57.64 -1.65
CA ARG A 154 -7.90 58.72 -0.90
C ARG A 154 -8.33 60.11 -1.41
N ALA A 155 -8.18 60.33 -2.72
CA ALA A 155 -8.53 61.58 -3.42
C ALA A 155 -9.79 62.25 -2.86
N GLN A 156 -10.70 61.40 -2.42
CA GLN A 156 -11.94 61.78 -1.77
C GLN A 156 -11.88 62.73 -0.57
N LYS A 157 -10.97 62.56 0.40
CA LYS A 157 -10.95 63.41 1.63
C LYS A 157 -11.72 64.75 1.62
N HIS A 158 -11.64 65.45 0.50
CA HIS A 158 -12.33 66.71 0.22
C HIS A 158 -13.86 66.71 0.02
N ARG A 159 -14.37 65.69 -0.65
CA ARG A 159 -15.79 65.60 -0.97
C ARG A 159 -16.88 65.19 0.03
N LEU A 160 -16.66 64.21 0.90
CA LEU A 160 -17.72 63.85 1.87
C LEU A 160 -17.82 64.56 3.23
N ARG A 161 -16.87 65.43 3.57
CA ARG A 161 -16.83 66.13 4.87
C ARG A 161 -18.20 66.48 5.49
N ASP A 162 -19.05 67.04 4.65
CA ASP A 162 -20.34 67.53 5.10
C ASP A 162 -21.33 66.38 5.32
N LEU A 163 -21.25 65.36 4.48
CA LEU A 163 -22.05 64.18 4.68
C LEU A 163 -21.61 63.35 5.89
N LYS A 164 -20.31 63.24 6.13
CA LYS A 164 -19.84 62.54 7.33
C LYS A 164 -20.36 63.26 8.58
N ASN A 165 -20.34 64.59 8.51
CA ASN A 165 -20.82 65.40 9.65
C ASN A 165 -22.34 65.25 9.82
N GLN A 166 -23.09 65.37 8.73
CA GLN A 166 -24.54 65.24 8.78
C GLN A 166 -25.04 63.86 9.25
N VAL A 167 -24.38 62.78 8.82
CA VAL A 167 -24.80 61.45 9.28
C VAL A 167 -24.45 61.32 10.77
N LYS A 168 -23.25 61.80 11.16
CA LYS A 168 -22.89 61.78 12.58
C LYS A 168 -23.93 62.51 13.44
N THR A 169 -24.28 63.74 13.06
CA THR A 169 -25.26 64.53 13.81
C THR A 169 -26.61 63.81 13.87
N PHE A 170 -26.97 63.18 12.75
CA PHE A 170 -28.23 62.44 12.62
C PHE A 170 -28.34 61.24 13.54
N ALA A 171 -27.30 60.41 13.56
CA ALA A 171 -27.26 59.17 14.34
C ALA A 171 -27.64 59.26 15.82
N GLU A 172 -27.31 60.35 16.51
CA GLU A 172 -27.62 60.49 17.94
C GLU A 172 -29.14 60.56 18.23
N LYS A 173 -29.90 61.37 17.47
CA LYS A 173 -31.34 61.54 17.75
C LYS A 173 -32.26 60.33 17.45
N GLU A 174 -31.94 59.51 16.46
CA GLU A 174 -32.85 58.45 16.01
C GLU A 174 -32.31 57.04 16.22
N GLU A 175 -31.01 56.92 16.44
CA GLU A 175 -30.42 55.62 16.76
C GLU A 175 -29.43 55.65 17.93
N GLY A 176 -28.23 56.18 17.69
CA GLY A 176 -27.25 56.26 18.76
C GLY A 176 -25.91 55.65 18.38
N GLY A 177 -25.87 54.95 17.25
CA GLY A 177 -24.64 54.37 16.76
C GLY A 177 -24.89 53.30 15.72
N ASP A 178 -26.05 53.38 15.09
CA ASP A 178 -26.48 52.42 14.09
C ASP A 178 -26.04 52.90 12.71
N VAL A 179 -24.77 52.67 12.38
CA VAL A 179 -24.16 53.13 11.12
C VAL A 179 -24.69 52.57 9.79
N LYS A 180 -24.89 51.26 9.71
CA LYS A 180 -25.31 50.55 8.50
C LYS A 180 -26.60 50.98 7.73
N SER A 181 -27.70 50.95 8.45
CA SER A 181 -29.02 51.21 7.86
C SER A 181 -29.32 52.57 7.23
N VAL A 182 -28.85 53.65 7.85
CA VAL A 182 -29.14 54.99 7.31
C VAL A 182 -28.66 55.10 5.89
N CYS A 183 -27.45 54.59 5.63
CA CYS A 183 -26.88 54.58 4.29
C CYS A 183 -27.67 53.62 3.37
N LEU A 184 -28.00 52.43 3.90
CA LEU A 184 -28.67 51.41 3.10
C LEU A 184 -30.07 51.72 2.54
N THR A 185 -30.92 52.30 3.37
CA THR A 185 -32.28 52.57 2.90
C THR A 185 -32.38 53.74 1.91
N LEU A 186 -31.64 54.83 2.18
CA LEU A 186 -31.59 55.91 1.20
C LEU A 186 -31.08 55.40 -0.14
N PHE A 187 -29.96 54.69 -0.10
CA PHE A 187 -29.34 54.23 -1.35
C PHE A 187 -30.03 53.22 -2.28
N LEU A 188 -30.56 52.11 -1.75
CA LEU A 188 -31.22 51.16 -2.65
C LEU A 188 -32.35 51.75 -3.47
N LEU A 189 -33.21 52.39 -2.73
CA LEU A 189 -34.40 53.09 -3.19
C LEU A 189 -34.12 54.35 -4.03
N ALA A 190 -33.01 55.02 -3.73
CA ALA A 190 -32.56 56.18 -4.50
C ALA A 190 -32.17 55.72 -5.88
N LEU A 191 -31.56 54.54 -5.96
CA LEU A 191 -31.21 54.01 -7.25
C LEU A 191 -32.45 53.68 -8.08
N ARG A 192 -33.38 52.91 -7.49
CA ARG A 192 -34.59 52.49 -8.18
C ARG A 192 -35.52 53.73 -8.41
N ALA A 193 -35.09 54.94 -8.03
CA ALA A 193 -35.78 56.17 -8.43
C ALA A 193 -35.73 56.54 -9.92
N GLY A 194 -34.59 56.37 -10.57
CA GLY A 194 -34.46 56.69 -12.00
C GLY A 194 -34.14 55.29 -12.46
N ASN A 195 -35.16 54.49 -12.62
CA ASN A 195 -34.88 53.10 -12.57
C ASN A 195 -34.97 52.24 -13.80
N GLU A 196 -33.83 51.64 -14.10
CA GLU A 196 -33.86 50.27 -14.56
C GLU A 196 -33.54 49.41 -13.34
N HIS A 197 -34.28 48.32 -13.23
CA HIS A 197 -34.20 47.46 -12.06
C HIS A 197 -32.88 46.70 -11.81
N LYS A 198 -32.28 46.14 -12.85
CA LYS A 198 -31.03 45.35 -12.83
C LYS A 198 -30.23 45.27 -11.51
N GLN A 199 -29.98 46.45 -10.95
CA GLN A 199 -29.31 46.69 -9.67
C GLN A 199 -30.05 46.25 -8.41
N ALA A 200 -31.37 46.40 -8.40
CA ALA A 200 -32.17 46.08 -7.22
C ALA A 200 -31.95 44.63 -6.78
N ASP A 201 -31.75 43.72 -7.71
CA ASP A 201 -31.47 42.32 -7.34
C ASP A 201 -30.12 42.14 -6.61
N GLU A 202 -29.11 42.79 -7.16
CA GLU A 202 -27.77 42.69 -6.65
C GLU A 202 -27.61 43.37 -5.29
N LEU A 203 -28.22 44.54 -5.17
CA LEU A 203 -28.30 45.27 -3.91
C LEU A 203 -29.22 44.71 -2.83
N GLU A 204 -30.36 44.14 -3.20
CA GLU A 204 -31.26 43.61 -2.18
C GLU A 204 -30.64 42.32 -1.66
N ALA A 205 -29.82 41.65 -2.48
CA ALA A 205 -29.12 40.48 -1.98
C ALA A 205 -27.92 40.82 -1.10
N MET A 206 -27.20 41.86 -1.52
CA MET A 206 -25.98 42.42 -0.87
C MET A 206 -25.62 42.20 0.62
N MET A 207 -26.54 42.24 1.58
CA MET A 207 -26.07 42.07 2.96
C MET A 207 -26.51 40.82 3.72
N GLN A 208 -27.73 40.87 4.23
CA GLN A 208 -28.25 39.81 5.10
C GLN A 208 -28.81 38.51 4.50
N GLY A 209 -29.24 38.50 3.24
CA GLY A 209 -29.69 37.25 2.64
C GLY A 209 -29.47 36.96 1.16
N ARG A 210 -28.54 36.07 0.81
CA ARG A 210 -27.67 35.35 1.72
C ARG A 210 -26.33 35.35 1.01
N GLY A 211 -25.24 35.04 1.72
CA GLY A 211 -23.95 35.05 1.07
C GLY A 211 -23.51 36.44 0.65
N PHE A 212 -23.31 36.59 -0.65
CA PHE A 212 -22.88 37.85 -1.21
C PHE A 212 -21.50 38.25 -0.67
N GLY A 213 -20.42 37.50 -0.95
CA GLY A 213 -20.32 36.33 -1.84
C GLY A 213 -21.09 35.08 -1.49
N LEU A 214 -20.41 34.00 -1.20
CA LEU A 214 -21.09 32.77 -0.86
C LEU A 214 -20.99 32.56 0.68
N HIS A 215 -22.12 32.28 1.34
CA HIS A 215 -22.13 32.06 2.80
C HIS A 215 -21.06 31.03 3.19
N PRO A 216 -20.24 31.32 4.22
CA PRO A 216 -19.11 30.47 4.64
C PRO A 216 -19.44 29.00 4.89
N ALA A 217 -20.70 28.70 5.19
CA ALA A 217 -21.16 27.31 5.37
C ALA A 217 -21.18 26.58 4.04
N VAL A 218 -21.65 27.25 2.99
CA VAL A 218 -21.67 26.67 1.63
C VAL A 218 -20.24 26.44 1.14
N CYS A 219 -19.35 27.40 1.42
CA CYS A 219 -17.91 27.28 1.15
C CYS A 219 -17.29 26.08 1.83
N LEU A 220 -17.55 26.00 3.14
CA LEU A 220 -17.01 24.94 3.96
C LEU A 220 -17.44 23.58 3.42
N ALA A 221 -18.73 23.46 3.13
CA ALA A 221 -19.25 22.23 2.53
C ALA A 221 -18.57 21.93 1.19
N ILE A 222 -18.34 22.96 0.38
CA ILE A 222 -17.81 22.76 -0.95
C ILE A 222 -16.29 22.56 -0.89
N ARG A 223 -15.73 22.66 0.31
CA ARG A 223 -14.36 22.21 0.50
C ARG A 223 -14.36 20.79 1.04
N VAL A 224 -14.87 20.63 2.25
CA VAL A 224 -14.91 19.33 2.94
C VAL A 224 -15.44 18.20 2.06
N ASN A 225 -16.52 18.47 1.33
CA ASN A 225 -17.24 17.41 0.61
C ASN A 225 -16.78 17.11 -0.82
N THR A 226 -15.94 17.97 -1.40
CA THR A 226 -15.29 17.62 -2.67
C THR A 226 -13.82 17.17 -2.47
N PHE A 227 -13.41 17.05 -1.20
CA PHE A 227 -12.06 16.60 -0.80
C PHE A 227 -10.90 17.54 -1.18
N LEU A 228 -11.06 18.84 -0.96
CA LEU A 228 -9.98 19.78 -1.23
C LEU A 228 -9.04 19.94 -0.04
N SER A 229 -7.76 19.71 -0.28
CA SER A 229 -6.74 20.01 0.71
C SER A 229 -6.82 21.48 1.08
N CYS A 230 -6.56 21.81 2.34
CA CYS A 230 -6.64 23.19 2.82
C CYS A 230 -5.77 24.09 1.95
N SER A 231 -4.52 23.70 1.78
CA SER A 231 -3.60 24.44 0.93
C SER A 231 -4.10 24.47 -0.51
N GLN A 232 -4.74 23.38 -0.95
CA GLN A 232 -5.31 23.34 -2.28
C GLN A 232 -6.46 24.33 -2.42
N TYR A 233 -7.31 24.34 -1.42
CA TYR A 233 -8.43 25.26 -1.40
C TYR A 233 -7.97 26.69 -1.48
N HIS A 234 -7.05 27.05 -0.58
CA HIS A 234 -6.52 28.42 -0.51
C HIS A 234 -5.91 28.76 -1.86
N LYS A 235 -5.20 27.80 -2.45
CA LYS A 235 -4.61 27.96 -3.77
C LYS A 235 -5.68 28.49 -4.73
N MET A 236 -6.76 27.72 -4.83
CA MET A 236 -7.90 28.10 -5.66
C MET A 236 -8.44 29.50 -5.32
N TYR A 237 -8.63 29.74 -4.02
CA TYR A 237 -9.13 31.02 -3.53
C TYR A 237 -8.30 32.19 -4.05
N ARG A 238 -6.99 32.09 -3.91
CA ARG A 238 -6.06 33.08 -4.45
C ARG A 238 -6.32 33.27 -5.92
N THR A 239 -6.40 32.17 -6.65
CA THR A 239 -6.58 32.24 -8.09
C THR A 239 -7.86 32.96 -8.51
N VAL A 240 -8.99 32.52 -7.98
CA VAL A 240 -10.27 33.11 -8.33
C VAL A 240 -10.35 34.59 -7.88
N LYS A 241 -9.69 34.91 -6.77
CA LYS A 241 -9.68 36.29 -6.26
C LYS A 241 -8.91 37.23 -7.19
N ALA A 242 -7.67 36.87 -7.47
CA ALA A 242 -6.79 37.69 -8.30
C ALA A 242 -7.34 37.90 -9.70
N THR A 243 -7.72 36.80 -10.36
CA THR A 243 -8.24 36.89 -11.73
C THR A 243 -9.76 37.11 -11.70
N SER A 244 -10.16 38.27 -12.21
CA SER A 244 -11.55 38.68 -12.27
C SER A 244 -12.17 38.54 -10.91
N GLY A 245 -11.75 39.37 -9.96
CA GLY A 245 -12.38 39.30 -8.68
C GLY A 245 -12.32 40.62 -7.96
N ARG A 246 -13.31 40.94 -7.11
CA ARG A 246 -14.59 40.25 -6.93
C ARG A 246 -14.41 38.80 -6.45
N GLN A 247 -13.61 38.56 -5.41
CA GLN A 247 -13.44 37.20 -4.92
C GLN A 247 -14.79 36.63 -4.49
N ILE A 248 -14.96 35.33 -4.69
CA ILE A 248 -16.21 34.66 -4.36
C ILE A 248 -16.03 33.89 -3.07
N PHE A 249 -15.11 32.92 -3.11
CA PHE A 249 -14.83 32.08 -1.96
C PHE A 249 -14.38 32.87 -0.74
N GLN A 250 -14.71 32.35 0.44
CA GLN A 250 -14.31 32.96 1.69
C GLN A 250 -12.95 32.42 2.14
N PRO A 251 -12.11 33.27 2.73
CA PRO A 251 -10.73 32.91 3.15
C PRO A 251 -10.72 31.81 4.23
N LEU A 252 -9.56 31.21 4.49
CA LEU A 252 -9.52 30.06 5.38
C LEU A 252 -9.90 30.33 6.82
N HIS A 253 -9.34 31.39 7.39
CA HIS A 253 -9.57 31.67 8.80
C HIS A 253 -11.05 31.91 9.09
N THR A 254 -11.84 32.29 8.08
CA THR A 254 -13.29 32.48 8.28
C THR A 254 -14.05 31.18 8.04
N LEU A 255 -13.39 30.21 7.43
CA LEU A 255 -13.94 28.86 7.36
C LEU A 255 -13.76 28.23 8.71
N ARG A 256 -12.55 28.39 9.25
CA ARG A 256 -12.17 27.86 10.56
C ARG A 256 -13.08 28.43 11.65
N ASN A 257 -13.41 29.70 11.49
CA ASN A 257 -14.26 30.40 12.45
C ASN A 257 -15.72 29.98 12.29
N ALA A 258 -16.07 29.46 11.11
CA ALA A 258 -17.41 28.91 10.85
C ALA A 258 -17.46 27.44 11.21
N GLU A 259 -16.32 26.93 11.65
CA GLU A 259 -16.18 25.52 11.94
C GLU A 259 -16.69 25.11 13.30
N LYS A 260 -16.40 25.96 14.29
CA LYS A 260 -16.57 25.60 15.69
C LYS A 260 -17.98 25.13 16.01
N GLU A 261 -18.93 25.50 15.16
CA GLU A 261 -20.35 25.20 15.37
C GLU A 261 -20.68 23.73 15.09
N LEU A 262 -20.10 23.15 14.05
CA LEU A 262 -20.42 21.79 13.62
C LEU A 262 -19.78 20.73 14.53
N LEU A 263 -18.52 20.94 14.89
CA LEU A 263 -17.83 20.03 15.79
C LEU A 263 -18.46 19.94 17.17
N PRO A 264 -18.24 18.82 17.86
CA PRO A 264 -18.77 18.63 19.21
C PRO A 264 -18.03 19.50 20.24
N GLY A 265 -18.61 19.65 21.42
CA GLY A 265 -18.04 20.47 22.47
C GLY A 265 -18.49 21.90 22.28
N PHE A 266 -19.63 22.04 21.62
CA PHE A 266 -20.19 23.34 21.30
C PHE A 266 -21.59 23.49 21.86
N HIS A 267 -22.50 22.62 21.42
CA HIS A 267 -23.88 22.73 21.82
C HIS A 267 -24.12 22.24 23.24
N GLN A 268 -24.84 23.06 24.01
CA GLN A 268 -25.13 22.77 25.41
C GLN A 268 -26.13 21.64 25.53
N PHE A 269 -25.91 20.84 26.56
CA PHE A 269 -26.80 19.73 26.85
C PHE A 269 -26.74 19.37 28.31
N GLU A 270 -27.72 18.58 28.78
CA GLU A 270 -27.66 18.15 30.16
C GLU A 270 -28.34 16.78 30.26
N TRP A 271 -27.91 15.94 31.19
CA TRP A 271 -28.44 14.57 31.23
C TRP A 271 -29.26 14.24 32.45
N GLN A 272 -30.46 13.73 32.21
CA GLN A 272 -31.29 13.29 33.31
C GLN A 272 -31.56 11.80 33.28
N PRO A 273 -31.08 11.05 34.29
CA PRO A 273 -30.25 11.52 35.40
C PRO A 273 -28.81 11.82 35.01
N ALA A 274 -28.08 12.53 35.87
CA ALA A 274 -26.68 12.80 35.61
C ALA A 274 -25.94 11.49 35.41
N LEU A 275 -25.00 11.48 34.47
CA LEU A 275 -24.24 10.27 34.14
C LEU A 275 -23.35 9.81 35.28
N LYS A 276 -23.22 8.49 35.39
CA LYS A 276 -22.34 7.89 36.38
C LYS A 276 -20.88 8.02 35.97
N ASN A 277 -20.01 8.37 36.92
CA ASN A 277 -18.55 8.47 36.77
C ASN A 277 -18.07 9.16 35.48
N VAL A 278 -18.78 10.19 35.06
CA VAL A 278 -18.42 10.96 33.87
C VAL A 278 -18.44 12.45 34.24
N SER A 279 -17.48 13.22 33.71
CA SER A 279 -17.45 14.66 33.96
C SER A 279 -18.72 15.32 33.42
N THR A 280 -19.13 16.43 34.03
CA THR A 280 -20.33 17.15 33.60
C THR A 280 -20.01 18.29 32.65
N SER A 281 -18.73 18.47 32.36
CA SER A 281 -18.25 19.54 31.46
C SER A 281 -18.58 19.17 30.01
N TRP A 282 -19.35 20.02 29.34
CA TRP A 282 -19.83 19.73 27.98
C TRP A 282 -19.04 20.40 26.85
N ASP A 283 -17.98 21.15 27.17
CA ASP A 283 -17.28 21.91 26.13
C ASP A 283 -16.08 21.18 25.54
N VAL A 284 -15.81 19.96 26.01
CA VAL A 284 -14.60 19.24 25.62
C VAL A 284 -14.61 18.77 24.16
N GLY A 285 -13.58 19.18 23.42
CA GLY A 285 -13.41 18.86 22.02
C GLY A 285 -12.65 17.56 21.87
N ILE A 286 -11.82 17.46 20.83
CA ILE A 286 -11.01 16.27 20.61
C ILE A 286 -10.06 16.00 21.77
N ILE A 287 -10.17 14.81 22.34
CA ILE A 287 -9.41 14.42 23.52
C ILE A 287 -8.40 13.36 23.13
N ASP A 288 -7.16 13.51 23.60
CA ASP A 288 -6.20 12.44 23.44
C ASP A 288 -6.73 11.22 24.19
N GLY A 289 -6.87 10.12 23.47
CA GLY A 289 -7.60 8.98 23.98
C GLY A 289 -6.83 8.20 25.02
N LEU A 290 -5.52 8.48 25.12
CA LEU A 290 -4.65 7.87 26.14
C LEU A 290 -5.33 8.01 27.49
N SER A 291 -5.97 9.16 27.68
CA SER A 291 -6.87 9.34 28.80
C SER A 291 -6.17 9.18 30.13
N GLY A 292 -5.03 9.83 30.29
CA GLY A 292 -4.38 9.88 31.57
C GLY A 292 -3.36 8.79 31.88
N TRP A 293 -2.86 8.14 30.85
CA TRP A 293 -1.75 7.23 31.08
C TRP A 293 -0.55 7.99 31.61
N THR A 294 -0.04 7.53 32.75
CA THR A 294 0.97 8.27 33.50
C THR A 294 2.35 8.26 32.84
N VAL A 295 2.50 7.45 31.78
CA VAL A 295 3.70 7.41 30.92
C VAL A 295 4.98 7.21 31.74
N SER A 296 4.83 6.62 32.91
CA SER A 296 5.98 6.28 33.71
C SER A 296 6.68 5.09 33.07
N VAL A 297 8.00 5.20 32.92
CA VAL A 297 8.81 4.16 32.28
C VAL A 297 8.62 2.82 32.97
N ASP A 298 8.46 2.87 34.28
CA ASP A 298 8.34 1.69 35.12
C ASP A 298 7.10 0.86 34.79
N ASP A 299 6.07 1.53 34.28
CA ASP A 299 4.79 0.88 33.98
C ASP A 299 4.70 0.31 32.57
N VAL A 300 3.50 -0.12 32.21
CA VAL A 300 3.23 -0.52 30.85
C VAL A 300 3.46 0.69 29.95
N PRO A 301 4.12 0.47 28.81
CA PRO A 301 4.39 1.53 27.83
C PRO A 301 3.15 2.31 27.42
N ALA A 302 3.35 3.59 27.16
CA ALA A 302 2.28 4.46 26.73
C ALA A 302 2.17 4.48 25.21
N ASP A 303 2.86 3.55 24.54
CA ASP A 303 3.23 3.64 23.12
C ASP A 303 2.15 4.18 22.16
N THR A 304 0.93 3.65 22.28
CA THR A 304 -0.13 3.95 21.33
C THR A 304 -0.64 5.39 21.43
N ILE A 305 -0.75 6.04 20.28
CA ILE A 305 -1.35 7.36 20.15
C ILE A 305 -2.81 7.18 19.75
N SER A 306 -3.70 8.01 20.26
CA SER A 306 -5.09 7.94 19.90
C SER A 306 -5.77 9.29 20.07
N ARG A 307 -6.90 9.50 19.40
CA ARG A 307 -7.71 10.68 19.68
C ARG A 307 -9.16 10.26 19.67
N ARG A 308 -9.94 10.79 20.60
CA ARG A 308 -11.34 10.46 20.60
C ARG A 308 -12.14 11.62 21.11
N PHE A 309 -13.36 11.70 20.62
CA PHE A 309 -14.33 12.60 21.21
C PHE A 309 -14.78 11.99 22.53
N ARG A 310 -15.19 12.83 23.47
CA ARG A 310 -15.90 12.32 24.62
C ARG A 310 -17.26 11.86 24.13
N TYR A 311 -17.57 10.58 24.38
CA TYR A 311 -18.66 9.87 23.69
C TYR A 311 -19.98 10.62 23.67
N ASP A 312 -20.44 11.03 24.85
CA ASP A 312 -21.70 11.74 24.98
C ASP A 312 -21.77 13.04 24.15
N VAL A 313 -20.66 13.78 24.14
CA VAL A 313 -20.59 15.06 23.43
C VAL A 313 -20.72 14.85 21.92
N ALA A 314 -19.93 13.90 21.43
CA ALA A 314 -20.01 13.47 20.06
C ALA A 314 -21.46 13.10 19.70
N LEU A 315 -22.13 12.44 20.63
CA LEU A 315 -23.55 12.11 20.40
C LEU A 315 -24.44 13.32 20.24
N VAL A 316 -24.45 14.21 21.23
CA VAL A 316 -25.36 15.33 21.21
C VAL A 316 -25.10 16.26 20.01
N SER A 317 -23.84 16.31 19.57
CA SER A 317 -23.51 17.14 18.41
C SER A 317 -24.00 16.46 17.10
N ALA A 318 -23.68 15.17 16.92
CA ALA A 318 -24.10 14.39 15.73
C ALA A 318 -25.61 14.41 15.56
N LEU A 319 -26.27 14.32 16.68
CA LEU A 319 -27.71 14.24 16.74
C LEU A 319 -28.38 15.60 16.57
N LYS A 320 -27.88 16.63 17.25
CA LYS A 320 -28.40 18.00 17.05
C LYS A 320 -28.19 18.44 15.59
N ASP A 321 -27.20 17.85 14.92
CA ASP A 321 -26.98 18.05 13.50
C ASP A 321 -28.17 17.55 12.69
N LEU A 322 -28.94 16.65 13.29
CA LEU A 322 -30.11 16.08 12.65
C LEU A 322 -31.39 16.83 12.97
N GLU A 323 -31.26 17.94 13.71
CA GLU A 323 -32.40 18.78 14.09
C GLU A 323 -33.32 19.09 12.91
N GLU A 324 -32.71 19.38 11.77
CA GLU A 324 -33.42 19.69 10.55
C GLU A 324 -34.33 18.54 10.12
N ASP A 325 -33.73 17.38 9.94
CA ASP A 325 -34.43 16.21 9.43
C ASP A 325 -35.45 15.66 10.43
N ILE A 326 -35.16 15.82 11.73
CA ILE A 326 -36.10 15.34 12.75
C ILE A 326 -37.31 16.28 12.85
N MET A 327 -37.08 17.58 12.69
CA MET A 327 -38.21 18.51 12.71
C MET A 327 -39.06 18.37 11.43
N GLU A 328 -38.41 18.19 10.28
CA GLU A 328 -39.15 18.00 9.03
C GLU A 328 -39.92 16.69 9.03
N GLY A 329 -39.31 15.66 9.61
CA GLY A 329 -39.97 14.38 9.82
C GLY A 329 -41.17 14.52 10.72
N LEU A 330 -41.02 15.32 11.78
CA LEU A 330 -42.14 15.62 12.69
C LEU A 330 -43.29 16.35 11.98
N ARG A 331 -42.97 17.24 11.04
CA ARG A 331 -43.99 18.03 10.34
C ARG A 331 -44.66 17.20 9.25
N GLU A 332 -43.92 16.22 8.72
CA GLU A 332 -44.51 15.24 7.82
C GLU A 332 -45.57 14.45 8.59
N ARG A 333 -45.22 14.04 9.81
CA ARG A 333 -46.14 13.39 10.74
C ARG A 333 -47.36 14.27 11.05
N ALA A 334 -47.19 15.57 10.83
CA ALA A 334 -48.15 16.59 11.24
C ALA A 334 -48.39 16.50 12.75
N LEU A 335 -47.38 16.01 13.45
CA LEU A 335 -47.48 15.70 14.88
C LEU A 335 -47.48 16.95 15.75
N ASP A 336 -48.07 16.83 16.94
CA ASP A 336 -48.12 17.91 17.94
C ASP A 336 -46.72 18.42 18.26
N ASP A 337 -46.62 19.71 18.56
CA ASP A 337 -45.33 20.34 18.82
C ASP A 337 -45.05 20.47 20.30
N SER A 338 -45.72 21.42 20.95
CA SER A 338 -45.50 21.71 22.37
C SER A 338 -45.67 20.46 23.22
N MET A 339 -46.73 19.70 22.95
CA MET A 339 -46.98 18.45 23.67
C MET A 339 -46.10 17.34 23.10
N CYS A 340 -45.86 16.33 23.93
CA CYS A 340 -45.07 15.16 23.54
C CYS A 340 -43.64 15.47 23.05
N THR A 341 -42.92 16.33 23.76
CA THR A 341 -41.54 16.67 23.41
C THR A 341 -40.54 15.57 23.85
N SER A 342 -40.85 14.90 24.95
CA SER A 342 -39.87 14.06 25.67
C SER A 342 -39.88 12.53 25.46
N GLY A 343 -40.77 12.01 24.61
CA GLY A 343 -40.92 10.57 24.48
C GLY A 343 -40.04 9.86 23.47
N PHE A 344 -38.92 10.47 23.11
CA PHE A 344 -38.11 9.95 22.02
C PHE A 344 -37.31 8.70 22.35
N THR A 345 -36.93 8.01 21.28
CA THR A 345 -36.09 6.81 21.31
C THR A 345 -35.07 6.86 20.18
N VAL A 346 -33.79 6.72 20.50
CA VAL A 346 -32.72 6.83 19.50
C VAL A 346 -31.94 5.54 19.36
N VAL A 347 -31.88 5.01 18.14
CA VAL A 347 -31.17 3.75 17.90
C VAL A 347 -29.93 4.01 17.10
N VAL A 348 -28.81 3.74 17.76
CA VAL A 348 -27.46 3.99 17.28
C VAL A 348 -26.71 2.71 16.97
N LYS A 349 -26.31 2.55 15.70
CA LYS A 349 -25.45 1.46 15.30
C LYS A 349 -24.00 1.85 15.46
N GLU A 350 -23.27 1.13 16.29
CA GLU A 350 -21.86 1.41 16.43
C GLU A 350 -21.06 0.26 15.87
N SER A 351 -19.88 0.57 15.35
CA SER A 351 -19.05 -0.43 14.73
C SER A 351 -17.59 -0.13 14.93
N CYS A 352 -16.81 -1.17 15.11
CA CYS A 352 -15.38 -0.99 15.26
C CYS A 352 -14.68 -2.05 14.43
N ASP A 353 -13.69 -1.65 13.65
CA ASP A 353 -12.98 -2.61 12.82
C ASP A 353 -11.53 -2.23 12.66
N GLY A 354 -10.67 -3.24 12.50
CA GLY A 354 -9.25 -2.98 12.33
C GLY A 354 -8.75 -2.78 10.91
N MET A 355 -7.60 -2.13 10.81
CA MET A 355 -6.99 -1.86 9.51
C MET A 355 -5.48 -2.05 9.56
N GLY A 356 -4.96 -2.90 8.69
CA GLY A 356 -3.53 -3.19 8.68
C GLY A 356 -2.82 -2.40 7.60
N ASP A 357 -1.53 -2.66 7.45
CA ASP A 357 -0.66 -2.15 6.39
C ASP A 357 -0.65 -0.60 6.33
N VAL A 358 -0.69 0.04 7.51
CA VAL A 358 -0.59 1.50 7.60
C VAL A 358 0.80 1.91 8.06
N SER A 359 1.54 2.53 7.14
CA SER A 359 2.89 3.01 7.40
C SER A 359 2.86 4.09 8.46
N GLU A 360 4.01 4.37 9.05
CA GLU A 360 4.06 5.39 10.07
C GLU A 360 5.18 6.39 9.84
N LYS A 361 5.24 7.36 10.73
CA LYS A 361 6.02 8.55 10.51
C LYS A 361 7.24 8.54 11.43
N HIS A 362 8.36 9.07 10.95
CA HIS A 362 9.60 9.08 11.71
C HIS A 362 9.32 9.75 13.06
N GLY A 363 9.02 11.05 13.02
CA GLY A 363 8.41 11.73 14.17
C GLY A 363 9.23 11.80 15.44
N SER A 364 8.66 12.40 16.48
CA SER A 364 9.35 12.57 17.76
C SER A 364 9.06 11.46 18.76
N GLY A 365 8.28 10.48 18.33
CA GLY A 365 7.81 9.44 19.22
C GLY A 365 6.40 9.74 19.65
N PRO A 366 5.80 8.84 20.45
CA PRO A 366 6.39 7.58 20.91
C PRO A 366 6.36 6.46 19.84
N ALA A 367 7.19 5.42 19.96
CA ALA A 367 7.14 4.26 19.06
C ALA A 367 5.73 3.65 19.05
N VAL A 368 5.18 3.37 17.88
CA VAL A 368 3.84 2.78 17.81
C VAL A 368 3.71 1.79 16.65
N PRO A 369 2.90 0.71 16.82
CA PRO A 369 2.76 -0.28 15.73
C PRO A 369 2.08 0.30 14.48
N GLU A 370 2.16 -0.42 13.34
CA GLU A 370 1.64 0.03 12.03
C GLU A 370 0.12 0.14 11.90
N LYS A 371 -0.56 -0.90 12.38
CA LYS A 371 -1.98 -1.11 12.14
C LYS A 371 -2.83 -0.15 12.94
N ALA A 372 -3.93 0.31 12.35
CA ALA A 372 -4.79 1.33 12.98
C ALA A 372 -6.22 0.86 13.21
N VAL A 373 -6.82 1.26 14.33
CA VAL A 373 -8.19 0.84 14.60
C VAL A 373 -9.14 2.02 14.66
N ARG A 374 -10.17 1.93 13.84
CA ARG A 374 -11.13 3.00 13.71
C ARG A 374 -12.48 2.64 14.33
N PHE A 375 -12.81 3.30 15.44
CA PHE A 375 -14.06 3.08 16.15
C PHE A 375 -15.04 4.19 15.76
N SER A 376 -16.21 3.80 15.25
CA SER A 376 -17.18 4.74 14.71
C SER A 376 -18.63 4.34 14.97
N PHE A 377 -19.53 5.31 15.04
CA PHE A 377 -20.95 4.97 15.11
C PHE A 377 -21.76 5.72 14.04
N THR A 378 -23.06 5.41 13.97
CA THR A 378 -23.97 6.01 12.99
C THR A 378 -25.36 6.01 13.62
N ILE A 379 -26.15 7.04 13.39
CA ILE A 379 -27.49 7.03 13.94
C ILE A 379 -28.45 6.44 12.92
N MET A 380 -28.94 5.24 13.23
CA MET A 380 -29.83 4.51 12.34
C MET A 380 -31.22 5.10 12.36
N SER A 381 -31.81 5.26 13.56
CA SER A 381 -33.17 5.81 13.57
C SER A 381 -33.51 6.59 14.81
N ILE A 382 -34.54 7.42 14.69
CA ILE A 382 -35.04 8.18 15.81
C ILE A 382 -36.56 8.17 15.70
N SER A 383 -37.20 7.85 16.84
CA SER A 383 -38.63 7.52 16.90
C SER A 383 -39.28 8.17 18.13
N ILE A 384 -40.61 8.10 18.23
CA ILE A 384 -41.35 8.64 19.37
C ILE A 384 -42.34 7.63 19.94
N ARG A 385 -42.72 7.77 21.22
CA ARG A 385 -43.59 6.81 21.88
C ARG A 385 -44.86 7.49 22.47
N LEU A 386 -44.71 8.48 23.36
CA LEU A 386 -45.84 9.23 23.94
C LEU A 386 -46.86 9.73 22.90
N GLU A 387 -48.17 9.71 23.18
CA GLU A 387 -48.79 9.52 24.51
C GLU A 387 -48.67 8.13 25.15
N GLY A 388 -48.66 7.10 24.31
CA GLY A 388 -48.83 5.73 24.73
C GLY A 388 -49.48 4.96 23.60
N GLU A 389 -49.80 3.69 23.84
CA GLU A 389 -50.19 2.79 22.75
C GLU A 389 -49.11 2.93 21.67
N ASP A 390 -49.54 3.06 20.40
CA ASP A 390 -48.75 3.48 19.23
C ASP A 390 -47.30 2.97 19.25
N ASP A 391 -47.15 1.65 19.36
CA ASP A 391 -45.92 0.94 18.97
C ASP A 391 -44.70 1.68 19.51
N GLY A 392 -43.84 2.07 18.58
CA GLY A 392 -43.01 3.25 18.74
C GLY A 392 -43.20 3.84 17.36
N ILE A 393 -43.03 5.14 17.20
CA ILE A 393 -43.34 5.76 15.91
C ILE A 393 -42.08 6.35 15.31
N THR A 394 -41.63 5.75 14.20
CA THR A 394 -40.42 6.19 13.53
C THR A 394 -40.60 7.64 13.08
N ILE A 395 -39.51 8.38 13.06
CA ILE A 395 -39.49 9.72 12.50
C ILE A 395 -38.41 9.80 11.45
N PHE A 396 -37.17 9.61 11.87
CA PHE A 396 -36.10 9.59 10.89
C PHE A 396 -35.38 8.24 10.84
N GLN A 397 -35.10 7.80 9.64
CA GLN A 397 -34.39 6.55 9.41
C GLN A 397 -33.35 6.73 8.33
N GLU A 398 -32.12 6.34 8.61
CA GLU A 398 -31.03 6.49 7.65
C GLU A 398 -31.37 5.71 6.38
N GLN A 399 -31.37 6.39 5.23
CA GLN A 399 -31.83 5.78 3.99
C GLN A 399 -30.79 4.87 3.31
N LYS A 400 -29.51 5.21 3.48
CA LYS A 400 -28.42 4.44 2.90
C LYS A 400 -27.27 4.29 3.91
N PRO A 401 -27.47 3.43 4.91
CA PRO A 401 -26.56 3.28 6.07
C PRO A 401 -25.17 2.79 5.69
N ASN A 402 -25.06 2.18 4.51
CA ASN A 402 -23.79 1.64 4.02
C ASN A 402 -22.91 2.69 3.37
N SER A 403 -23.47 3.89 3.18
CA SER A 403 -22.74 4.98 2.57
C SER A 403 -21.63 5.50 3.48
N GLU A 404 -20.60 6.07 2.87
CA GLU A 404 -19.51 6.67 3.63
C GLU A 404 -20.03 7.92 4.27
N LEU A 405 -20.97 8.51 3.56
CA LEU A 405 -21.55 9.78 3.92
C LEU A 405 -22.09 9.79 5.35
N SER A 406 -22.73 8.70 5.76
CA SER A 406 -23.06 8.57 7.17
C SER A 406 -22.31 7.42 7.83
N CYS A 407 -21.21 7.79 8.49
CA CYS A 407 -20.58 7.01 9.54
C CYS A 407 -19.83 8.06 10.39
N ARG A 408 -19.92 7.97 11.72
CA ARG A 408 -19.32 8.99 12.57
C ARG A 408 -18.12 8.41 13.28
N PRO A 409 -16.91 8.79 12.87
CA PRO A 409 -15.71 8.28 13.54
C PRO A 409 -15.70 8.80 14.95
N LEU A 410 -15.21 8.03 15.91
CA LEU A 410 -15.17 8.48 17.30
C LEU A 410 -13.77 8.30 17.86
N CYS A 411 -13.32 7.06 17.94
CA CYS A 411 -11.96 6.80 18.45
C CYS A 411 -11.03 6.37 17.32
N LEU A 412 -9.90 7.05 17.18
CA LEU A 412 -8.93 6.67 16.17
C LEU A 412 -7.63 6.30 16.87
N MET A 413 -7.17 5.08 16.62
CA MET A 413 -5.97 4.61 17.31
C MET A 413 -4.98 4.03 16.33
N PHE A 414 -3.73 3.90 16.79
CA PHE A 414 -2.79 3.01 16.15
C PHE A 414 -2.59 1.82 17.08
N VAL A 415 -3.23 0.71 16.73
CA VAL A 415 -3.24 -0.50 17.54
C VAL A 415 -3.38 -1.71 16.59
N ASP A 416 -2.68 -2.81 16.88
CA ASP A 416 -2.88 -4.06 16.15
C ASP A 416 -4.10 -4.77 16.80
N GLU A 417 -5.05 -5.30 16.02
CA GLU A 417 -6.21 -6.00 16.60
C GLU A 417 -5.82 -7.14 17.55
N SER A 418 -4.64 -7.72 17.31
CA SER A 418 -4.17 -8.91 18.05
C SER A 418 -3.86 -8.66 19.53
N ASP A 419 -3.16 -7.57 19.84
CA ASP A 419 -2.87 -7.27 21.24
C ASP A 419 -4.13 -6.73 21.93
N HIS A 420 -4.52 -7.42 22.99
CA HIS A 420 -5.76 -7.12 23.65
C HIS A 420 -5.55 -5.98 24.62
N GLU A 421 -4.31 -5.87 25.06
CA GLU A 421 -3.90 -4.98 26.11
C GLU A 421 -4.27 -3.55 25.82
N THR A 422 -3.59 -3.00 24.84
CA THR A 422 -3.80 -1.62 24.51
C THR A 422 -5.18 -1.39 23.95
N LEU A 423 -5.74 -2.40 23.30
CA LEU A 423 -7.09 -2.28 22.78
C LEU A 423 -8.09 -1.99 23.92
N THR A 424 -8.07 -2.78 24.99
CA THR A 424 -8.97 -2.53 26.13
C THR A 424 -8.61 -1.30 26.95
N ALA A 425 -7.33 -0.93 26.92
CA ALA A 425 -6.89 0.28 27.60
C ALA A 425 -7.56 1.53 27.03
N ILE A 426 -7.47 1.69 25.71
CA ILE A 426 -8.02 2.88 25.04
C ILE A 426 -9.56 2.77 24.82
N LEU A 427 -10.10 1.56 24.61
CA LEU A 427 -11.55 1.40 24.41
C LEU A 427 -12.35 1.17 25.69
N GLY A 428 -11.64 1.15 26.81
CA GLY A 428 -12.27 1.00 28.12
C GLY A 428 -13.17 2.17 28.49
N PRO A 429 -12.61 3.39 28.50
CA PRO A 429 -13.41 4.59 28.76
C PRO A 429 -14.66 4.68 27.90
N VAL A 430 -14.57 4.38 26.61
CA VAL A 430 -15.72 4.40 25.70
C VAL A 430 -16.87 3.47 26.15
N VAL A 431 -16.50 2.25 26.52
CA VAL A 431 -17.47 1.29 27.03
C VAL A 431 -18.13 1.81 28.30
N ALA A 432 -17.32 2.31 29.24
CA ALA A 432 -17.88 2.90 30.47
C ALA A 432 -18.88 4.01 30.13
N GLU A 433 -18.56 4.83 29.12
CA GLU A 433 -19.52 5.80 28.56
C GLU A 433 -20.85 5.16 28.17
N ARG A 434 -20.80 4.16 27.29
CA ARG A 434 -22.02 3.49 26.84
C ARG A 434 -22.89 2.91 27.94
N LYS A 435 -22.25 2.08 28.75
CA LYS A 435 -22.94 1.37 29.80
C LYS A 435 -23.56 2.36 30.79
N ALA A 436 -22.85 3.44 31.11
CA ALA A 436 -23.38 4.45 32.04
C ALA A 436 -24.44 5.30 31.36
N MET A 437 -24.41 5.27 30.04
CA MET A 437 -25.29 6.08 29.24
C MET A 437 -26.67 5.45 29.09
N MET A 438 -26.72 4.13 29.02
CA MET A 438 -27.98 3.47 28.71
C MET A 438 -29.16 3.83 29.62
N GLU A 439 -28.92 3.94 30.93
CA GLU A 439 -29.98 4.25 31.89
C GLU A 439 -30.47 5.70 31.80
N SER A 440 -29.55 6.61 31.52
CA SER A 440 -29.88 8.03 31.51
C SER A 440 -30.61 8.40 30.22
N ARG A 441 -31.39 9.47 30.29
CA ARG A 441 -31.99 10.06 29.13
C ARG A 441 -31.33 11.41 28.90
N LEU A 442 -31.09 11.72 27.63
CA LEU A 442 -30.42 12.96 27.29
C LEU A 442 -31.42 14.11 27.14
N ILE A 443 -31.03 15.31 27.59
CA ILE A 443 -31.87 16.52 27.40
C ILE A 443 -31.14 17.54 26.54
N ILE A 444 -31.72 17.74 25.35
CA ILE A 444 -31.21 18.62 24.29
C ILE A 444 -32.17 19.72 23.93
N SER A 445 -31.69 20.96 23.87
CA SER A 445 -32.53 22.06 23.45
C SER A 445 -32.49 22.15 21.93
N VAL A 446 -33.64 21.85 21.30
CA VAL A 446 -33.73 21.68 19.85
C VAL A 446 -35.09 22.20 19.35
N GLY A 447 -35.08 22.90 18.21
CA GLY A 447 -36.28 23.53 17.70
C GLY A 447 -36.82 24.55 18.69
N GLY A 448 -35.94 25.05 19.56
CA GLY A 448 -36.32 26.00 20.59
C GLY A 448 -36.66 25.36 21.92
N LEU A 449 -36.96 24.06 21.88
CA LEU A 449 -37.44 23.36 23.06
C LEU A 449 -36.55 22.22 23.49
N LEU A 450 -36.22 22.19 24.78
CA LEU A 450 -35.51 21.06 25.35
C LEU A 450 -36.37 19.79 25.34
N ARG A 451 -35.75 18.67 24.98
CA ARG A 451 -36.45 17.41 24.75
C ARG A 451 -35.57 16.28 25.24
N SER A 452 -36.21 15.17 25.62
CA SER A 452 -35.50 14.03 26.22
C SER A 452 -35.48 12.78 25.31
N PHE A 453 -34.26 12.30 25.03
CA PHE A 453 -34.05 11.15 24.17
C PHE A 453 -33.54 9.96 24.96
N ARG A 454 -33.94 8.77 24.55
CA ARG A 454 -33.37 7.54 25.06
C ARG A 454 -32.52 6.92 23.97
N PHE A 455 -31.40 6.34 24.36
CA PHE A 455 -30.52 5.74 23.37
C PHE A 455 -30.52 4.22 23.48
N PHE A 456 -30.69 3.53 22.35
CA PHE A 456 -30.56 2.08 22.32
C PHE A 456 -29.40 1.71 21.41
N PHE A 457 -28.34 1.17 21.99
CA PHE A 457 -27.14 0.85 21.26
C PHE A 457 -27.09 -0.58 20.78
N ARG A 458 -26.89 -0.75 19.47
CA ARG A 458 -26.65 -2.07 18.91
C ARG A 458 -25.31 -2.02 18.20
N GLY A 459 -24.28 -2.64 18.74
CA GLY A 459 -23.09 -2.89 17.96
C GLY A 459 -23.36 -4.05 17.02
N THR A 460 -23.52 -3.78 15.73
CA THR A 460 -23.70 -4.83 14.74
C THR A 460 -22.60 -5.02 13.69
N GLY A 461 -21.59 -4.15 13.66
CA GLY A 461 -20.79 -4.03 12.44
C GLY A 461 -19.43 -4.68 12.43
N TYR A 462 -19.24 -5.65 13.32
CA TYR A 462 -17.91 -6.18 13.59
C TYR A 462 -17.63 -7.34 12.65
N ASP A 463 -16.37 -7.60 12.40
CA ASP A 463 -16.00 -8.86 11.77
C ASP A 463 -16.01 -9.89 12.92
N GLU A 464 -16.21 -11.19 12.64
CA GLU A 464 -16.28 -12.16 13.76
C GLU A 464 -15.01 -12.27 14.56
N LYS A 465 -13.85 -12.38 13.94
CA LYS A 465 -12.58 -12.43 14.67
C LYS A 465 -12.62 -11.46 15.87
N MET A 466 -13.06 -10.23 15.62
CA MET A 466 -13.09 -9.22 16.66
C MET A 466 -14.26 -9.40 17.61
N VAL A 467 -15.41 -9.83 17.09
CA VAL A 467 -16.49 -10.25 17.96
C VAL A 467 -16.03 -11.29 18.99
N ARG A 468 -15.32 -12.30 18.49
CA ARG A 468 -14.72 -13.37 19.26
C ARG A 468 -13.74 -12.85 20.29
N GLU A 469 -13.05 -11.77 19.95
CA GLU A 469 -12.09 -11.16 20.88
C GLU A 469 -12.83 -10.49 22.05
N MET A 470 -13.63 -9.46 21.75
CA MET A 470 -14.27 -8.64 22.78
C MET A 470 -15.14 -9.40 23.75
N GLU A 471 -15.73 -10.50 23.28
CA GLU A 471 -16.54 -11.34 24.17
C GLU A 471 -15.83 -12.55 24.75
N GLY A 472 -14.53 -12.68 24.50
CA GLY A 472 -13.76 -13.73 25.14
C GLY A 472 -13.79 -15.10 24.49
N LEU A 473 -14.59 -15.22 23.43
CA LEU A 473 -14.68 -16.47 22.70
C LEU A 473 -13.34 -16.85 22.12
N GLU A 474 -13.09 -18.14 22.06
CA GLU A 474 -11.89 -18.67 21.40
C GLU A 474 -12.08 -18.60 19.88
N ALA A 475 -10.99 -18.34 19.15
CA ALA A 475 -11.11 -17.88 17.78
C ALA A 475 -10.00 -18.40 16.85
N SER A 476 -10.26 -18.33 15.55
CA SER A 476 -11.62 -18.27 15.00
C SER A 476 -12.02 -19.61 14.36
N GLY A 477 -11.09 -20.57 14.33
CA GLY A 477 -11.30 -21.90 13.77
C GLY A 477 -11.68 -22.94 14.81
N SER A 478 -12.04 -22.45 15.99
CA SER A 478 -12.39 -23.25 17.15
C SER A 478 -13.57 -24.21 16.98
N THR A 479 -13.43 -25.39 17.57
CA THR A 479 -14.47 -26.41 17.53
C THR A 479 -15.89 -25.85 17.73
N TYR A 480 -16.04 -24.79 18.54
CA TYR A 480 -17.33 -24.13 18.72
C TYR A 480 -17.42 -22.97 17.77
N ILE A 481 -18.22 -23.16 16.73
CA ILE A 481 -18.22 -22.22 15.62
C ILE A 481 -19.08 -20.99 15.79
N CYS A 482 -20.26 -21.20 16.35
CA CYS A 482 -21.21 -20.12 16.35
C CYS A 482 -21.02 -19.21 17.53
N THR A 483 -21.00 -17.92 17.23
CA THR A 483 -21.01 -16.87 18.24
C THR A 483 -22.35 -16.86 18.95
N LEU A 484 -23.42 -17.13 18.20
CA LEU A 484 -24.77 -17.05 18.76
C LEU A 484 -25.26 -18.40 19.32
N CYS A 485 -24.60 -19.49 18.96
CA CYS A 485 -25.05 -20.83 19.36
C CYS A 485 -23.92 -21.64 20.01
N ASP A 486 -24.31 -22.70 20.70
CA ASP A 486 -23.39 -23.54 21.44
C ASP A 486 -22.89 -24.79 20.68
N SER A 487 -23.32 -24.98 19.43
CA SER A 487 -22.99 -26.19 18.67
C SER A 487 -21.53 -26.30 18.28
N THR A 488 -20.97 -27.50 18.41
CA THR A 488 -19.62 -27.80 17.93
C THR A 488 -19.64 -27.95 16.41
N ARG A 489 -18.48 -28.30 15.84
CA ARG A 489 -18.37 -28.52 14.40
C ARG A 489 -19.11 -29.74 13.94
N ALA A 490 -18.94 -30.80 14.71
CA ALA A 490 -19.60 -32.06 14.43
C ALA A 490 -21.13 -31.94 14.52
N GLU A 491 -21.64 -31.39 15.63
CA GLU A 491 -23.09 -31.27 15.84
C GLU A 491 -23.76 -30.28 14.88
N ALA A 492 -22.98 -29.35 14.36
CA ALA A 492 -23.47 -28.40 13.37
C ALA A 492 -23.37 -29.06 11.99
N SER A 493 -22.59 -30.14 11.89
CA SER A 493 -22.50 -30.88 10.64
C SER A 493 -23.67 -31.83 10.51
N GLN A 494 -23.99 -32.50 11.61
CA GLN A 494 -25.11 -33.42 11.64
C GLN A 494 -26.42 -32.69 11.27
N ASN A 495 -26.89 -31.83 12.16
CA ASN A 495 -28.11 -31.06 11.90
C ASN A 495 -27.75 -29.60 11.66
N MET A 496 -27.86 -29.19 10.39
CA MET A 496 -27.47 -27.84 9.98
C MET A 496 -28.52 -26.77 10.24
N VAL A 497 -29.76 -27.05 9.85
CA VAL A 497 -30.78 -26.02 9.72
C VAL A 497 -31.63 -25.75 10.97
N LEU A 498 -31.40 -26.50 12.05
CA LEU A 498 -32.17 -26.31 13.29
C LEU A 498 -31.28 -25.88 14.45
N HIS A 499 -31.41 -24.61 14.85
CA HIS A 499 -30.62 -24.11 15.96
C HIS A 499 -31.35 -22.97 16.66
N SER A 500 -31.00 -22.76 17.93
CA SER A 500 -31.58 -21.70 18.74
C SER A 500 -30.50 -20.81 19.33
N ILE A 501 -30.61 -19.52 19.08
CA ILE A 501 -29.64 -18.55 19.57
C ILE A 501 -29.64 -18.51 21.09
N THR A 502 -28.46 -18.70 21.69
CA THR A 502 -28.34 -18.65 23.14
C THR A 502 -27.42 -17.51 23.52
N ARG A 503 -26.19 -17.57 23.05
CA ARG A 503 -25.14 -16.67 23.48
C ARG A 503 -25.51 -15.17 23.46
N SER A 504 -25.32 -14.50 24.60
CA SER A 504 -25.50 -13.05 24.76
C SER A 504 -24.51 -12.61 25.83
N HIS A 505 -24.52 -11.33 26.17
CA HIS A 505 -23.50 -10.79 27.08
C HIS A 505 -23.55 -11.38 28.51
N ASP A 506 -24.68 -11.25 29.20
CA ASP A 506 -24.78 -11.63 30.61
C ASP A 506 -24.39 -13.08 30.88
N GLU A 507 -24.98 -13.99 30.11
CA GLU A 507 -24.68 -15.41 30.25
C GLU A 507 -23.21 -15.63 29.99
N ASN A 508 -22.63 -14.89 29.06
CA ASN A 508 -21.21 -15.03 28.75
C ASN A 508 -20.34 -14.63 29.96
N LEU A 509 -20.73 -13.56 30.65
CA LEU A 509 -20.07 -13.18 31.92
C LEU A 509 -20.16 -14.27 32.98
N GLU A 510 -21.38 -14.75 33.21
CA GLU A 510 -21.58 -15.86 34.14
C GLU A 510 -20.73 -17.08 33.72
N ARG A 511 -20.71 -17.36 32.42
CA ARG A 511 -19.90 -18.42 31.83
C ARG A 511 -18.45 -18.28 32.23
N TYR A 512 -17.91 -17.06 32.08
CA TYR A 512 -16.53 -16.85 32.49
C TYR A 512 -16.34 -17.12 33.98
N GLU A 513 -17.27 -16.64 34.81
CA GLU A 513 -17.12 -16.85 36.24
C GLU A 513 -17.08 -18.33 36.59
N ILE A 514 -17.84 -19.12 35.85
CA ILE A 514 -17.74 -20.57 35.98
C ILE A 514 -16.37 -21.06 35.54
N TRP A 515 -15.88 -20.56 34.40
CA TRP A 515 -14.57 -20.95 33.89
C TRP A 515 -13.44 -20.68 34.90
N ARG A 516 -13.58 -19.61 35.69
CA ARG A 516 -12.53 -19.23 36.63
C ARG A 516 -12.69 -19.90 37.98
N LYS A 517 -13.79 -19.58 38.67
CA LYS A 517 -14.08 -20.21 39.95
C LYS A 517 -14.02 -21.72 39.86
N ASN A 518 -14.67 -22.26 38.82
CA ASN A 518 -14.71 -23.70 38.54
C ASN A 518 -15.11 -24.47 39.79
N PRO A 519 -16.37 -24.32 40.23
CA PRO A 519 -16.78 -24.88 41.52
C PRO A 519 -16.87 -26.42 41.54
N PHE A 520 -16.96 -27.05 40.37
CA PHE A 520 -17.18 -28.48 40.32
C PHE A 520 -15.89 -29.30 40.16
N SER A 521 -14.75 -28.61 40.18
CA SER A 521 -13.41 -29.21 40.10
C SER A 521 -13.29 -30.16 38.91
N GLU A 522 -13.93 -29.77 37.81
CA GLU A 522 -13.98 -30.54 36.58
C GLU A 522 -12.71 -30.34 35.74
N SER A 523 -12.34 -31.35 34.98
CA SER A 523 -11.15 -31.30 34.16
C SER A 523 -11.27 -30.40 32.94
N ALA A 524 -10.13 -29.91 32.46
CA ALA A 524 -10.06 -28.91 31.40
C ALA A 524 -10.80 -29.30 30.11
N ASP A 525 -10.45 -30.47 29.56
CA ASP A 525 -11.01 -31.01 28.32
C ASP A 525 -12.54 -30.95 28.40
N GLU A 526 -13.09 -31.45 29.49
CA GLU A 526 -14.53 -31.49 29.70
C GLU A 526 -15.09 -30.14 30.19
N LEU A 527 -14.31 -29.41 31.01
CA LEU A 527 -14.73 -28.08 31.48
C LEU A 527 -15.06 -27.18 30.32
N ARG A 528 -14.16 -27.15 29.34
CA ARG A 528 -14.41 -26.42 28.12
C ARG A 528 -15.73 -26.77 27.49
N ASP A 529 -16.11 -28.04 27.55
CA ASP A 529 -17.43 -28.44 27.10
C ASP A 529 -18.51 -27.80 27.95
N ARG A 530 -18.33 -27.77 29.26
CA ARG A 530 -19.37 -27.21 30.12
C ARG A 530 -19.57 -25.70 29.97
N VAL A 531 -18.48 -24.96 29.84
CA VAL A 531 -18.60 -23.52 29.64
C VAL A 531 -18.86 -23.21 28.16
N LYS A 532 -18.65 -24.23 27.31
CA LYS A 532 -18.95 -24.18 25.88
C LYS A 532 -18.21 -23.10 25.10
N GLY A 533 -16.91 -22.94 25.35
CA GLY A 533 -16.10 -22.11 24.48
C GLY A 533 -15.68 -20.75 25.02
N VAL A 534 -16.17 -20.38 26.19
CA VAL A 534 -15.79 -19.10 26.78
C VAL A 534 -14.59 -19.26 27.68
N SER A 535 -13.44 -18.78 27.21
CA SER A 535 -12.21 -18.82 27.97
C SER A 535 -11.85 -17.48 28.58
N ALA A 536 -12.63 -16.44 28.29
CA ALA A 536 -12.23 -15.09 28.68
C ALA A 536 -13.39 -14.17 29.05
N LYS A 537 -13.07 -13.13 29.82
CA LYS A 537 -14.07 -12.20 30.28
C LYS A 537 -14.34 -11.19 29.18
N PRO A 538 -15.59 -11.18 28.68
CA PRO A 538 -16.04 -10.24 27.65
C PRO A 538 -16.05 -8.78 28.13
N PHE A 539 -15.45 -7.91 27.31
CA PHE A 539 -15.35 -6.49 27.64
C PHE A 539 -16.39 -5.59 27.00
N MET A 540 -17.24 -6.15 26.17
CA MET A 540 -18.25 -5.32 25.52
C MET A 540 -19.48 -6.14 25.17
N GLU A 541 -20.65 -5.50 25.13
CA GLU A 541 -21.83 -6.20 24.64
C GLU A 541 -22.10 -5.87 23.17
N THR A 542 -22.19 -6.91 22.36
CA THR A 542 -22.63 -6.81 20.97
C THR A 542 -23.93 -7.59 20.86
N GLN A 543 -24.97 -6.92 20.37
CA GLN A 543 -26.19 -7.61 19.98
C GLN A 543 -25.87 -8.92 19.25
N PRO A 544 -26.50 -10.03 19.68
CA PRO A 544 -26.36 -11.32 18.99
C PRO A 544 -26.88 -11.20 17.56
N THR A 545 -26.05 -10.69 16.65
CA THR A 545 -26.43 -10.53 15.25
C THR A 545 -25.28 -10.83 14.30
N LEU A 546 -25.64 -11.31 13.12
CA LEU A 546 -24.74 -11.66 12.04
C LEU A 546 -24.27 -10.44 11.27
N ASP A 547 -23.07 -10.53 10.68
CA ASP A 547 -22.59 -9.50 9.77
C ASP A 547 -22.87 -9.92 8.32
N ALA A 548 -23.39 -9.00 7.49
CA ALA A 548 -23.78 -9.30 6.11
C ALA A 548 -22.58 -9.50 5.22
N LEU A 549 -21.65 -8.57 5.31
CA LEU A 549 -20.53 -8.56 4.38
C LEU A 549 -19.71 -9.83 4.39
N HIS A 550 -19.14 -10.17 5.55
CA HIS A 550 -18.24 -11.30 5.64
C HIS A 550 -18.99 -12.61 5.50
N CYS A 551 -20.32 -12.54 5.60
CA CYS A 551 -21.15 -13.68 5.25
C CYS A 551 -21.10 -13.88 3.75
N ASP A 552 -21.32 -12.79 3.02
CA ASP A 552 -21.22 -12.85 1.57
C ASP A 552 -19.84 -13.33 1.11
N ILE A 553 -18.78 -12.75 1.65
CA ILE A 553 -17.41 -13.17 1.29
C ILE A 553 -17.11 -14.61 1.69
N GLY A 554 -17.57 -15.03 2.87
CA GLY A 554 -17.37 -16.39 3.33
C GLY A 554 -17.98 -17.41 2.40
N ASN A 555 -19.27 -17.25 2.09
CA ASN A 555 -19.92 -18.18 1.16
C ASN A 555 -19.42 -18.07 -0.28
N ALA A 556 -19.05 -16.86 -0.70
CA ALA A 556 -18.49 -16.67 -2.03
C ALA A 556 -17.21 -17.49 -2.16
N THR A 557 -16.27 -17.29 -1.23
CA THR A 557 -15.00 -18.02 -1.27
C THR A 557 -15.21 -19.53 -1.08
N GLU A 558 -16.29 -19.89 -0.39
CA GLU A 558 -16.63 -21.29 -0.25
C GLU A 558 -16.96 -21.89 -1.62
N PHE A 559 -17.90 -21.29 -2.35
CA PHE A 559 -18.31 -21.83 -3.65
C PHE A 559 -17.18 -21.75 -4.65
N TYR A 560 -16.27 -20.81 -4.42
CA TYR A 560 -15.05 -20.76 -5.20
C TYR A 560 -14.28 -22.05 -4.95
N LYS A 561 -14.18 -22.43 -3.68
CA LYS A 561 -13.49 -23.67 -3.31
C LYS A 561 -14.18 -24.92 -3.85
N ILE A 562 -15.49 -24.99 -3.72
CA ILE A 562 -16.25 -26.12 -4.24
C ILE A 562 -16.12 -26.25 -5.75
N PHE A 563 -16.22 -25.12 -6.47
CA PHE A 563 -16.02 -25.11 -7.93
C PHE A 563 -14.67 -25.72 -8.22
N GLN A 564 -13.67 -25.22 -7.50
CA GLN A 564 -12.25 -25.57 -7.74
C GLN A 564 -12.06 -27.09 -7.59
N ASP A 565 -12.52 -27.63 -6.46
CA ASP A 565 -12.43 -29.08 -6.21
C ASP A 565 -13.28 -29.87 -7.20
N GLU A 566 -14.33 -29.23 -7.72
CA GLU A 566 -15.28 -29.89 -8.60
C GLU A 566 -14.81 -30.00 -10.03
N ILE A 567 -13.94 -29.09 -10.44
CA ILE A 567 -13.36 -29.15 -11.79
C ILE A 567 -12.70 -30.51 -12.01
N GLY A 568 -11.61 -30.78 -11.30
CA GLY A 568 -11.07 -32.12 -11.30
C GLY A 568 -12.06 -32.97 -10.51
N GLU A 569 -11.94 -34.29 -10.59
CA GLU A 569 -12.87 -35.13 -9.85
C GLU A 569 -12.30 -35.46 -8.47
N VAL A 570 -12.88 -34.80 -7.46
CA VAL A 570 -12.45 -34.92 -6.07
C VAL A 570 -13.07 -36.13 -5.36
N TYR A 571 -14.36 -36.38 -5.59
CA TYR A 571 -15.07 -37.40 -4.83
C TYR A 571 -14.81 -38.82 -5.37
N GLN A 572 -14.38 -38.92 -6.63
CA GLN A 572 -13.85 -40.19 -7.16
C GLN A 572 -12.47 -40.51 -6.59
N LYS A 573 -11.50 -39.61 -6.75
CA LYS A 573 -10.21 -39.81 -6.08
C LYS A 573 -10.07 -38.74 -4.98
N PRO A 574 -10.20 -39.17 -3.71
CA PRO A 574 -10.33 -38.32 -2.51
C PRO A 574 -9.06 -37.58 -2.08
N ASN A 575 -7.91 -38.04 -2.56
CA ASN A 575 -6.63 -37.53 -2.07
C ASN A 575 -5.77 -36.88 -3.16
N PRO A 576 -6.10 -35.64 -3.53
CA PRO A 576 -5.37 -34.89 -4.56
C PRO A 576 -4.03 -34.35 -4.04
N SER A 577 -3.12 -34.03 -4.94
CA SER A 577 -1.83 -33.49 -4.52
C SER A 577 -1.86 -31.96 -4.57
N ARG A 578 -0.72 -31.35 -4.32
CA ARG A 578 -0.60 -29.91 -4.40
C ARG A 578 -0.71 -29.42 -5.84
N GLU A 579 -0.08 -30.20 -6.71
CA GLU A 579 -0.02 -29.91 -8.14
C GLU A 579 -1.35 -29.94 -8.89
N GLU A 580 -2.13 -31.01 -8.73
CA GLU A 580 -3.43 -31.03 -9.41
C GLU A 580 -4.34 -29.96 -8.84
N ARG A 581 -4.18 -29.61 -7.56
CA ARG A 581 -4.98 -28.54 -6.95
C ARG A 581 -4.64 -27.18 -7.53
N ARG A 582 -3.35 -26.86 -7.57
CA ARG A 582 -2.91 -25.60 -8.14
C ARG A 582 -3.34 -25.50 -9.61
N ARG A 583 -3.20 -26.62 -10.32
CA ARG A 583 -3.70 -26.72 -11.70
C ARG A 583 -5.20 -26.41 -11.82
N TRP A 584 -6.01 -27.05 -10.98
CA TRP A 584 -7.46 -26.81 -10.93
C TRP A 584 -7.76 -25.34 -10.74
N ARG A 585 -7.02 -24.72 -9.84
CA ARG A 585 -7.17 -23.28 -9.62
C ARG A 585 -6.86 -22.50 -10.89
N SER A 586 -5.77 -22.87 -11.58
CA SER A 586 -5.35 -22.18 -12.81
C SER A 586 -6.42 -22.23 -13.93
N THR A 587 -6.94 -23.42 -14.23
CA THR A 587 -7.99 -23.53 -15.25
C THR A 587 -9.25 -22.79 -14.81
N LEU A 588 -9.55 -22.85 -13.51
CA LEU A 588 -10.71 -22.14 -12.99
C LEU A 588 -10.60 -20.64 -13.27
N ASP A 589 -9.53 -20.02 -12.79
CA ASP A 589 -9.36 -18.57 -12.94
C ASP A 589 -9.22 -18.15 -14.40
N LYS A 590 -8.52 -18.96 -15.16
CA LYS A 590 -8.43 -18.70 -16.58
C LYS A 590 -9.83 -18.66 -17.19
N GLN A 591 -10.70 -19.59 -16.79
CA GLN A 591 -12.05 -19.60 -17.34
C GLN A 591 -12.88 -18.40 -16.89
N LEU A 592 -12.92 -18.16 -15.57
CA LEU A 592 -13.67 -17.02 -15.06
C LEU A 592 -13.26 -15.74 -15.75
N ARG A 593 -11.97 -15.54 -15.98
CA ARG A 593 -11.56 -14.37 -16.75
C ARG A 593 -12.05 -14.41 -18.20
N LYS A 594 -11.95 -15.58 -18.83
CA LYS A 594 -12.25 -15.75 -20.26
C LYS A 594 -13.70 -15.45 -20.60
N LYS A 595 -14.60 -15.75 -19.67
CA LYS A 595 -16.02 -15.50 -19.88
C LYS A 595 -16.60 -14.47 -18.91
N MET A 596 -16.59 -14.75 -17.62
CA MET A 596 -17.14 -13.81 -16.61
C MET A 596 -16.37 -12.48 -16.41
N LYS A 597 -15.23 -12.34 -17.09
CA LYS A 597 -14.42 -11.10 -17.08
C LYS A 597 -13.95 -10.77 -15.68
N LEU A 598 -13.46 -11.78 -14.98
CA LEU A 598 -13.03 -11.65 -13.58
C LEU A 598 -11.58 -12.13 -13.43
N LYS A 599 -10.68 -11.22 -13.08
CA LYS A 599 -9.27 -11.56 -12.87
C LYS A 599 -9.06 -12.53 -11.71
N PRO A 600 -7.94 -13.27 -11.70
CA PRO A 600 -7.69 -14.14 -10.54
C PRO A 600 -7.47 -13.28 -9.32
N VAL A 601 -7.73 -13.83 -8.14
CA VAL A 601 -7.65 -13.01 -6.95
C VAL A 601 -6.69 -13.44 -5.84
N MET A 602 -6.23 -12.39 -5.16
CA MET A 602 -5.36 -12.39 -4.00
C MET A 602 -6.10 -12.92 -2.75
N ARG A 603 -7.30 -12.42 -2.58
CA ARG A 603 -8.06 -12.35 -1.35
C ARG A 603 -9.44 -12.21 -1.91
N MET A 604 -10.43 -12.84 -1.31
CA MET A 604 -11.74 -12.63 -1.86
C MET A 604 -12.39 -11.34 -1.35
N ASN A 605 -12.50 -10.36 -2.23
CA ASN A 605 -13.19 -9.12 -1.91
C ASN A 605 -14.66 -9.29 -2.25
N GLY A 606 -15.52 -8.55 -1.55
CA GLY A 606 -16.96 -8.65 -1.70
C GLY A 606 -17.47 -8.34 -3.09
N ASN A 607 -16.75 -7.52 -3.85
CA ASN A 607 -17.20 -7.20 -5.20
C ASN A 607 -17.09 -8.41 -6.12
N TYR A 608 -15.89 -9.00 -6.15
CA TYR A 608 -15.65 -10.22 -6.91
C TYR A 608 -16.50 -11.36 -6.30
N ALA A 609 -16.93 -11.17 -5.06
CA ALA A 609 -17.86 -12.08 -4.40
C ALA A 609 -19.31 -11.90 -4.90
N ARG A 610 -19.67 -10.71 -5.37
CA ARG A 610 -20.98 -10.46 -6.00
C ARG A 610 -20.99 -10.91 -7.45
N ARG A 611 -19.86 -10.78 -8.14
CA ARG A 611 -19.86 -11.25 -9.52
C ARG A 611 -19.61 -12.75 -9.61
N LEU A 612 -19.14 -13.35 -8.51
CA LEU A 612 -18.91 -14.81 -8.47
C LEU A 612 -20.19 -15.62 -8.36
N MET A 613 -21.06 -15.24 -7.45
CA MET A 613 -22.31 -15.96 -7.32
C MET A 613 -23.41 -15.21 -8.05
N THR A 614 -23.73 -15.75 -9.22
CA THR A 614 -24.81 -15.35 -10.09
C THR A 614 -25.00 -16.61 -10.85
N ARG A 615 -26.14 -16.79 -11.50
CA ARG A 615 -26.34 -18.02 -12.24
C ARG A 615 -25.34 -18.10 -13.40
N GLU A 616 -25.10 -16.97 -14.07
CA GLU A 616 -24.18 -16.91 -15.22
C GLU A 616 -22.79 -17.44 -14.91
N ALA A 617 -22.23 -16.99 -13.79
CA ALA A 617 -20.88 -17.41 -13.41
C ALA A 617 -20.82 -18.93 -13.25
N VAL A 618 -21.84 -19.47 -12.58
CA VAL A 618 -21.96 -20.91 -12.39
C VAL A 618 -22.14 -21.68 -13.71
N GLU A 619 -22.98 -21.17 -14.62
CA GLU A 619 -23.17 -21.79 -15.93
C GLU A 619 -21.92 -21.66 -16.81
N ALA A 620 -21.05 -20.72 -16.46
CA ALA A 620 -19.77 -20.58 -17.14
C ALA A 620 -18.80 -21.63 -16.56
N VAL A 621 -18.92 -21.96 -15.27
CA VAL A 621 -18.08 -23.01 -14.65
C VAL A 621 -18.76 -24.37 -14.74
N CYS A 622 -19.96 -24.38 -15.33
CA CYS A 622 -20.71 -25.61 -15.58
C CYS A 622 -20.09 -26.36 -16.78
N GLU A 623 -19.51 -25.61 -17.70
CA GLU A 623 -18.90 -26.17 -18.90
C GLU A 623 -17.66 -27.02 -18.55
N LEU A 624 -17.03 -26.67 -17.42
CA LEU A 624 -15.80 -27.32 -16.97
C LEU A 624 -15.97 -28.74 -16.46
N VAL A 625 -16.88 -28.94 -15.52
CA VAL A 625 -17.04 -30.24 -14.91
C VAL A 625 -17.80 -31.17 -15.84
N PRO A 626 -17.13 -32.26 -16.27
CA PRO A 626 -17.68 -33.22 -17.24
C PRO A 626 -18.99 -33.89 -16.80
N SER A 627 -19.11 -34.29 -15.53
CA SER A 627 -20.30 -35.00 -15.04
C SER A 627 -21.54 -34.12 -15.15
N GLU A 628 -22.56 -34.65 -15.82
CA GLU A 628 -23.76 -33.87 -16.12
C GLU A 628 -24.75 -33.91 -14.97
N GLU A 629 -24.49 -34.78 -13.99
CA GLU A 629 -25.30 -34.81 -12.79
C GLU A 629 -24.87 -33.67 -11.88
N ARG A 630 -23.56 -33.47 -11.82
CA ARG A 630 -22.99 -32.48 -10.93
C ARG A 630 -23.41 -31.08 -11.39
N ARG A 631 -23.46 -30.87 -12.72
CA ARG A 631 -23.91 -29.58 -13.24
C ARG A 631 -25.24 -29.20 -12.64
N GLU A 632 -26.18 -30.14 -12.71
CA GLU A 632 -27.49 -30.01 -12.11
C GLU A 632 -27.36 -29.66 -10.63
N ALA A 633 -26.43 -30.32 -9.94
CA ALA A 633 -26.36 -30.20 -8.48
C ALA A 633 -25.90 -28.80 -8.06
N LEU A 634 -24.68 -28.44 -8.44
CA LEU A 634 -24.13 -27.14 -8.06
C LEU A 634 -24.94 -25.99 -8.66
N LEU A 635 -25.55 -26.23 -9.82
CA LEU A 635 -26.35 -25.18 -10.43
C LEU A 635 -27.59 -24.93 -9.58
N LYS A 636 -28.29 -26.01 -9.25
CA LYS A 636 -29.47 -25.87 -8.42
C LYS A 636 -29.13 -25.28 -7.04
N LEU A 637 -27.96 -25.67 -6.53
CA LEU A 637 -27.39 -25.14 -5.29
C LEU A 637 -27.30 -23.60 -5.35
N MET A 638 -26.66 -23.10 -6.42
CA MET A 638 -26.48 -21.66 -6.60
C MET A 638 -27.80 -20.93 -6.70
N ASP A 639 -28.76 -21.52 -7.40
CA ASP A 639 -30.06 -20.87 -7.50
C ASP A 639 -30.70 -20.78 -6.10
N LEU A 640 -30.55 -21.84 -5.31
CA LEU A 640 -31.03 -21.80 -3.92
C LEU A 640 -30.38 -20.63 -3.18
N TYR A 641 -29.09 -20.46 -3.41
CA TYR A 641 -28.36 -19.42 -2.70
C TYR A 641 -28.82 -18.02 -3.12
N LEU A 642 -29.03 -17.83 -4.43
CA LEU A 642 -29.55 -16.57 -4.96
C LEU A 642 -30.90 -16.26 -4.37
N GLN A 643 -31.67 -17.31 -4.07
CA GLN A 643 -33.00 -17.13 -3.47
C GLN A 643 -32.91 -16.72 -1.99
N MET A 644 -31.90 -17.21 -1.27
CA MET A 644 -31.79 -16.84 0.14
C MET A 644 -30.89 -15.63 0.43
N LYS A 645 -30.13 -15.18 -0.57
CA LYS A 645 -29.23 -14.04 -0.40
C LYS A 645 -29.89 -12.67 -0.14
N PRO A 646 -30.96 -12.34 -0.89
CA PRO A 646 -31.57 -11.03 -0.64
C PRO A 646 -32.27 -10.93 0.72
N VAL A 647 -32.53 -12.07 1.33
CA VAL A 647 -33.17 -12.13 2.65
C VAL A 647 -32.37 -11.32 3.69
N TRP A 648 -31.10 -11.68 3.89
CA TRP A 648 -30.22 -10.97 4.83
C TRP A 648 -29.62 -9.72 4.18
N ARG A 649 -29.34 -9.76 2.88
CA ARG A 649 -28.56 -8.64 2.35
C ARG A 649 -29.38 -7.40 2.07
N SER A 650 -30.66 -7.58 1.84
CA SER A 650 -31.52 -6.43 1.62
C SER A 650 -31.67 -5.68 2.94
N THR A 651 -31.93 -4.38 2.85
CA THR A 651 -32.06 -3.54 4.03
C THR A 651 -33.21 -4.03 4.93
N CYS A 652 -34.44 -4.06 4.40
CA CYS A 652 -35.64 -4.54 5.14
C CYS A 652 -36.44 -5.53 4.30
N PRO A 653 -36.13 -6.84 4.42
CA PRO A 653 -36.74 -7.95 3.67
C PRO A 653 -38.24 -8.02 3.85
N SER A 654 -38.75 -7.46 4.95
CA SER A 654 -40.18 -7.46 5.20
C SER A 654 -40.96 -6.76 4.07
N ARG A 655 -40.31 -5.83 3.38
CA ARG A 655 -40.96 -5.11 2.28
C ARG A 655 -40.46 -5.55 0.90
N ASP A 656 -39.17 -5.34 0.66
CA ASP A 656 -38.57 -5.51 -0.66
C ASP A 656 -38.48 -6.96 -1.18
N CYS A 657 -38.35 -7.92 -0.27
CA CYS A 657 -38.31 -9.33 -0.65
C CYS A 657 -39.02 -10.27 0.36
N PRO A 658 -40.35 -10.14 0.47
CA PRO A 658 -41.14 -10.91 1.45
C PRO A 658 -41.23 -12.43 1.16
N ASP A 659 -41.42 -12.80 -0.10
CA ASP A 659 -41.67 -14.20 -0.50
C ASP A 659 -40.43 -15.08 -0.35
N GLN A 660 -39.26 -14.49 -0.53
CA GLN A 660 -38.00 -15.19 -0.27
C GLN A 660 -37.85 -15.40 1.24
N LEU A 661 -38.23 -14.37 2.00
CA LEU A 661 -38.18 -14.40 3.46
C LEU A 661 -39.05 -15.48 4.08
N CYS A 662 -40.31 -15.55 3.65
CA CYS A 662 -41.22 -16.53 4.21
C CYS A 662 -40.75 -17.96 3.86
N GLN A 663 -39.99 -18.09 2.77
CA GLN A 663 -39.52 -19.42 2.32
C GLN A 663 -38.13 -19.82 2.77
N TYR A 664 -37.51 -18.95 3.56
CA TYR A 664 -36.10 -19.09 3.93
C TYR A 664 -35.74 -20.43 4.59
N SER A 665 -36.49 -20.80 5.63
CA SER A 665 -36.22 -22.02 6.39
C SER A 665 -36.25 -23.24 5.47
N TYR A 666 -37.36 -23.41 4.78
CA TYR A 666 -37.55 -24.49 3.82
C TYR A 666 -36.47 -24.52 2.73
N ASN A 667 -36.14 -23.34 2.22
CA ASN A 667 -35.12 -23.18 1.17
C ASN A 667 -33.74 -23.64 1.67
N SER A 668 -33.36 -23.16 2.85
CA SER A 668 -32.15 -23.57 3.53
C SER A 668 -32.17 -25.07 3.81
N GLN A 669 -33.37 -25.61 3.98
CA GLN A 669 -33.51 -27.04 4.25
C GLN A 669 -33.10 -27.81 3.00
N GLN A 670 -33.55 -27.35 1.82
CA GLN A 670 -33.23 -28.08 0.59
C GLN A 670 -31.74 -27.97 0.36
N PHE A 671 -31.21 -26.81 0.74
CA PHE A 671 -29.81 -26.52 0.58
C PHE A 671 -28.96 -27.50 1.41
N ALA A 672 -29.23 -27.54 2.72
CA ALA A 672 -28.48 -28.39 3.65
C ALA A 672 -28.60 -29.85 3.25
N ASP A 673 -29.81 -30.28 2.90
CA ASP A 673 -30.01 -31.66 2.44
C ASP A 673 -29.19 -31.98 1.18
N LEU A 674 -29.00 -30.98 0.33
CA LEU A 674 -28.23 -31.14 -0.89
C LEU A 674 -26.74 -31.26 -0.62
N LEU A 675 -26.28 -30.51 0.38
CA LEU A 675 -24.87 -30.59 0.76
C LEU A 675 -24.56 -31.94 1.41
N SER A 676 -25.31 -32.26 2.46
CA SER A 676 -25.04 -33.46 3.25
C SER A 676 -25.28 -34.71 2.39
N SER A 677 -26.08 -34.57 1.32
CA SER A 677 -26.31 -35.71 0.42
C SER A 677 -25.17 -35.83 -0.60
N MET A 678 -25.10 -34.85 -1.50
CA MET A 678 -24.18 -34.94 -2.64
C MET A 678 -22.72 -34.53 -2.38
N PHE A 679 -22.55 -33.46 -1.62
CA PHE A 679 -21.23 -32.88 -1.37
C PHE A 679 -20.58 -33.35 -0.09
N LYS A 680 -21.20 -34.32 0.58
CA LYS A 680 -20.89 -34.68 1.97
C LYS A 680 -19.40 -34.85 2.25
N TYR A 681 -18.66 -35.34 1.27
CA TYR A 681 -17.23 -35.65 1.42
C TYR A 681 -16.45 -34.47 1.99
N ARG A 682 -16.88 -33.27 1.61
CA ARG A 682 -16.28 -32.03 2.07
C ARG A 682 -16.98 -31.38 3.29
N TYR A 683 -18.14 -31.90 3.69
CA TYR A 683 -18.85 -31.34 4.84
C TYR A 683 -19.12 -32.29 5.99
N ASP A 684 -18.57 -33.49 5.90
CA ASP A 684 -18.76 -34.51 6.94
C ASP A 684 -18.47 -34.02 8.36
N GLY A 685 -17.22 -33.67 8.64
CA GLY A 685 -16.87 -33.21 9.98
C GLY A 685 -16.49 -31.74 10.07
N LYS A 686 -16.64 -31.01 8.97
CA LYS A 686 -16.21 -29.61 8.93
C LYS A 686 -17.13 -28.71 8.13
N ILE A 687 -17.47 -27.56 8.69
CA ILE A 687 -18.29 -26.58 8.00
C ILE A 687 -17.77 -25.19 8.31
N THR A 688 -17.83 -24.28 7.35
CA THR A 688 -17.41 -22.90 7.58
C THR A 688 -18.37 -22.25 8.59
N ASN A 689 -17.83 -21.34 9.41
CA ASN A 689 -18.58 -20.70 10.47
C ASN A 689 -19.79 -20.05 9.82
N TYR A 690 -19.56 -19.40 8.68
CA TYR A 690 -20.66 -18.78 7.97
C TYR A 690 -21.73 -19.61 7.32
N LEU A 691 -21.39 -20.74 6.74
CA LEU A 691 -22.41 -21.52 6.07
C LEU A 691 -23.39 -21.94 7.15
N HIS A 692 -22.83 -22.31 8.30
CA HIS A 692 -23.64 -22.62 9.46
C HIS A 692 -24.50 -21.41 9.90
N LYS A 693 -23.85 -20.28 10.19
CA LYS A 693 -24.56 -19.11 10.70
C LYS A 693 -25.68 -18.68 9.75
N THR A 694 -25.43 -18.75 8.45
CA THR A 694 -26.37 -18.30 7.42
C THR A 694 -27.45 -19.35 7.12
N LEU A 695 -27.17 -20.59 7.45
CA LEU A 695 -28.17 -21.65 7.29
C LEU A 695 -28.93 -21.92 8.57
N ALA A 696 -28.63 -21.20 9.64
CA ALA A 696 -29.27 -21.53 10.90
C ALA A 696 -30.07 -20.37 11.49
N HIS A 697 -29.34 -19.38 12.00
CA HIS A 697 -29.96 -18.30 12.78
C HIS A 697 -30.54 -17.09 12.05
N VAL A 698 -30.45 -17.04 10.73
CA VAL A 698 -30.96 -15.86 10.02
C VAL A 698 -32.47 -15.63 10.21
N PRO A 699 -33.31 -16.68 10.06
CA PRO A 699 -34.74 -16.44 10.25
C PRO A 699 -35.03 -15.80 11.62
N GLU A 700 -34.36 -16.31 12.65
CA GLU A 700 -34.45 -15.79 14.03
C GLU A 700 -34.01 -14.33 14.14
N ILE A 701 -32.92 -13.99 13.46
CA ILE A 701 -32.42 -12.63 13.47
C ILE A 701 -33.40 -11.67 12.86
N VAL A 702 -33.80 -11.95 11.62
CA VAL A 702 -34.73 -11.04 10.95
C VAL A 702 -36.12 -11.05 11.58
N GLU A 703 -36.43 -12.08 12.36
CA GLU A 703 -37.64 -12.03 13.16
C GLU A 703 -37.41 -11.05 14.32
N ARG A 704 -36.21 -11.11 14.89
CA ARG A 704 -35.82 -10.27 16.03
C ARG A 704 -35.65 -8.81 15.63
N ASP A 705 -34.85 -8.56 14.59
CA ASP A 705 -34.61 -7.21 14.10
C ASP A 705 -35.55 -6.79 12.96
N GLY A 706 -35.52 -7.55 11.86
CA GLY A 706 -36.28 -7.25 10.66
C GLY A 706 -35.36 -6.77 9.55
N SER A 707 -34.07 -6.70 9.89
CA SER A 707 -33.05 -6.20 8.99
C SER A 707 -31.66 -6.79 9.33
N ILE A 708 -30.84 -7.01 8.30
CA ILE A 708 -29.48 -7.49 8.51
C ILE A 708 -28.52 -6.59 7.73
N GLY A 709 -28.68 -6.55 6.41
CA GLY A 709 -27.81 -5.74 5.55
C GLY A 709 -27.72 -4.27 5.90
N ALA A 710 -28.77 -3.74 6.52
CA ALA A 710 -28.73 -2.38 7.00
C ALA A 710 -27.74 -2.26 8.18
N TRP A 711 -27.57 -3.35 8.94
CA TRP A 711 -26.69 -3.40 10.13
C TRP A 711 -25.30 -3.92 9.76
N ALA A 712 -25.07 -4.07 8.48
CA ALA A 712 -23.85 -4.64 7.94
C ALA A 712 -22.65 -3.76 8.30
N SER A 713 -21.49 -4.35 8.20
CA SER A 713 -20.24 -3.73 8.59
C SER A 713 -19.84 -2.60 7.63
N GLU A 714 -20.48 -2.52 6.48
CA GLU A 714 -20.07 -1.62 5.38
C GLU A 714 -19.73 -0.21 5.82
N GLY A 715 -20.68 0.44 6.50
CA GLY A 715 -20.56 1.82 6.97
C GLY A 715 -19.27 2.14 7.68
N ASN A 716 -18.84 1.17 8.49
CA ASN A 716 -17.54 1.22 9.14
C ASN A 716 -16.50 1.00 8.10
N GLU A 717 -16.50 -0.24 7.70
CA GLU A 717 -15.49 -0.77 6.82
C GLU A 717 -15.07 -0.05 5.57
N SER A 718 -16.10 0.37 4.83
CA SER A 718 -15.95 1.12 3.60
C SER A 718 -15.20 2.37 4.05
N GLY A 719 -15.77 3.04 5.03
CA GLY A 719 -15.20 4.25 5.59
C GLY A 719 -13.70 4.28 5.64
N ASN A 720 -13.07 3.12 5.87
CA ASN A 720 -11.60 3.04 5.93
C ASN A 720 -10.93 3.70 4.74
N LYS A 721 -11.55 3.57 3.58
CA LYS A 721 -11.05 4.18 2.37
C LYS A 721 -10.78 5.66 2.65
N LEU A 722 -11.80 6.37 3.15
CA LEU A 722 -11.69 7.80 3.47
C LEU A 722 -10.54 8.07 4.41
N PHE A 723 -10.43 7.22 5.44
CA PHE A 723 -9.37 7.36 6.42
C PHE A 723 -8.03 7.47 5.70
N ARG A 724 -7.83 6.60 4.71
CA ARG A 724 -6.56 6.61 3.98
C ARG A 724 -6.34 7.95 3.27
N ARG A 725 -7.34 8.44 2.54
CA ARG A 725 -7.18 9.71 1.86
C ARG A 725 -7.16 10.88 2.83
N PHE A 726 -7.51 10.60 4.08
CA PHE A 726 -7.42 11.62 5.10
C PHE A 726 -6.09 11.55 5.86
N ARG A 727 -5.35 10.45 5.65
CA ARG A 727 -4.06 10.30 6.29
C ARG A 727 -2.99 10.82 5.33
N LYS A 728 -3.40 11.11 4.10
CA LYS A 728 -2.46 11.58 3.08
C LYS A 728 -2.63 13.07 2.75
N MET A 729 -3.79 13.46 2.21
CA MET A 729 -3.99 14.82 1.75
C MET A 729 -4.32 15.86 2.85
N ASN A 730 -5.19 15.48 3.81
CA ASN A 730 -5.62 16.38 4.89
C ASN A 730 -4.92 16.19 6.27
N ALA A 731 -3.96 15.28 6.32
CA ALA A 731 -3.13 15.07 7.51
C ALA A 731 -2.23 16.27 7.76
N ARG A 732 -1.72 16.38 8.99
CA ARG A 732 -0.92 17.53 9.43
C ARG A 732 0.46 17.86 8.77
N GLN A 733 1.41 16.93 8.62
CA GLN A 733 1.39 15.54 9.14
C GLN A 733 2.64 15.21 9.98
N SER A 734 2.44 15.02 11.28
CA SER A 734 3.46 14.52 12.20
C SER A 734 2.72 13.68 13.22
N LYS A 735 3.40 12.74 13.88
CA LYS A 735 2.70 11.75 14.71
C LYS A 735 1.84 12.36 15.81
N THR A 736 2.29 13.47 16.38
CA THR A 736 1.58 14.11 17.49
C THR A 736 0.20 14.66 17.08
N PHE A 737 0.17 15.52 16.06
CA PHE A 737 -1.05 16.22 15.65
C PHE A 737 -2.02 15.48 14.75
N GLU A 738 -1.50 14.67 13.84
CA GLU A 738 -2.31 14.30 12.69
C GLU A 738 -3.61 13.53 12.98
N LEU A 739 -3.64 12.69 14.01
CA LEU A 739 -4.87 11.95 14.32
C LEU A 739 -6.01 12.88 14.65
N GLU A 740 -5.67 13.93 15.38
CA GLU A 740 -6.60 14.99 15.68
C GLU A 740 -7.26 15.51 14.41
N ASP A 741 -6.46 15.79 13.38
CA ASP A 741 -6.96 16.44 12.16
C ASP A 741 -7.68 15.49 11.19
N ILE A 742 -7.20 14.25 11.11
CA ILE A 742 -7.93 13.19 10.39
C ILE A 742 -9.30 13.04 11.00
N LEU A 743 -9.33 12.97 12.34
CA LEU A 743 -10.58 12.80 13.10
C LEU A 743 -11.56 13.94 12.87
N LYS A 744 -11.08 15.16 13.12
CA LYS A 744 -11.89 16.35 12.93
C LYS A 744 -12.47 16.39 11.52
N HIS A 745 -11.58 16.31 10.52
CA HIS A 745 -12.00 16.41 9.13
C HIS A 745 -12.97 15.29 8.72
N HIS A 746 -12.80 14.13 9.34
CA HIS A 746 -13.69 13.02 9.10
C HIS A 746 -15.08 13.40 9.62
N TRP A 747 -15.12 13.90 10.84
CA TRP A 747 -16.38 14.29 11.48
C TRP A 747 -17.16 15.28 10.62
N LEU A 748 -16.41 16.17 9.98
CA LEU A 748 -17.01 17.14 9.08
C LEU A 748 -17.51 16.51 7.79
N TYR A 749 -16.77 15.53 7.32
CA TYR A 749 -17.16 14.88 6.08
C TYR A 749 -18.51 14.20 6.24
N THR A 750 -18.73 13.63 7.41
CA THR A 750 -19.87 12.78 7.62
C THR A 750 -21.07 13.49 8.22
N SER A 751 -20.97 14.79 8.46
CA SER A 751 -22.10 15.58 8.97
C SER A 751 -23.18 15.78 7.90
N LYS A 752 -24.44 15.84 8.33
CA LYS A 752 -25.57 16.04 7.41
C LYS A 752 -25.66 17.47 6.91
N TYR A 753 -25.49 18.41 7.85
CA TYR A 753 -25.68 19.83 7.59
C TYR A 753 -24.98 20.28 6.32
N LEU A 754 -23.78 19.75 6.11
CA LEU A 754 -22.99 20.03 4.90
C LEU A 754 -23.60 19.38 3.68
N GLN A 755 -23.97 18.12 3.81
CA GLN A 755 -24.48 17.31 2.70
C GLN A 755 -25.81 17.82 2.16
N LYS A 756 -26.54 18.55 2.98
CA LYS A 756 -27.84 19.06 2.56
C LYS A 756 -27.67 20.03 1.40
N PHE A 757 -26.52 20.71 1.38
CA PHE A 757 -26.15 21.71 0.38
C PHE A 757 -25.81 21.10 -0.99
N MET A 758 -25.65 19.79 -1.05
CA MET A 758 -25.22 19.11 -2.26
C MET A 758 -26.24 19.23 -3.40
N GLU A 759 -27.48 18.84 -3.15
CA GLU A 759 -28.52 18.93 -4.13
C GLU A 759 -28.94 20.37 -4.38
N ALA A 760 -28.85 21.17 -3.34
CA ALA A 760 -29.10 22.61 -3.41
C ALA A 760 -30.50 22.79 -4.00
N HIS A 761 -31.44 22.05 -3.41
CA HIS A 761 -32.79 21.81 -3.96
C HIS A 761 -32.83 21.54 -5.47
N LYS A 762 -31.83 20.80 -5.98
CA LYS A 762 -31.78 20.21 -7.34
C LYS A 762 -30.91 21.06 -8.27
N MET B 4 30.40 -13.83 37.48
CA MET B 4 29.41 -12.99 36.80
C MET B 4 29.49 -13.13 35.29
N SER B 5 28.38 -13.51 34.66
CA SER B 5 28.38 -13.59 33.21
C SER B 5 26.98 -13.49 32.60
N LEU B 6 26.94 -13.18 31.30
CA LEU B 6 25.69 -13.13 30.55
C LEU B 6 25.89 -13.69 29.14
N GLN B 7 24.90 -14.43 28.64
CA GLN B 7 24.99 -14.93 27.28
C GLN B 7 23.64 -14.86 26.57
N PRO B 8 23.70 -14.56 25.27
CA PRO B 8 22.53 -14.36 24.43
C PRO B 8 21.63 -15.58 24.32
N LEU B 9 20.32 -15.35 24.26
CA LEU B 9 19.35 -16.42 24.14
C LEU B 9 18.44 -16.20 22.93
N THR B 10 18.31 -17.24 22.11
CA THR B 10 17.35 -17.25 21.04
C THR B 10 16.02 -17.78 21.59
N ALA B 11 14.93 -17.08 21.31
CA ALA B 11 13.65 -17.41 21.93
C ALA B 11 12.95 -18.55 21.20
N VAL B 12 13.64 -19.10 20.19
CA VAL B 12 13.18 -20.20 19.33
C VAL B 12 11.72 -19.93 18.86
N ASN B 13 10.82 -20.91 18.85
CA ASN B 13 9.44 -20.63 18.47
C ASN B 13 8.72 -19.89 19.59
N CYS B 14 7.66 -19.16 19.24
CA CYS B 14 6.68 -18.65 20.21
C CYS B 14 7.35 -17.72 21.25
N GLY B 15 7.79 -16.57 20.76
CA GLY B 15 8.35 -15.53 21.61
C GLY B 15 7.35 -14.38 21.69
N SER B 16 6.12 -14.66 21.25
CA SER B 16 5.04 -13.66 21.27
C SER B 16 4.28 -13.69 22.58
N LEU B 17 4.69 -14.56 23.49
CA LEU B 17 3.99 -14.77 24.78
C LEU B 17 4.42 -13.83 25.89
N VAL B 18 5.58 -13.20 25.73
CA VAL B 18 6.13 -12.40 26.80
C VAL B 18 5.72 -10.94 26.65
N GLN B 19 5.18 -10.38 27.73
CA GLN B 19 4.74 -8.99 27.77
C GLN B 19 5.59 -8.22 28.80
N PRO B 20 5.67 -6.87 28.69
CA PRO B 20 6.66 -6.09 29.44
C PRO B 20 6.76 -6.39 30.93
N GLY B 21 5.63 -6.45 31.63
CA GLY B 21 5.62 -7.03 32.96
C GLY B 21 5.26 -8.49 32.79
N PHE B 22 5.83 -9.33 33.63
CA PHE B 22 5.41 -10.73 33.71
C PHE B 22 6.06 -11.33 34.93
N SER B 23 5.81 -12.61 35.20
CA SER B 23 6.34 -13.19 36.41
C SER B 23 6.95 -14.59 36.21
N LEU B 24 8.09 -14.82 36.85
CA LEU B 24 8.71 -16.16 36.81
C LEU B 24 8.57 -16.82 38.17
N LEU B 25 7.98 -18.01 38.14
CA LEU B 25 7.71 -18.77 39.34
C LEU B 25 8.71 -19.91 39.49
N ASP B 26 9.65 -19.76 40.41
CA ASP B 26 10.64 -20.79 40.62
C ASP B 26 10.22 -21.69 41.76
N LEU B 27 9.82 -22.90 41.44
CA LEU B 27 9.47 -23.85 42.47
C LEU B 27 9.85 -25.24 42.03
N GLU B 28 10.41 -25.99 42.98
CA GLU B 28 10.88 -27.35 42.75
C GLU B 28 11.66 -27.49 41.44
N GLY B 29 12.88 -26.95 41.40
CA GLY B 29 13.62 -26.95 40.17
C GLY B 29 12.95 -26.02 39.17
N ASP B 30 12.48 -26.60 38.06
CA ASP B 30 12.04 -25.84 36.89
C ASP B 30 11.12 -24.68 37.22
N VAL B 31 11.37 -23.57 36.53
CA VAL B 31 10.67 -22.32 36.74
C VAL B 31 9.59 -22.17 35.68
N TYR B 32 8.47 -21.53 36.05
CA TYR B 32 7.37 -21.37 35.13
C TYR B 32 7.03 -19.92 34.83
N LEU B 33 7.02 -19.57 33.55
CA LEU B 33 6.64 -18.27 33.09
C LEU B 33 5.16 -18.10 33.39
N PHE B 34 4.77 -16.85 33.56
CA PHE B 34 3.42 -16.48 33.91
C PHE B 34 3.12 -15.06 33.45
N GLY B 35 1.84 -14.78 33.20
CA GLY B 35 1.43 -13.51 32.64
C GLY B 35 1.58 -13.41 31.13
N GLN B 36 1.03 -14.40 30.44
CA GLN B 36 0.97 -14.40 28.98
C GLN B 36 0.36 -13.10 28.45
N LYS B 37 0.82 -12.66 27.28
CA LYS B 37 0.21 -11.51 26.60
C LYS B 37 -1.22 -11.83 26.18
N GLY B 38 -2.13 -10.88 26.33
CA GLY B 38 -3.52 -11.08 25.91
C GLY B 38 -4.20 -12.20 26.70
N TRP B 39 -5.32 -12.72 26.16
CA TRP B 39 -6.00 -13.85 26.80
C TRP B 39 -5.34 -15.18 26.36
N PRO B 40 -5.40 -16.23 27.21
CA PRO B 40 -4.86 -17.55 26.89
C PRO B 40 -5.45 -18.11 25.63
N LYS B 41 -4.57 -18.61 24.78
CA LYS B 41 -4.98 -19.21 23.57
C LYS B 41 -4.96 -20.72 23.76
N ARG B 42 -5.99 -21.40 23.31
CA ARG B 42 -6.17 -22.83 23.59
C ARG B 42 -4.95 -23.67 23.17
N SER B 43 -3.89 -23.05 22.66
CA SER B 43 -2.66 -23.80 22.39
C SER B 43 -2.24 -24.26 23.78
N CYS B 44 -2.22 -23.30 24.71
CA CYS B 44 -2.14 -23.63 26.14
C CYS B 44 -3.18 -22.84 26.98
N PRO B 45 -4.40 -23.39 27.16
CA PRO B 45 -5.52 -22.71 27.84
C PRO B 45 -5.20 -22.40 29.32
N THR B 46 -4.23 -23.12 29.85
CA THR B 46 -3.83 -22.99 31.24
C THR B 46 -3.36 -21.57 31.59
N GLY B 47 -2.44 -21.03 30.79
CA GLY B 47 -1.93 -19.68 31.00
C GLY B 47 -0.52 -19.64 31.56
N ILE B 48 -0.01 -20.79 32.02
CA ILE B 48 1.33 -20.90 32.63
C ILE B 48 2.25 -21.74 31.76
N PHE B 49 3.55 -21.41 31.73
CA PHE B 49 4.48 -22.15 30.87
C PHE B 49 5.71 -22.66 31.58
N GLY B 50 6.05 -23.93 31.46
CA GLY B 50 7.33 -24.35 32.00
C GLY B 50 8.41 -23.77 31.12
N VAL B 51 9.46 -23.20 31.70
CA VAL B 51 10.50 -22.68 30.83
C VAL B 51 11.79 -23.44 31.03
N ARG B 52 12.39 -23.84 29.91
CA ARG B 52 13.64 -24.55 29.94
C ARG B 52 14.68 -23.86 29.04
N ILE B 53 15.89 -23.64 29.54
CA ILE B 53 16.93 -23.01 28.74
C ILE B 53 18.03 -24.02 28.47
N LYS B 54 18.13 -24.46 27.23
CA LYS B 54 19.15 -25.44 26.86
C LYS B 54 19.96 -24.94 25.68
N LYS B 55 21.29 -25.05 25.79
CA LYS B 55 22.23 -24.61 24.75
C LYS B 55 21.82 -23.30 24.06
N GLY B 56 21.41 -22.32 24.86
CA GLY B 56 21.08 -21.00 24.35
C GLY B 56 19.63 -20.83 23.93
N GLU B 57 18.96 -21.95 23.65
CA GLU B 57 17.55 -21.98 23.24
C GLU B 57 16.65 -21.82 24.44
N LEU B 58 15.69 -20.90 24.31
CA LEU B 58 14.66 -20.72 25.31
C LEU B 58 13.35 -21.36 24.88
N LYS B 59 13.00 -22.48 25.50
CA LYS B 59 11.78 -23.16 25.13
C LYS B 59 10.70 -23.06 26.18
N LEU B 60 9.48 -22.83 25.70
CA LEU B 60 8.33 -22.75 26.58
C LEU B 60 7.39 -23.92 26.36
N ARG B 61 7.08 -24.61 27.44
CA ARG B 61 6.21 -25.77 27.42
C ARG B 61 4.86 -25.42 28.03
N ALA B 62 3.82 -26.13 27.60
CA ALA B 62 2.46 -25.87 28.06
C ALA B 62 2.13 -26.69 29.31
N ILE B 63 2.00 -26.00 30.44
CA ILE B 63 1.63 -26.63 31.69
C ILE B 63 0.15 -26.98 31.65
N SER B 64 -0.27 -27.96 32.45
CA SER B 64 -1.68 -28.33 32.52
C SER B 64 -2.13 -28.41 33.97
N PHE B 65 -3.15 -27.62 34.32
CA PHE B 65 -3.67 -27.57 35.68
C PHE B 65 -4.31 -28.89 36.11
N SER B 66 -4.37 -29.12 37.41
CA SER B 66 -5.12 -30.24 37.93
C SER B 66 -6.61 -29.90 37.95
N ASN B 67 -7.46 -30.93 37.96
CA ASN B 67 -8.91 -30.74 37.91
C ASN B 67 -9.39 -29.97 39.15
N ASN B 68 -8.67 -30.14 40.24
CA ASN B 68 -8.93 -29.47 41.51
C ASN B 68 -8.83 -27.94 41.46
N SER B 69 -8.08 -27.45 40.47
CA SER B 69 -7.73 -26.04 40.40
C SER B 69 -8.75 -25.12 39.74
N SER B 70 -8.78 -23.86 40.20
CA SER B 70 -9.38 -22.75 39.46
C SER B 70 -8.39 -22.30 38.40
N TYR B 71 -8.88 -21.68 37.33
CA TYR B 71 -8.00 -21.22 36.27
C TYR B 71 -7.77 -19.74 36.42
N LEU B 72 -6.59 -19.31 35.99
CA LEU B 72 -6.15 -17.96 36.28
C LEU B 72 -5.99 -17.11 35.02
N PRO B 73 -6.40 -15.83 35.10
CA PRO B 73 -6.15 -14.89 34.00
C PRO B 73 -4.68 -14.44 33.98
N PRO B 74 -4.12 -14.12 32.80
CA PRO B 74 -2.71 -13.74 32.71
C PRO B 74 -2.43 -12.38 33.36
N LEU B 75 -2.37 -12.35 34.68
CA LEU B 75 -2.03 -11.13 35.40
C LEU B 75 -0.68 -10.59 34.94
N ARG B 76 -0.54 -9.27 34.87
CA ARG B 76 0.72 -8.70 34.40
C ARG B 76 1.72 -8.49 35.51
N CYS B 77 1.43 -7.54 36.40
CA CYS B 77 2.37 -7.20 37.44
C CYS B 77 1.79 -7.39 38.84
N PRO B 78 1.72 -8.66 39.28
CA PRO B 78 1.19 -8.96 40.60
C PRO B 78 2.25 -8.94 41.69
N ALA B 79 1.84 -9.14 42.93
CA ALA B 79 2.75 -9.38 44.02
C ALA B 79 2.89 -10.88 44.21
N ILE B 80 4.10 -11.36 43.94
CA ILE B 80 4.43 -12.76 44.13
C ILE B 80 5.14 -12.92 45.46
N ALA B 81 4.65 -13.83 46.30
CA ALA B 81 5.35 -14.16 47.52
C ALA B 81 5.57 -15.66 47.54
N HIS B 82 6.82 -16.06 47.47
CA HIS B 82 7.16 -17.47 47.59
C HIS B 82 7.09 -17.88 49.04
N PHE B 83 6.22 -18.84 49.34
CA PHE B 83 6.23 -19.46 50.66
C PHE B 83 6.83 -20.85 50.47
N GLU B 84 7.85 -21.13 51.28
CA GLU B 84 8.69 -22.31 51.14
C GLU B 84 7.98 -23.55 51.72
N ALA B 85 8.69 -24.67 51.86
CA ALA B 85 8.10 -25.92 52.28
C ALA B 85 7.98 -26.11 53.79
N GLN B 86 6.75 -26.35 54.23
CA GLN B 86 6.49 -26.80 55.59
C GLN B 86 5.05 -27.26 55.64
N ASP B 87 4.62 -27.72 56.79
CA ASP B 87 3.25 -28.12 56.96
C ASP B 87 2.37 -26.88 56.80
N GLY B 88 1.14 -27.05 56.31
CA GLY B 88 0.62 -28.32 55.85
C GLY B 88 1.04 -28.79 54.46
N LYS B 89 0.91 -27.92 53.46
CA LYS B 89 1.04 -28.34 52.06
C LYS B 89 1.99 -27.45 51.26
N PRO B 90 3.27 -27.82 51.22
CA PRO B 90 4.28 -27.13 50.41
C PRO B 90 4.21 -27.44 48.92
N GLU B 91 4.77 -26.57 48.09
CA GLU B 91 5.23 -25.25 48.55
C GLU B 91 4.47 -24.26 47.70
N CYS B 92 4.16 -23.11 48.27
CA CYS B 92 3.15 -22.29 47.65
C CYS B 92 3.72 -21.03 47.04
N TYR B 93 3.05 -20.58 46.00
CA TYR B 93 3.32 -19.26 45.43
C TYR B 93 2.08 -18.39 45.53
N LEU B 94 2.18 -17.32 46.31
CA LEU B 94 1.04 -16.45 46.55
C LEU B 94 1.02 -15.30 45.55
N ILE B 95 0.04 -15.31 44.66
CA ILE B 95 -0.07 -14.31 43.61
C ILE B 95 -1.26 -13.40 43.85
N HIS B 96 -0.98 -12.14 44.16
CA HIS B 96 -2.06 -11.17 44.30
C HIS B 96 -1.60 -9.74 44.08
N GLY B 97 -2.42 -8.91 43.41
CA GLY B 97 -3.51 -9.38 42.57
C GLY B 97 -3.24 -9.13 41.11
N GLY B 98 -2.23 -8.30 40.81
CA GLY B 98 -1.92 -7.94 39.45
C GLY B 98 -3.07 -7.29 38.71
N ARG B 99 -2.95 -7.22 37.39
CA ARG B 99 -4.12 -6.86 36.60
C ARG B 99 -4.22 -7.69 35.32
N THR B 100 -5.42 -8.24 35.14
CA THR B 100 -5.83 -9.11 34.04
C THR B 100 -5.65 -8.47 32.65
N PRO B 101 -5.54 -9.29 31.58
CA PRO B 101 -5.41 -8.74 30.22
C PRO B 101 -6.50 -7.73 29.83
N ASN B 102 -7.62 -7.71 30.56
CA ASN B 102 -8.61 -6.66 30.36
C ASN B 102 -8.20 -5.64 31.39
N ASN B 103 -8.66 -4.41 31.32
CA ASN B 103 -8.19 -3.53 32.37
C ASN B 103 -9.06 -3.40 33.64
N GLU B 104 -8.65 -4.16 34.63
CA GLU B 104 -9.24 -4.20 35.96
C GLU B 104 -8.19 -4.83 36.85
N LEU B 105 -8.38 -4.73 38.16
CA LEU B 105 -7.44 -5.30 39.12
C LEU B 105 -8.13 -6.37 39.92
N SER B 106 -7.56 -7.58 39.88
CA SER B 106 -8.19 -8.76 40.42
C SER B 106 -8.57 -8.63 41.90
N SER B 107 -7.63 -8.15 42.72
CA SER B 107 -7.85 -8.05 44.16
C SER B 107 -8.25 -9.39 44.80
N SER B 108 -7.84 -10.49 44.20
CA SER B 108 -8.13 -11.83 44.70
C SER B 108 -6.86 -12.67 44.78
N LEU B 109 -6.52 -13.11 45.98
CA LEU B 109 -5.31 -13.89 46.18
C LEU B 109 -5.44 -15.29 45.59
N TYR B 110 -4.40 -15.75 44.89
CA TYR B 110 -4.40 -17.14 44.43
C TYR B 110 -3.20 -17.85 45.01
N MET B 111 -3.42 -19.10 45.37
CA MET B 111 -2.35 -19.91 45.91
C MET B 111 -2.01 -20.96 44.87
N LEU B 112 -0.77 -20.93 44.38
CA LEU B 112 -0.39 -21.83 43.32
C LEU B 112 0.58 -22.88 43.82
N SER B 113 0.27 -24.14 43.56
CA SER B 113 1.11 -25.22 44.07
C SER B 113 1.33 -26.34 43.04
N VAL B 114 2.40 -27.12 43.25
CA VAL B 114 2.73 -28.28 42.41
C VAL B 114 1.82 -29.44 42.79
N ASP B 115 1.59 -30.34 41.84
CA ASP B 115 0.72 -31.47 42.12
C ASP B 115 1.38 -32.82 41.78
N SER B 116 1.52 -33.12 40.49
CA SER B 116 1.90 -34.48 40.07
C SER B 116 2.93 -34.53 38.94
N ARG B 117 3.72 -35.59 38.95
CA ARG B 117 4.78 -35.76 37.96
C ARG B 117 5.20 -37.23 37.82
N GLY B 118 5.78 -37.59 36.67
CA GLY B 118 5.69 -36.78 35.47
C GLY B 118 4.32 -36.87 34.80
N CYS B 119 3.96 -38.03 34.23
CA CYS B 119 4.83 -39.18 33.98
C CYS B 119 6.16 -38.92 33.28
N ASN B 120 6.07 -38.44 32.04
CA ASN B 120 7.27 -38.06 31.30
C ASN B 120 7.44 -36.54 31.34
N ARG B 121 8.35 -36.08 32.20
CA ARG B 121 8.75 -34.66 32.28
C ARG B 121 7.54 -33.74 32.29
N LYS B 122 6.49 -34.16 32.98
CA LYS B 122 5.24 -33.43 33.06
C LYS B 122 4.89 -33.00 34.46
N VAL B 123 4.52 -31.74 34.61
CA VAL B 123 4.14 -31.21 35.91
C VAL B 123 2.74 -30.63 35.86
N THR B 124 1.82 -31.24 36.58
CA THR B 124 0.48 -30.69 36.74
C THR B 124 0.47 -29.74 37.93
N LEU B 125 -0.29 -28.65 37.84
CA LEU B 125 -0.35 -27.67 38.93
C LEU B 125 -1.77 -27.45 39.40
N ARG B 126 -1.89 -26.85 40.57
CA ARG B 126 -3.20 -26.49 41.07
C ARG B 126 -3.24 -25.08 41.66
N CYS B 127 -4.21 -24.30 41.21
CA CYS B 127 -4.48 -22.98 41.76
C CYS B 127 -5.70 -23.00 42.65
N GLU B 128 -5.48 -22.58 43.88
CA GLU B 128 -6.58 -22.45 44.81
C GLU B 128 -6.74 -20.99 45.20
N GLU B 129 -7.80 -20.39 44.67
CA GLU B 129 -8.21 -19.06 45.07
C GLU B 129 -8.69 -19.14 46.50
N LYS B 130 -8.43 -18.11 47.29
CA LYS B 130 -8.98 -18.13 48.61
C LYS B 130 -9.82 -16.90 48.85
N GLU B 131 -10.99 -17.12 49.41
CA GLU B 131 -11.90 -16.06 49.81
C GLU B 131 -11.23 -15.20 50.88
N LEU B 132 -11.50 -13.89 50.85
CA LEU B 132 -10.93 -12.98 51.85
C LEU B 132 -12.04 -12.11 52.47
N VAL B 133 -12.18 -12.23 53.79
CA VAL B 133 -13.15 -11.43 54.52
C VAL B 133 -12.42 -10.32 55.26
N GLY B 134 -13.09 -9.18 55.39
CA GLY B 134 -12.45 -7.99 55.91
C GLY B 134 -13.25 -6.72 55.71
N ASP B 135 -12.60 -5.54 55.64
CA ASP B 135 -11.14 -5.32 55.60
C ASP B 135 -10.45 -6.14 54.48
N VAL B 136 -11.08 -6.17 53.31
CA VAL B 136 -10.45 -6.75 52.13
C VAL B 136 -9.34 -5.85 51.64
N PRO B 137 -8.34 -6.43 50.97
CA PRO B 137 -7.31 -5.55 50.43
C PRO B 137 -7.90 -4.77 49.26
N SER B 138 -7.60 -3.48 49.13
CA SER B 138 -8.06 -2.74 47.95
C SER B 138 -7.39 -3.32 46.69
N ALA B 139 -8.12 -3.38 45.57
CA ALA B 139 -7.52 -3.86 44.33
C ALA B 139 -6.29 -3.05 43.94
N ARG B 140 -5.16 -3.71 43.78
CA ARG B 140 -3.91 -3.02 43.51
C ARG B 140 -2.96 -3.89 42.69
N TYR B 141 -1.94 -3.24 42.11
CA TYR B 141 -0.86 -3.89 41.35
C TYR B 141 0.48 -3.18 41.57
N GLY B 142 1.59 -3.90 41.45
CA GLY B 142 2.91 -3.34 41.67
C GLY B 142 3.28 -3.37 43.14
N HIS B 143 2.28 -3.69 43.96
CA HIS B 143 2.48 -3.90 45.39
C HIS B 143 3.30 -5.16 45.58
N THR B 144 3.85 -5.33 46.78
CA THR B 144 4.53 -6.59 47.08
C THR B 144 3.96 -7.28 48.32
N LEU B 145 4.15 -8.60 48.35
CA LEU B 145 3.68 -9.46 49.42
C LEU B 145 4.84 -10.30 49.95
N SER B 146 4.85 -10.60 51.25
CA SER B 146 5.93 -11.38 51.85
C SER B 146 5.46 -12.35 52.94
N VAL B 147 6.26 -13.37 53.20
CA VAL B 147 5.90 -14.45 54.14
C VAL B 147 6.71 -14.31 55.43
N ILE B 148 6.02 -14.19 56.56
CA ILE B 148 6.70 -14.04 57.84
C ILE B 148 6.25 -15.10 58.82
N ASN B 149 7.14 -15.46 59.73
CA ASN B 149 6.82 -16.45 60.75
C ASN B 149 7.15 -15.96 62.16
N SER B 150 6.10 -15.75 62.94
CA SER B 150 6.26 -15.38 64.34
C SER B 150 5.70 -16.43 65.28
N ARG B 151 6.60 -17.16 65.90
CA ARG B 151 6.34 -17.99 67.08
C ARG B 151 5.01 -18.77 67.13
N GLY B 152 4.84 -19.79 66.29
CA GLY B 152 5.65 -20.03 65.10
C GLY B 152 4.73 -19.77 63.94
N LYS B 153 3.59 -19.16 64.24
CA LYS B 153 2.51 -18.93 63.29
C LYS B 153 3.01 -18.21 62.05
N THR B 154 2.53 -18.62 60.88
CA THR B 154 2.94 -17.99 59.62
C THR B 154 1.83 -17.09 59.10
N ALA B 155 2.17 -15.84 58.80
CA ALA B 155 1.24 -14.91 58.19
C ALA B 155 1.91 -14.18 57.03
N CYS B 156 1.18 -13.27 56.38
CA CYS B 156 1.74 -12.55 55.25
C CYS B 156 1.55 -11.05 55.33
N VAL B 157 2.49 -10.32 54.74
CA VAL B 157 2.47 -8.87 54.76
C VAL B 157 2.33 -8.30 53.36
N LEU B 158 1.31 -7.46 53.19
CA LEU B 158 0.96 -6.94 51.88
C LEU B 158 0.99 -5.43 51.85
N PHE B 159 1.84 -4.84 51.02
CA PHE B 159 1.92 -3.38 51.01
C PHE B 159 2.41 -2.77 49.69
N GLY B 160 2.02 -1.52 49.44
CA GLY B 160 2.49 -0.79 48.28
C GLY B 160 1.53 -0.80 47.12
N GLY B 161 1.99 -0.34 45.95
CA GLY B 161 1.23 -0.53 44.74
C GLY B 161 0.29 0.59 44.36
N ARG B 162 0.13 0.77 43.06
CA ARG B 162 -0.87 1.67 42.50
C ARG B 162 -2.25 1.03 42.44
N SER B 163 -3.26 1.86 42.31
CA SER B 163 -4.60 1.43 41.97
C SER B 163 -5.26 2.52 41.12
N TYR B 164 -6.35 2.17 40.44
CA TYR B 164 -7.09 3.14 39.65
C TYR B 164 -7.74 4.16 40.56
N MET B 165 -7.95 5.36 40.05
CA MET B 165 -8.60 6.43 40.82
C MET B 165 -9.97 5.98 41.37
N PRO B 166 -10.25 6.26 42.66
CA PRO B 166 -11.50 5.86 43.32
C PRO B 166 -12.75 6.34 42.57
N PRO B 167 -13.88 5.61 42.70
CA PRO B 167 -15.08 5.92 41.92
C PRO B 167 -15.82 7.17 42.37
N THR B 168 -15.08 8.26 42.53
CA THR B 168 -15.66 9.58 42.71
C THR B 168 -14.96 10.51 41.74
N GLU B 169 -13.65 10.66 41.96
CA GLU B 169 -12.75 11.35 41.04
C GLU B 169 -12.73 10.70 39.65
N ARG B 170 -13.18 9.45 39.58
CA ARG B 170 -13.13 8.64 38.38
C ARG B 170 -13.83 9.31 37.24
N THR B 171 -13.12 9.51 36.14
CA THR B 171 -13.70 10.22 35.02
C THR B 171 -13.15 9.62 33.73
N THR B 172 -14.02 9.47 32.74
CA THR B 172 -13.65 8.77 31.51
C THR B 172 -12.55 9.49 30.73
N GLN B 173 -12.25 10.72 31.12
CA GLN B 173 -11.04 11.39 30.66
C GLN B 173 -9.83 10.95 31.51
N ASN B 174 -10.05 10.85 32.84
CA ASN B 174 -9.02 10.45 33.80
C ASN B 174 -9.09 8.97 34.19
N TRP B 175 -9.96 8.25 33.49
CA TRP B 175 -10.25 6.84 33.71
C TRP B 175 -8.99 5.98 33.74
N ASN B 176 -8.06 6.26 32.82
CA ASN B 176 -6.89 5.42 32.61
C ASN B 176 -5.70 5.89 33.45
N SER B 177 -5.93 6.90 34.30
CA SER B 177 -4.93 7.36 35.25
C SER B 177 -4.82 6.36 36.40
N VAL B 178 -3.69 6.40 37.10
CA VAL B 178 -3.49 5.57 38.27
C VAL B 178 -3.05 6.45 39.40
N VAL B 179 -3.09 5.92 40.62
CA VAL B 179 -2.57 6.66 41.76
C VAL B 179 -2.11 5.68 42.81
N ASP B 180 -1.16 6.09 43.65
CA ASP B 180 -0.69 5.21 44.71
C ASP B 180 -1.82 4.97 45.68
N CYS B 181 -2.14 3.71 45.92
CA CYS B 181 -3.15 3.39 46.92
C CYS B 181 -2.56 3.73 48.29
N PRO B 182 -3.41 4.17 49.24
CA PRO B 182 -2.96 4.61 50.56
C PRO B 182 -2.07 3.60 51.30
N PRO B 183 -1.14 4.10 52.12
CA PRO B 183 -0.16 3.28 52.84
C PRO B 183 -0.72 2.58 54.08
N GLN B 184 -1.46 1.49 53.89
CA GLN B 184 -1.87 0.65 55.01
C GLN B 184 -1.49 -0.80 54.77
N VAL B 185 -0.61 -1.32 55.61
CA VAL B 185 -0.17 -2.71 55.48
C VAL B 185 -1.30 -3.68 55.80
N TYR B 186 -1.44 -4.70 54.96
CA TYR B 186 -2.46 -5.74 55.16
C TYR B 186 -1.81 -7.04 55.61
N LEU B 187 -2.18 -7.51 56.79
CA LEU B 187 -1.68 -8.79 57.27
C LEU B 187 -2.70 -9.86 56.93
N ILE B 188 -2.31 -10.74 56.01
CA ILE B 188 -3.18 -11.81 55.55
C ILE B 188 -2.70 -13.15 56.06
N ASP B 189 -3.49 -13.74 56.96
CA ASP B 189 -3.27 -15.13 57.33
C ASP B 189 -3.47 -15.98 56.08
N LEU B 190 -2.60 -16.96 55.86
CA LEU B 190 -2.73 -17.86 54.72
C LEU B 190 -4.07 -18.57 54.79
N GLU B 191 -4.31 -19.25 55.90
CA GLU B 191 -5.61 -19.80 56.23
C GLU B 191 -5.77 -19.61 57.75
N PHE B 192 -6.84 -18.96 58.23
CA PHE B 192 -8.00 -18.48 57.45
C PHE B 192 -7.77 -17.21 56.63
N GLY B 193 -8.84 -16.73 56.00
CA GLY B 193 -8.77 -15.61 55.09
C GLY B 193 -8.95 -14.25 55.72
N CYS B 194 -8.67 -14.15 57.01
CA CYS B 194 -8.78 -12.87 57.67
C CYS B 194 -7.67 -11.90 57.25
N CYS B 195 -8.08 -10.74 56.75
CA CYS B 195 -7.14 -9.71 56.32
C CYS B 195 -7.22 -8.48 57.21
N THR B 196 -6.20 -8.24 58.03
CA THR B 196 -6.20 -7.08 58.91
C THR B 196 -5.53 -5.87 58.24
N ALA B 197 -6.07 -4.67 58.44
CA ALA B 197 -5.50 -3.44 57.84
C ALA B 197 -4.93 -2.50 58.91
N HIS B 198 -3.61 -2.33 58.95
CA HIS B 198 -3.03 -1.40 59.92
C HIS B 198 -2.29 -0.30 59.18
N THR B 199 -2.12 0.84 59.87
CA THR B 199 -1.35 1.93 59.31
C THR B 199 -0.32 2.35 60.33
N LEU B 200 0.71 3.03 59.87
CA LEU B 200 1.73 3.55 60.76
C LEU B 200 2.13 4.98 60.40
N PRO B 201 2.48 5.78 61.42
CA PRO B 201 2.95 7.16 61.26
C PRO B 201 4.27 7.22 60.49
N GLU B 202 5.06 6.17 60.59
CA GLU B 202 6.37 6.10 59.94
C GLU B 202 6.19 6.04 58.42
N LEU B 203 5.07 5.49 58.00
CA LEU B 203 4.74 5.41 56.57
C LEU B 203 3.89 6.61 56.20
N THR B 204 4.50 7.55 55.50
CA THR B 204 3.82 8.76 55.10
C THR B 204 3.00 8.49 53.83
N ASP B 205 3.59 7.75 52.90
CA ASP B 205 3.05 7.62 51.54
C ASP B 205 3.12 6.18 51.03
N GLY B 206 2.37 5.91 49.97
CA GLY B 206 2.40 4.62 49.31
C GLY B 206 3.49 4.59 48.27
N GLN B 207 3.92 3.38 47.91
CA GLN B 207 5.01 3.24 46.96
C GLN B 207 4.59 2.29 45.86
N SER B 208 5.51 2.07 44.93
CA SER B 208 5.28 1.16 43.83
C SER B 208 6.56 0.44 43.43
N PHE B 209 6.45 -0.83 43.06
CA PHE B 209 7.56 -1.63 42.54
C PHE B 209 8.73 -1.73 43.51
N HIS B 210 8.43 -1.52 44.79
CA HIS B 210 9.47 -1.59 45.80
C HIS B 210 9.73 -3.05 46.11
N VAL B 211 10.96 -3.50 45.87
CA VAL B 211 11.29 -4.90 46.03
C VAL B 211 11.38 -5.26 47.50
N ALA B 212 10.62 -6.27 47.88
CA ALA B 212 10.56 -6.70 49.27
C ALA B 212 11.45 -7.90 49.51
N LEU B 213 12.17 -7.88 50.62
CA LEU B 213 12.93 -9.02 51.07
C LEU B 213 12.38 -9.44 52.41
N ALA B 214 12.23 -10.73 52.62
CA ALA B 214 11.58 -11.18 53.83
C ALA B 214 12.33 -12.31 54.49
N ARG B 215 12.75 -12.10 55.73
CA ARG B 215 13.34 -13.19 56.50
C ARG B 215 12.99 -13.07 57.97
N GLN B 216 12.69 -14.20 58.59
CA GLN B 216 12.60 -14.31 60.05
C GLN B 216 11.85 -13.16 60.70
N ASP B 217 10.53 -13.13 60.48
CA ASP B 217 9.63 -12.11 61.05
C ASP B 217 10.09 -10.66 60.83
N CYS B 218 10.84 -10.42 59.75
CA CYS B 218 11.28 -9.06 59.41
C CYS B 218 11.22 -8.86 57.89
N VAL B 219 10.71 -7.70 57.48
CA VAL B 219 10.53 -7.40 56.06
C VAL B 219 11.14 -6.07 55.67
N TYR B 220 12.02 -6.11 54.68
CA TYR B 220 12.74 -4.93 54.23
C TYR B 220 12.24 -4.53 52.84
N PHE B 221 11.66 -3.34 52.75
CA PHE B 221 11.26 -2.79 51.47
C PHE B 221 12.34 -1.85 50.95
N LEU B 222 12.89 -2.16 49.79
CA LEU B 222 13.81 -1.26 49.13
C LEU B 222 13.05 -0.04 48.61
N GLY B 223 13.77 1.03 48.31
CA GLY B 223 13.15 2.22 47.75
C GLY B 223 12.40 1.92 46.47
N GLY B 224 11.12 2.30 46.43
CA GLY B 224 10.29 2.12 45.26
C GLY B 224 10.13 3.41 44.49
N HIS B 225 8.99 3.55 43.82
CA HIS B 225 8.68 4.76 43.08
C HIS B 225 7.40 5.39 43.64
N ILE B 226 7.54 6.58 44.22
CA ILE B 226 6.40 7.30 44.78
C ILE B 226 5.84 8.22 43.72
N LEU B 227 4.55 8.13 43.45
CA LEU B 227 3.94 8.85 42.33
C LEU B 227 3.54 10.27 42.68
N SER B 228 3.36 10.55 43.96
CA SER B 228 2.89 11.87 44.38
C SER B 228 3.99 12.94 44.30
N SER B 229 5.13 12.67 44.92
CA SER B 229 6.27 13.60 44.89
C SER B 229 7.31 13.19 43.83
N ASP B 230 7.05 12.07 43.14
CA ASP B 230 7.91 11.54 42.06
C ASP B 230 9.34 11.22 42.51
N CYS B 231 9.54 11.02 43.80
CA CYS B 231 10.85 10.62 44.31
C CYS B 231 11.08 9.13 44.20
N ARG B 232 12.35 8.74 44.13
CA ARG B 232 12.78 7.35 44.21
C ARG B 232 13.61 7.21 45.45
N PRO B 233 12.94 7.04 46.59
CA PRO B 233 13.55 7.15 47.92
C PRO B 233 14.79 6.31 48.10
N SER B 234 15.81 6.97 48.61
CA SER B 234 17.03 6.30 48.98
C SER B 234 16.90 5.85 50.42
N ARG B 235 15.71 6.08 50.99
CA ARG B 235 15.40 5.61 52.33
C ARG B 235 14.96 4.16 52.24
N LEU B 236 15.69 3.29 52.92
CA LEU B 236 15.31 1.89 52.98
C LEU B 236 14.32 1.69 54.11
N ILE B 237 13.31 0.85 53.90
CA ILE B 237 12.28 0.67 54.91
C ILE B 237 12.36 -0.72 55.55
N ARG B 238 12.15 -0.77 56.86
CA ARG B 238 12.19 -2.01 57.59
C ARG B 238 10.92 -2.11 58.41
N LEU B 239 10.40 -3.33 58.57
CA LEU B 239 9.35 -3.52 59.56
C LEU B 239 9.47 -4.88 60.23
N HIS B 240 9.04 -4.90 61.49
CA HIS B 240 9.13 -6.10 62.31
C HIS B 240 7.78 -6.46 62.89
N VAL B 241 7.24 -7.60 62.45
CA VAL B 241 5.95 -8.05 62.95
C VAL B 241 6.06 -9.28 63.85
N GLU B 242 5.23 -9.35 64.89
CA GLU B 242 5.17 -10.57 65.68
C GLU B 242 3.71 -10.82 66.03
N LEU B 243 3.29 -12.06 65.78
CA LEU B 243 1.91 -12.47 66.02
C LEU B 243 1.77 -13.08 67.40
N LEU B 244 1.07 -12.36 68.26
CA LEU B 244 0.86 -12.83 69.63
C LEU B 244 -0.64 -12.83 69.87
N LEU B 245 -1.17 -13.91 70.44
CA LEU B 245 -2.61 -14.08 70.63
C LEU B 245 -3.24 -13.00 71.51
N GLY B 246 -4.29 -12.33 71.01
CA GLY B 246 -4.87 -12.59 69.70
C GLY B 246 -4.65 -11.59 68.57
N SER B 247 -3.63 -10.75 68.70
CA SER B 247 -3.38 -9.66 67.76
C SER B 247 -1.99 -9.74 67.12
N PRO B 248 -1.94 -9.46 65.81
CA PRO B 248 -0.65 -9.43 65.09
C PRO B 248 -0.01 -8.06 65.26
N VAL B 249 0.66 -7.85 66.38
CA VAL B 249 1.30 -6.55 66.63
C VAL B 249 2.43 -6.28 65.63
N LEU B 250 2.52 -5.02 65.23
CA LEU B 250 3.38 -4.61 64.12
C LEU B 250 4.21 -3.36 64.43
N THR B 251 5.50 -3.38 64.07
CA THR B 251 6.32 -2.17 64.20
C THR B 251 7.16 -1.92 62.95
N CYS B 252 7.87 -0.80 62.92
CA CYS B 252 8.61 -0.37 61.73
C CYS B 252 9.74 0.58 62.06
N THR B 253 10.68 0.70 61.13
CA THR B 253 11.72 1.71 61.22
C THR B 253 12.22 2.13 59.83
N ILE B 254 12.58 3.40 59.71
CA ILE B 254 13.30 3.87 58.52
C ILE B 254 14.76 3.52 58.69
N LEU B 255 15.47 3.40 57.57
CA LEU B 255 16.91 3.18 57.63
C LEU B 255 17.67 4.34 57.03
N HIS B 256 18.93 4.44 57.44
CA HIS B 256 19.85 5.43 56.91
C HIS B 256 19.88 5.39 55.40
N GLU B 257 20.42 4.30 54.85
CA GLU B 257 20.68 4.22 53.43
C GLU B 257 19.94 3.06 52.78
N GLY B 258 19.32 3.32 51.64
CA GLY B 258 18.65 2.30 50.85
C GLY B 258 18.72 2.66 49.38
N LEU B 259 18.50 1.68 48.51
CA LEU B 259 18.70 1.91 47.08
C LEU B 259 17.58 2.71 46.43
N THR B 260 17.95 3.38 45.34
CA THR B 260 17.08 4.32 44.67
C THR B 260 16.27 3.67 43.54
N ILE B 261 16.37 2.34 43.41
CA ILE B 261 15.92 1.64 42.20
C ILE B 261 14.50 1.06 42.24
N THR B 262 13.83 1.13 41.09
CA THR B 262 12.47 0.65 40.95
C THR B 262 12.44 -0.55 40.01
N SER B 263 11.47 -1.44 40.22
CA SER B 263 11.29 -2.60 39.35
C SER B 263 12.50 -3.52 39.36
N ALA B 264 13.07 -3.73 40.52
CA ALA B 264 14.29 -4.52 40.62
C ALA B 264 14.00 -6.02 40.56
N ILE B 265 14.99 -6.79 40.10
CA ILE B 265 14.89 -8.24 40.04
C ILE B 265 15.77 -8.91 41.11
N ALA B 266 15.14 -9.56 42.09
CA ALA B 266 15.87 -10.23 43.17
C ALA B 266 16.10 -11.71 42.87
N SER B 267 17.35 -12.10 42.61
CA SER B 267 17.65 -13.50 42.35
C SER B 267 18.35 -14.11 43.57
N PRO B 268 17.66 -15.00 44.32
CA PRO B 268 18.27 -15.65 45.48
C PRO B 268 19.47 -16.50 45.08
N ILE B 269 20.57 -16.40 45.82
CA ILE B 269 21.77 -17.18 45.49
C ILE B 269 22.13 -18.06 46.70
N GLY B 270 22.42 -17.42 47.83
CA GLY B 270 22.84 -18.10 49.03
C GLY B 270 21.62 -18.52 49.82
N TYR B 271 21.79 -18.63 51.13
CA TYR B 271 20.71 -19.00 52.01
C TYR B 271 19.60 -17.95 51.91
N HIS B 272 19.88 -16.75 52.43
CA HIS B 272 19.02 -15.60 52.18
C HIS B 272 19.62 -14.49 51.36
N GLU B 273 20.85 -14.68 50.90
CA GLU B 273 21.53 -13.63 50.18
C GLU B 273 21.00 -13.54 48.75
N TYR B 274 20.57 -12.36 48.34
CA TYR B 274 20.03 -12.14 47.00
C TYR B 274 20.96 -11.29 46.15
N ILE B 275 20.89 -11.46 44.84
CA ILE B 275 21.55 -10.50 43.95
C ILE B 275 20.46 -9.64 43.32
N ILE B 276 20.54 -8.35 43.62
CA ILE B 276 19.64 -7.34 43.08
C ILE B 276 20.22 -6.72 41.81
N PHE B 277 19.52 -6.91 40.69
CA PHE B 277 19.92 -6.31 39.41
C PHE B 277 19.46 -4.86 39.31
N GLY B 278 18.19 -4.64 39.59
CA GLY B 278 17.59 -3.32 39.55
C GLY B 278 17.14 -3.06 38.13
N GLY B 279 16.02 -2.38 37.97
CA GLY B 279 15.61 -2.00 36.64
C GLY B 279 15.98 -0.58 36.29
N TYR B 280 15.98 0.30 37.28
CA TYR B 280 16.16 1.72 37.00
C TYR B 280 16.77 2.51 38.15
N GLN B 281 17.66 3.43 37.84
CA GLN B 281 18.06 4.46 38.79
C GLN B 281 17.02 5.56 38.85
N SER B 282 16.64 6.06 37.66
CA SER B 282 15.75 7.21 37.57
C SER B 282 14.75 7.01 36.45
N GLU B 283 13.87 8.01 36.26
CA GLU B 283 12.84 7.97 35.23
C GLU B 283 13.40 7.68 33.84
N THR B 284 14.38 8.48 33.43
CA THR B 284 14.98 8.35 32.10
C THR B 284 15.94 7.17 32.06
N GLN B 285 16.97 7.24 32.89
CA GLN B 285 18.13 6.38 32.75
C GLN B 285 18.06 5.16 33.66
N LYS B 286 18.09 3.99 33.03
CA LYS B 286 18.06 2.69 33.73
C LYS B 286 19.34 2.45 34.51
N ARG B 287 19.30 1.57 35.50
CA ARG B 287 20.52 1.24 36.22
C ARG B 287 21.26 0.07 35.54
N MET B 288 22.53 0.28 35.19
CA MET B 288 23.40 -0.81 34.70
C MET B 288 24.02 -1.59 35.86
N GLU B 289 24.33 -0.88 36.95
CA GLU B 289 25.02 -1.44 38.11
C GLU B 289 24.35 -2.68 38.69
N CYS B 290 25.14 -3.72 38.96
CA CYS B 290 24.62 -4.89 39.63
C CYS B 290 25.04 -4.84 41.09
N THR B 291 24.12 -5.25 41.94
CA THR B 291 24.37 -5.16 43.36
C THR B 291 24.08 -6.50 44.03
N TYR B 292 24.85 -6.82 45.07
CA TYR B 292 24.59 -7.98 45.92
C TYR B 292 24.02 -7.53 47.28
N VAL B 293 22.91 -8.13 47.71
CA VAL B 293 22.29 -7.75 48.97
C VAL B 293 22.11 -8.96 49.88
N GLY B 294 22.83 -8.98 51.00
CA GLY B 294 22.57 -10.04 51.95
C GLY B 294 21.78 -9.45 53.10
N LEU B 295 21.24 -10.31 53.96
CA LEU B 295 20.53 -9.81 55.13
C LEU B 295 20.78 -10.71 56.33
N ASP B 296 20.89 -10.10 57.51
CA ASP B 296 21.11 -10.84 58.76
C ASP B 296 20.30 -10.21 59.91
N ASP B 297 20.23 -10.90 61.04
CA ASP B 297 19.47 -10.44 62.21
C ASP B 297 19.90 -9.04 62.65
N VAL B 298 21.20 -8.75 62.59
CA VAL B 298 21.72 -7.41 62.88
C VAL B 298 21.09 -6.43 61.91
N GLY B 299 21.17 -6.76 60.62
CA GLY B 299 20.65 -5.90 59.59
C GLY B 299 20.94 -6.46 58.21
N VAL B 300 20.57 -5.68 57.20
CA VAL B 300 20.78 -6.01 55.79
C VAL B 300 22.10 -5.40 55.34
N HIS B 301 22.97 -6.17 54.71
CA HIS B 301 24.22 -5.57 54.27
C HIS B 301 24.49 -5.71 52.78
N MET B 302 24.85 -4.54 52.29
CA MET B 302 24.93 -4.20 50.89
C MET B 302 26.34 -4.27 50.35
N GLU B 303 26.57 -5.01 49.28
CA GLU B 303 27.89 -4.99 48.67
C GLU B 303 27.71 -5.03 47.14
N SER B 304 28.24 -4.04 46.43
CA SER B 304 28.22 -4.06 44.96
C SER B 304 29.25 -5.05 44.47
N ARG B 305 28.87 -5.87 43.51
CA ARG B 305 29.85 -6.69 42.83
C ARG B 305 29.92 -6.22 41.39
N GLU B 306 31.07 -6.47 40.77
CA GLU B 306 31.32 -6.04 39.41
C GLU B 306 30.25 -6.63 38.49
N PRO B 307 29.47 -5.75 37.83
CA PRO B 307 28.40 -6.16 36.94
C PRO B 307 28.95 -6.78 35.65
N PRO B 308 28.24 -7.76 35.06
CA PRO B 308 28.71 -8.31 33.78
C PRO B 308 28.83 -7.21 32.75
N GLN B 309 29.80 -7.35 31.87
CA GLN B 309 30.00 -6.38 30.81
C GLN B 309 28.81 -6.50 29.87
N TRP B 310 28.11 -5.38 29.70
CA TRP B 310 26.88 -5.37 28.93
C TRP B 310 27.18 -5.15 27.47
N THR B 311 26.49 -5.89 26.62
CA THR B 311 26.57 -5.64 25.20
C THR B 311 26.00 -4.25 24.97
N SER B 312 26.53 -3.55 23.98
CA SER B 312 26.16 -2.15 23.72
C SER B 312 24.65 -2.00 23.58
N GLU B 313 23.99 -3.05 23.12
CA GLU B 313 22.54 -3.02 22.97
C GLU B 313 21.85 -2.77 24.27
N ILE B 314 22.05 -3.68 25.22
CA ILE B 314 21.37 -3.58 26.49
C ILE B 314 21.82 -2.37 27.30
N SER B 315 23.05 -1.92 27.04
CA SER B 315 23.52 -0.69 27.65
C SER B 315 22.77 0.51 27.08
N HIS B 316 22.35 0.43 25.82
CA HIS B 316 21.63 1.54 25.18
C HIS B 316 20.11 1.35 25.11
N SER B 317 19.61 0.21 25.57
CA SER B 317 18.18 -0.05 25.51
C SER B 317 17.44 0.82 26.51
N ARG B 318 16.36 1.47 26.06
CA ARG B 318 15.58 2.35 26.92
C ARG B 318 14.90 1.65 28.07
N THR B 319 14.34 0.48 27.78
CA THR B 319 13.60 -0.28 28.77
C THR B 319 14.08 -1.73 28.79
N TRP B 320 14.03 -2.36 29.96
CA TRP B 320 14.35 -3.77 30.09
C TRP B 320 13.73 -4.37 31.32
N PHE B 321 13.58 -5.68 31.32
CA PHE B 321 12.91 -6.36 32.41
C PHE B 321 13.40 -7.79 32.52
N GLY B 322 12.69 -8.59 33.32
CA GLY B 322 12.98 -9.99 33.40
C GLY B 322 12.54 -10.59 34.71
N GLY B 323 13.10 -11.76 34.99
CA GLY B 323 12.82 -12.47 36.21
C GLY B 323 14.03 -13.27 36.61
N SER B 324 13.97 -13.80 37.82
CA SER B 324 15.06 -14.60 38.36
C SER B 324 14.68 -16.07 38.38
N LEU B 325 15.45 -16.89 37.65
CA LEU B 325 15.21 -18.34 37.64
C LEU B 325 15.62 -18.96 38.98
N GLY B 326 16.21 -18.15 39.85
CA GLY B 326 16.63 -18.63 41.16
C GLY B 326 17.98 -19.30 41.02
N LYS B 327 18.51 -19.77 42.14
CA LYS B 327 19.83 -20.42 42.15
C LYS B 327 20.89 -19.54 41.49
N GLY B 328 20.86 -18.25 41.81
CA GLY B 328 21.81 -17.30 41.27
C GLY B 328 21.76 -17.10 39.77
N THR B 329 20.65 -17.53 39.18
CA THR B 329 20.47 -17.49 37.74
C THR B 329 19.21 -16.68 37.41
N ALA B 330 19.32 -15.78 36.45
CA ALA B 330 18.20 -14.90 36.12
C ALA B 330 18.12 -14.67 34.62
N LEU B 331 16.98 -14.15 34.19
CA LEU B 331 16.73 -13.83 32.79
C LEU B 331 16.45 -12.33 32.61
N VAL B 332 17.05 -11.73 31.59
CA VAL B 332 16.72 -10.34 31.24
C VAL B 332 16.21 -10.26 29.80
N ALA B 333 15.42 -9.23 29.50
CA ALA B 333 14.76 -9.12 28.21
C ALA B 333 14.85 -7.72 27.64
N ILE B 334 15.23 -7.67 26.39
CA ILE B 334 15.39 -6.41 25.68
C ILE B 334 14.40 -6.28 24.53
N PRO B 335 13.55 -5.25 24.58
CA PRO B 335 12.67 -4.92 23.44
C PRO B 335 13.50 -4.60 22.21
N SER B 336 13.02 -4.94 21.02
CA SER B 336 13.79 -4.71 19.80
C SER B 336 12.98 -4.13 18.65
N GLU B 337 13.47 -3.02 18.10
CA GLU B 337 12.89 -2.43 16.92
C GLU B 337 13.64 -2.98 15.71
N GLY B 338 12.91 -3.57 14.78
CA GLY B 338 13.48 -3.95 13.50
C GLY B 338 12.38 -3.95 12.48
N ASN B 339 12.73 -3.81 11.21
CA ASN B 339 11.75 -3.88 10.14
C ASN B 339 12.37 -4.61 8.94
N PRO B 340 11.62 -5.56 8.34
CA PRO B 340 10.29 -6.07 8.72
C PRO B 340 10.28 -6.74 10.11
N THR B 341 9.10 -6.85 10.74
CA THR B 341 9.00 -7.30 12.14
C THR B 341 9.74 -8.63 12.32
N PRO B 342 10.55 -8.74 13.40
CA PRO B 342 11.49 -9.86 13.63
C PRO B 342 10.96 -11.30 13.42
N PRO B 343 9.69 -11.64 13.77
CA PRO B 343 8.62 -10.96 14.49
C PRO B 343 8.90 -10.83 15.97
N GLU B 344 9.68 -11.75 16.51
CA GLU B 344 9.87 -11.91 17.94
C GLU B 344 10.36 -10.56 18.52
N ALA B 345 9.58 -10.03 19.46
CA ALA B 345 9.81 -8.68 19.97
C ALA B 345 10.95 -8.51 20.96
N TYR B 346 11.38 -9.59 21.59
CA TYR B 346 12.35 -9.47 22.67
C TYR B 346 13.58 -10.36 22.54
N HIS B 347 14.74 -9.75 22.42
CA HIS B 347 15.96 -10.50 22.62
C HIS B 347 16.08 -10.86 24.08
N PHE B 348 16.77 -11.95 24.37
CA PHE B 348 16.93 -12.38 25.74
C PHE B 348 18.38 -12.58 26.08
N TYR B 349 18.70 -12.44 27.35
CA TYR B 349 20.00 -12.81 27.83
C TYR B 349 19.86 -13.55 29.12
N GLN B 350 20.66 -14.58 29.28
CA GLN B 350 20.69 -15.28 30.54
C GLN B 350 21.88 -14.79 31.33
N VAL B 351 21.62 -14.46 32.58
CA VAL B 351 22.65 -13.97 33.46
C VAL B 351 22.86 -14.90 34.64
N SER B 352 24.11 -15.01 35.07
CA SER B 352 24.47 -15.90 36.16
C SER B 352 25.54 -15.29 37.04
N PHE B 353 25.50 -15.64 38.32
CA PHE B 353 26.48 -15.17 39.29
C PHE B 353 27.53 -16.25 39.60
N GLN B 354 28.79 -15.83 39.74
CA GLN B 354 29.93 -16.71 40.03
C GLN B 354 30.04 -17.87 39.04
N GLY C 141 -47.26 61.03 23.98
CA GLY C 141 -46.33 59.94 24.25
C GLY C 141 -45.66 59.41 22.99
N GLY C 142 -46.38 58.54 22.27
CA GLY C 142 -45.86 57.94 21.05
C GLY C 142 -45.74 56.43 21.11
N ARG C 143 -45.91 55.81 19.94
CA ARG C 143 -45.83 54.35 19.76
C ARG C 143 -44.42 53.78 19.99
N PRO C 144 -44.29 52.49 20.40
CA PRO C 144 -42.92 51.98 20.47
C PRO C 144 -42.24 51.97 19.10
N ARG C 145 -41.30 52.88 18.91
CA ARG C 145 -40.68 53.14 17.63
C ARG C 145 -40.15 51.89 16.94
N GLN C 146 -40.12 51.99 15.63
CA GLN C 146 -39.46 51.07 14.72
C GLN C 146 -38.05 50.54 15.02
N HIS C 147 -37.79 49.32 14.55
CA HIS C 147 -36.51 48.63 14.66
C HIS C 147 -35.84 48.39 13.31
N LEU C 148 -35.90 49.40 12.43
CA LEU C 148 -35.37 49.34 11.06
C LEU C 148 -35.94 48.13 10.32
N LEU C 149 -35.02 47.35 9.73
CA LEU C 149 -35.24 46.00 9.18
C LEU C 149 -36.67 45.44 8.93
N SER C 150 -37.70 46.04 9.53
CA SER C 150 -39.06 45.57 9.33
C SER C 150 -39.93 46.19 8.22
N LEU C 151 -39.57 47.34 7.68
CA LEU C 151 -40.50 47.90 6.68
C LEU C 151 -40.18 48.20 5.23
N THR C 152 -41.32 48.29 4.58
CA THR C 152 -41.58 48.71 3.21
C THR C 152 -41.24 50.20 3.11
N ARG C 153 -41.10 50.69 1.88
CA ARG C 153 -40.75 52.06 1.51
C ARG C 153 -41.31 53.42 2.00
N ARG C 154 -42.59 53.60 2.24
CA ARG C 154 -42.86 54.96 2.60
C ARG C 154 -43.07 55.43 4.03
N ALA C 155 -42.28 54.85 4.91
CA ALA C 155 -42.25 55.19 6.32
C ALA C 155 -40.80 55.66 6.25
N GLN C 156 -40.10 54.90 5.42
CA GLN C 156 -38.72 55.12 4.98
C GLN C 156 -38.64 56.53 4.38
N LYS C 157 -39.65 56.93 3.60
CA LYS C 157 -39.57 58.28 3.03
C LYS C 157 -39.40 59.46 3.95
N HIS C 158 -40.04 59.58 5.10
CA HIS C 158 -39.73 60.77 5.87
C HIS C 158 -38.79 60.29 6.95
N ARG C 159 -38.36 59.04 6.84
CA ARG C 159 -37.43 58.53 7.82
C ARG C 159 -36.14 59.20 7.41
N LEU C 160 -35.98 59.37 6.10
CA LEU C 160 -34.80 60.06 5.59
C LEU C 160 -34.96 61.34 4.72
N ARG C 161 -36.20 61.72 4.37
CA ARG C 161 -36.51 62.89 3.48
C ARG C 161 -35.54 64.05 3.60
N ASP C 162 -35.26 64.45 4.83
CA ASP C 162 -34.43 65.61 5.03
C ASP C 162 -32.97 65.29 4.72
N LEU C 163 -32.49 64.09 5.02
CA LEU C 163 -31.12 63.78 4.60
C LEU C 163 -31.03 63.59 3.08
N LYS C 164 -31.99 62.92 2.43
CA LYS C 164 -31.94 62.86 0.97
C LYS C 164 -31.95 64.28 0.37
N ASN C 165 -32.70 65.19 0.96
CA ASN C 165 -32.71 66.57 0.46
C ASN C 165 -31.35 67.23 0.67
N GLN C 166 -30.76 67.06 1.85
CA GLN C 166 -29.42 67.63 2.10
C GLN C 166 -28.46 67.10 1.05
N VAL C 167 -28.64 65.84 0.68
CA VAL C 167 -27.79 65.22 -0.34
C VAL C 167 -28.01 65.80 -1.74
N LYS C 168 -29.29 65.98 -2.10
CA LYS C 168 -29.63 66.61 -3.36
C LYS C 168 -28.94 67.98 -3.43
N THR C 169 -29.12 68.77 -2.38
CA THR C 169 -28.52 70.10 -2.26
C THR C 169 -26.98 70.08 -2.39
N PHE C 170 -26.34 69.04 -1.84
CA PHE C 170 -24.88 68.89 -1.91
C PHE C 170 -24.40 68.60 -3.34
N ALA C 171 -25.02 67.58 -3.92
CA ALA C 171 -24.73 67.16 -5.29
C ALA C 171 -24.89 68.40 -6.16
N GLU C 172 -25.90 69.19 -5.84
CA GLU C 172 -26.20 70.42 -6.56
C GLU C 172 -25.12 71.50 -6.42
N LYS C 173 -24.65 71.74 -5.20
CA LYS C 173 -23.66 72.81 -5.01
C LYS C 173 -22.30 72.52 -5.59
N GLU C 174 -21.84 71.27 -5.55
CA GLU C 174 -20.46 71.05 -5.97
C GLU C 174 -20.30 70.11 -7.15
N GLU C 175 -21.30 69.24 -7.34
CA GLU C 175 -21.23 68.19 -8.34
C GLU C 175 -22.44 68.18 -9.29
N GLY C 176 -23.03 69.35 -9.47
CA GLY C 176 -24.19 69.59 -10.32
C GLY C 176 -25.51 68.87 -10.07
N GLY C 177 -25.49 67.63 -9.59
CA GLY C 177 -26.74 66.94 -9.31
C GLY C 177 -26.92 65.52 -9.80
N ASP C 178 -25.80 64.86 -10.04
CA ASP C 178 -25.82 63.48 -10.53
C ASP C 178 -25.83 62.53 -9.30
N VAL C 179 -27.05 62.29 -8.82
CA VAL C 179 -27.27 61.52 -7.59
C VAL C 179 -26.69 60.10 -7.62
N LYS C 180 -26.84 59.36 -8.71
CA LYS C 180 -26.31 57.99 -8.75
C LYS C 180 -24.84 57.90 -8.35
N SER C 181 -24.00 58.72 -8.98
CA SER C 181 -22.56 58.72 -8.69
C SER C 181 -22.25 59.11 -7.25
N VAL C 182 -23.00 60.08 -6.73
CA VAL C 182 -22.91 60.51 -5.34
C VAL C 182 -23.26 59.41 -4.29
N CYS C 183 -24.47 58.85 -4.44
CA CYS C 183 -25.00 57.84 -3.52
C CYS C 183 -24.17 56.57 -3.49
N LEU C 184 -23.69 56.11 -4.66
CA LEU C 184 -22.90 54.87 -4.63
C LEU C 184 -21.63 55.05 -3.79
N THR C 185 -20.98 56.19 -3.93
CA THR C 185 -19.76 56.54 -3.19
C THR C 185 -20.00 56.69 -1.69
N LEU C 186 -21.22 57.05 -1.29
CA LEU C 186 -21.44 57.32 0.12
C LEU C 186 -21.09 56.25 1.10
N PHE C 187 -21.34 55.01 0.74
CA PHE C 187 -21.11 53.88 1.62
C PHE C 187 -19.76 53.57 2.11
N LEU C 188 -18.86 53.69 1.17
CA LEU C 188 -17.50 53.39 1.41
C LEU C 188 -16.85 53.99 2.62
N LEU C 189 -16.90 55.31 2.81
CA LEU C 189 -16.28 55.86 4.02
C LEU C 189 -16.96 55.53 5.34
N ALA C 190 -18.28 55.39 5.33
CA ALA C 190 -18.96 55.01 6.56
C ALA C 190 -18.62 53.59 6.95
N LEU C 191 -18.58 52.71 5.94
CA LEU C 191 -18.20 51.33 6.17
C LEU C 191 -16.73 51.18 6.54
N ARG C 192 -15.88 51.68 5.65
CA ARG C 192 -14.42 51.57 5.76
C ARG C 192 -13.77 52.37 6.87
N ALA C 193 -14.55 53.20 7.56
CA ALA C 193 -14.12 53.85 8.80
C ALA C 193 -13.64 52.83 9.84
N GLY C 194 -14.37 51.74 9.99
CA GLY C 194 -13.91 50.67 10.86
C GLY C 194 -14.50 49.46 10.19
N ASN C 195 -13.70 48.57 9.62
CA ASN C 195 -14.34 47.58 8.78
C ASN C 195 -13.83 46.16 8.53
N GLU C 196 -14.23 45.72 7.35
CA GLU C 196 -14.03 44.42 6.76
C GLU C 196 -12.86 44.13 5.77
N HIS C 197 -13.27 43.90 4.52
CA HIS C 197 -12.44 43.53 3.37
C HIS C 197 -13.56 43.12 2.43
N LYS C 198 -14.54 42.49 3.07
CA LYS C 198 -15.78 42.02 2.47
C LYS C 198 -16.39 43.22 1.79
N GLN C 199 -16.32 44.35 2.49
CA GLN C 199 -16.84 45.63 2.03
C GLN C 199 -16.19 46.07 0.74
N ALA C 200 -14.88 45.86 0.61
CA ALA C 200 -14.20 46.24 -0.60
C ALA C 200 -14.76 45.43 -1.73
N ASP C 201 -15.01 44.15 -1.48
CA ASP C 201 -15.59 43.24 -2.47
C ASP C 201 -17.02 43.35 -2.96
N GLU C 202 -17.92 43.48 -2.00
CA GLU C 202 -19.32 43.50 -2.36
C GLU C 202 -19.67 44.76 -3.10
N LEU C 203 -19.11 45.84 -2.59
CA LEU C 203 -19.22 47.13 -3.18
C LEU C 203 -18.43 47.20 -4.50
N GLU C 204 -17.29 46.52 -4.58
CA GLU C 204 -16.48 46.58 -5.80
C GLU C 204 -17.14 45.82 -6.95
N ALA C 205 -18.10 44.96 -6.64
CA ALA C 205 -18.76 44.29 -7.76
C ALA C 205 -19.63 45.22 -8.61
N MET C 206 -20.41 46.13 -8.01
CA MET C 206 -21.22 47.13 -8.74
C MET C 206 -21.55 46.95 -10.24
N MET C 207 -21.58 48.09 -10.92
CA MET C 207 -21.97 48.25 -12.32
C MET C 207 -20.90 47.90 -13.37
N GLN C 208 -19.61 48.15 -13.07
CA GLN C 208 -18.54 47.93 -14.07
C GLN C 208 -18.22 46.43 -14.20
N GLY C 209 -16.97 46.03 -14.00
CA GLY C 209 -16.65 44.63 -13.84
C GLY C 209 -16.30 43.89 -15.13
N ARG C 210 -16.55 42.58 -15.18
CA ARG C 210 -17.07 41.83 -14.03
C ARG C 210 -16.48 40.46 -13.86
N GLY C 211 -16.89 39.57 -14.73
CA GLY C 211 -17.03 38.22 -14.30
C GLY C 211 -18.46 38.33 -13.85
N PHE C 212 -19.45 38.22 -14.74
CA PHE C 212 -19.46 37.46 -16.00
C PHE C 212 -18.87 36.09 -15.73
N GLY C 213 -18.11 35.51 -16.66
CA GLY C 213 -17.55 34.17 -16.45
C GLY C 213 -16.03 34.14 -16.36
N LEU C 214 -15.52 33.34 -15.42
CA LEU C 214 -14.07 33.18 -15.30
C LEU C 214 -13.70 32.57 -16.62
N HIS C 215 -12.63 33.02 -17.24
CA HIS C 215 -12.32 32.53 -18.56
C HIS C 215 -12.12 31.02 -18.39
N PRO C 216 -12.61 30.21 -19.34
CA PRO C 216 -12.58 28.74 -19.23
C PRO C 216 -11.17 28.17 -19.02
N ALA C 217 -10.16 28.84 -19.56
CA ALA C 217 -8.78 28.42 -19.39
C ALA C 217 -8.32 28.52 -17.92
N VAL C 218 -8.61 29.65 -17.25
CA VAL C 218 -8.29 29.83 -15.82
C VAL C 218 -8.96 28.77 -14.96
N CYS C 219 -10.26 28.58 -15.20
CA CYS C 219 -11.01 27.53 -14.53
C CYS C 219 -10.39 26.15 -14.70
N LEU C 220 -9.99 25.88 -15.94
CA LEU C 220 -9.37 24.61 -16.28
C LEU C 220 -8.08 24.43 -15.47
N ALA C 221 -7.31 25.50 -15.38
CA ALA C 221 -6.09 25.55 -14.57
C ALA C 221 -6.40 25.20 -13.13
N ILE C 222 -7.42 25.84 -12.56
CA ILE C 222 -7.84 25.54 -11.19
C ILE C 222 -8.17 24.08 -11.04
N ARG C 223 -8.73 23.49 -12.10
CA ARG C 223 -9.16 22.10 -12.04
C ARG C 223 -7.95 21.18 -12.01
N VAL C 224 -7.15 21.19 -13.06
CA VAL C 224 -6.09 20.19 -13.10
C VAL C 224 -4.98 20.48 -12.07
N ASN C 225 -4.81 21.74 -11.67
CA ASN C 225 -3.79 22.09 -10.68
C ASN C 225 -4.22 21.86 -9.23
N THR C 226 -5.51 21.84 -8.94
CA THR C 226 -5.87 21.52 -7.57
C THR C 226 -6.29 20.05 -7.47
N PHE C 227 -6.14 19.33 -8.58
CA PHE C 227 -6.45 17.90 -8.65
C PHE C 227 -7.91 17.59 -8.42
N LEU C 228 -8.78 18.31 -9.11
CA LEU C 228 -10.22 18.08 -8.98
C LEU C 228 -10.73 17.07 -10.01
N SER C 229 -11.40 16.05 -9.50
CA SER C 229 -12.08 15.06 -10.33
C SER C 229 -13.21 15.72 -11.07
N CYS C 230 -13.47 15.28 -12.30
CA CYS C 230 -14.52 15.86 -13.11
C CYS C 230 -15.87 15.88 -12.41
N SER C 231 -16.20 14.78 -11.75
CA SER C 231 -17.44 14.68 -11.01
C SER C 231 -17.39 15.55 -9.76
N GLN C 232 -16.22 15.61 -9.13
CA GLN C 232 -16.01 16.49 -7.97
C GLN C 232 -16.13 17.95 -8.38
N TYR C 233 -15.51 18.27 -9.51
CA TYR C 233 -15.54 19.62 -10.03
C TYR C 233 -16.96 20.03 -10.35
N HIS C 234 -17.61 19.25 -11.20
CA HIS C 234 -19.01 19.44 -11.56
C HIS C 234 -19.90 19.59 -10.33
N LYS C 235 -19.59 18.81 -9.30
CA LYS C 235 -20.22 18.95 -8.00
C LYS C 235 -20.12 20.38 -7.51
N MET C 236 -18.88 20.85 -7.44
CA MET C 236 -18.63 22.22 -7.02
C MET C 236 -19.39 23.26 -7.87
N TYR C 237 -19.34 23.07 -9.19
CA TYR C 237 -20.01 23.93 -10.15
C TYR C 237 -21.50 24.05 -9.86
N ARG C 238 -22.15 22.90 -9.76
CA ARG C 238 -23.56 22.85 -9.44
C ARG C 238 -23.85 23.58 -8.14
N THR C 239 -23.04 23.29 -7.13
CA THR C 239 -23.28 23.88 -5.81
C THR C 239 -23.13 25.41 -5.80
N VAL C 240 -22.03 25.93 -6.36
CA VAL C 240 -21.79 27.39 -6.37
C VAL C 240 -22.81 28.09 -7.27
N LYS C 241 -23.31 27.38 -8.28
CA LYS C 241 -24.27 27.95 -9.23
C LYS C 241 -25.67 28.07 -8.64
N ALA C 242 -26.13 27.03 -7.93
CA ALA C 242 -27.47 27.06 -7.34
C ALA C 242 -27.59 28.10 -6.22
N THR C 243 -26.55 28.22 -5.39
CA THR C 243 -26.54 29.19 -4.30
C THR C 243 -25.93 30.50 -4.77
N SER C 244 -26.72 31.56 -4.72
CA SER C 244 -26.29 32.93 -5.05
C SER C 244 -25.94 33.09 -6.53
N GLY C 245 -25.96 32.00 -7.30
CA GLY C 245 -25.53 32.02 -8.68
C GLY C 245 -26.47 32.68 -9.69
N ARG C 246 -25.97 33.52 -10.61
CA ARG C 246 -24.60 34.07 -10.70
C ARG C 246 -23.52 32.96 -10.72
N GLN C 247 -23.62 32.03 -11.67
CA GLN C 247 -22.65 30.95 -11.73
C GLN C 247 -21.31 31.55 -12.11
N ILE C 248 -20.26 31.07 -11.46
CA ILE C 248 -18.93 31.59 -11.73
C ILE C 248 -18.20 30.66 -12.64
N PHE C 249 -17.96 29.45 -12.16
CA PHE C 249 -17.23 28.43 -12.89
C PHE C 249 -17.89 28.10 -14.22
N GLN C 250 -17.05 27.75 -15.20
CA GLN C 250 -17.57 27.35 -16.50
C GLN C 250 -17.91 25.86 -16.47
N PRO C 251 -18.95 25.45 -17.19
CA PRO C 251 -19.45 24.08 -17.25
C PRO C 251 -18.43 23.12 -17.87
N LEU C 252 -18.67 21.82 -17.75
CA LEU C 252 -17.69 20.85 -18.25
C LEU C 252 -17.47 20.94 -19.76
N HIS C 253 -18.55 20.90 -20.55
CA HIS C 253 -18.42 20.83 -22.01
C HIS C 253 -17.55 21.96 -22.59
N THR C 254 -17.60 23.14 -21.99
CA THR C 254 -16.78 24.28 -22.44
C THR C 254 -15.30 24.09 -22.06
N LEU C 255 -15.03 23.37 -20.97
CA LEU C 255 -13.66 22.99 -20.59
C LEU C 255 -13.12 21.93 -21.55
N ARG C 256 -13.98 20.98 -21.90
CA ARG C 256 -13.62 19.87 -22.79
C ARG C 256 -13.10 20.37 -24.12
N ASN C 257 -13.74 21.39 -24.68
CA ASN C 257 -13.26 21.95 -25.93
C ASN C 257 -12.25 23.09 -25.67
N ALA C 258 -11.98 23.38 -24.40
CA ALA C 258 -11.01 24.43 -24.03
C ALA C 258 -9.55 23.97 -24.07
N GLU C 259 -9.30 22.70 -23.76
CA GLU C 259 -7.94 22.18 -23.68
C GLU C 259 -7.45 21.63 -25.01
N LYS C 260 -8.35 21.59 -26.00
CA LYS C 260 -8.07 21.05 -27.33
C LYS C 260 -6.78 21.63 -27.89
N GLU C 261 -6.49 22.85 -27.44
CA GLU C 261 -5.25 23.55 -27.76
C GLU C 261 -4.05 22.97 -27.01
N LEU C 262 -4.19 22.79 -25.70
CA LEU C 262 -3.06 22.45 -24.82
C LEU C 262 -2.51 21.05 -25.10
N LEU C 263 -3.37 20.14 -25.55
CA LEU C 263 -2.94 18.81 -25.95
C LEU C 263 -2.16 18.79 -27.26
N PRO C 264 -1.45 17.69 -27.52
CA PRO C 264 -0.78 17.49 -28.79
C PRO C 264 -1.79 17.24 -29.92
N GLY C 265 -1.34 17.39 -31.15
CA GLY C 265 -2.16 17.23 -32.34
C GLY C 265 -3.06 18.42 -32.54
N PHE C 266 -2.51 19.61 -32.32
CA PHE C 266 -3.24 20.84 -32.55
C PHE C 266 -2.45 21.85 -33.37
N HIS C 267 -1.34 22.31 -32.82
CA HIS C 267 -0.52 23.31 -33.49
C HIS C 267 0.19 22.71 -34.70
N GLN C 268 0.19 23.43 -35.80
CA GLN C 268 0.84 22.95 -37.03
C GLN C 268 2.36 23.14 -36.99
N PHE C 269 3.08 22.16 -37.53
CA PHE C 269 4.53 22.17 -37.55
C PHE C 269 5.03 21.38 -38.74
N GLU C 270 6.30 21.56 -39.09
CA GLU C 270 6.90 20.66 -40.07
C GLU C 270 8.41 20.53 -39.93
N TRP C 271 8.93 19.36 -40.29
CA TRP C 271 10.36 19.13 -40.21
C TRP C 271 11.06 19.37 -41.53
N GLN C 272 12.29 19.92 -41.48
CA GLN C 272 13.12 19.81 -42.67
C GLN C 272 14.57 19.46 -42.28
N PRO C 273 15.18 18.55 -43.04
CA PRO C 273 14.50 17.75 -44.07
C PRO C 273 13.48 16.78 -43.45
N ALA C 274 12.49 16.35 -44.22
CA ALA C 274 11.39 15.54 -43.70
C ALA C 274 11.89 14.29 -42.96
N LEU C 275 11.26 13.99 -41.84
CA LEU C 275 11.69 12.88 -41.01
C LEU C 275 11.63 11.55 -41.73
N LYS C 276 12.52 10.66 -41.33
CA LYS C 276 12.60 9.33 -41.91
C LYS C 276 11.68 8.37 -41.18
N ASN C 277 10.95 7.58 -41.96
CA ASN C 277 10.13 6.50 -41.43
C ASN C 277 9.04 6.97 -40.45
N VAL C 278 8.65 8.24 -40.56
CA VAL C 278 7.59 8.81 -39.75
C VAL C 278 6.56 9.49 -40.67
N SER C 279 5.28 9.34 -40.34
CA SER C 279 4.21 9.97 -41.13
C SER C 279 4.29 11.50 -41.05
N THR C 280 3.71 12.18 -42.05
CA THR C 280 3.74 13.63 -42.08
C THR C 280 2.51 14.28 -41.45
N SER C 281 1.57 13.45 -40.99
CA SER C 281 0.33 13.93 -40.38
C SER C 281 0.60 14.47 -38.99
N TRP C 282 0.25 15.73 -38.78
CA TRP C 282 0.53 16.39 -37.51
C TRP C 282 -0.68 16.42 -36.58
N ASP C 283 -1.82 15.87 -37.00
CA ASP C 283 -3.04 16.00 -36.18
C ASP C 283 -3.25 14.83 -35.23
N VAL C 284 -2.32 13.88 -35.19
CA VAL C 284 -2.51 12.67 -34.38
C VAL C 284 -2.31 12.93 -32.87
N GLY C 285 -3.35 12.60 -32.11
CA GLY C 285 -3.39 12.78 -30.67
C GLY C 285 -2.91 11.51 -30.00
N ILE C 286 -3.51 11.18 -28.86
CA ILE C 286 -3.17 9.96 -28.13
C ILE C 286 -3.35 8.73 -29.03
N ILE C 287 -2.29 7.96 -29.17
CA ILE C 287 -2.24 6.79 -30.04
C ILE C 287 -2.06 5.56 -29.16
N ASP C 288 -2.81 4.49 -29.42
CA ASP C 288 -2.53 3.22 -28.74
C ASP C 288 -1.11 2.75 -29.10
N GLY C 289 -0.27 2.51 -28.10
CA GLY C 289 1.15 2.33 -28.35
C GLY C 289 1.52 0.98 -28.93
N LEU C 290 0.57 0.05 -28.93
CA LEU C 290 0.74 -1.27 -29.52
C LEU C 290 1.21 -1.06 -30.95
N SER C 291 0.70 0.00 -31.57
CA SER C 291 1.21 0.49 -32.85
C SER C 291 1.10 -0.55 -33.96
N GLY C 292 -0.07 -1.15 -34.09
CA GLY C 292 -0.35 -2.01 -35.23
C GLY C 292 -0.01 -3.48 -35.07
N TRP C 293 0.13 -3.95 -33.83
CA TRP C 293 0.27 -5.39 -33.58
C TRP C 293 -0.93 -6.19 -34.05
N THR C 294 -0.69 -7.17 -34.91
CA THR C 294 -1.77 -7.89 -35.57
C THR C 294 -2.59 -8.75 -34.62
N VAL C 295 -2.02 -8.99 -33.44
CA VAL C 295 -2.68 -9.67 -32.32
C VAL C 295 -3.28 -11.02 -32.71
N SER C 296 -2.72 -11.62 -33.76
CA SER C 296 -3.09 -12.96 -34.11
C SER C 296 -2.65 -13.92 -33.00
N VAL C 297 -3.46 -14.96 -32.76
CA VAL C 297 -3.20 -15.94 -31.72
C VAL C 297 -1.90 -16.68 -32.01
N ASP C 298 -1.66 -16.92 -33.29
CA ASP C 298 -0.55 -17.75 -33.73
C ASP C 298 0.77 -17.10 -33.43
N ASP C 299 0.81 -15.77 -33.58
CA ASP C 299 2.02 -14.99 -33.32
C ASP C 299 2.31 -14.84 -31.83
N VAL C 300 3.40 -14.11 -31.51
CA VAL C 300 3.68 -13.73 -30.13
C VAL C 300 2.56 -12.78 -29.68
N PRO C 301 1.81 -13.19 -28.64
CA PRO C 301 0.61 -12.49 -28.19
C PRO C 301 0.88 -11.05 -27.80
N ALA C 302 -0.16 -10.23 -27.91
CA ALA C 302 -0.08 -8.87 -27.43
C ALA C 302 -0.77 -8.83 -26.07
N ASP C 303 0.04 -8.79 -25.00
CA ASP C 303 -0.47 -8.79 -23.63
C ASP C 303 -0.46 -7.40 -22.98
N THR C 304 -0.05 -6.39 -23.75
CA THR C 304 0.20 -5.10 -23.15
C THR C 304 -0.69 -3.99 -23.68
N ILE C 305 -1.26 -3.20 -22.78
CA ILE C 305 -1.98 -1.98 -23.11
C ILE C 305 -1.00 -0.80 -22.98
N SER C 306 -1.05 0.15 -23.89
CA SER C 306 -0.20 1.33 -23.80
C SER C 306 -0.83 2.47 -24.55
N ARG C 307 -0.41 3.68 -24.23
CA ARG C 307 -0.81 4.86 -24.99
C ARG C 307 0.40 5.75 -25.08
N ARG C 308 0.61 6.33 -26.25
CA ARG C 308 1.70 7.26 -26.42
C ARG C 308 1.35 8.34 -27.41
N PHE C 309 1.87 9.53 -27.17
CA PHE C 309 1.85 10.56 -28.17
C PHE C 309 2.89 10.18 -29.22
N ARG C 310 2.67 10.57 -30.47
CA ARG C 310 3.74 10.44 -31.45
C ARG C 310 4.76 11.47 -30.99
N TYR C 311 5.99 11.03 -30.78
CA TYR C 311 7.03 11.80 -30.05
C TYR C 311 7.18 13.25 -30.49
N ASP C 312 7.33 13.42 -31.80
CA ASP C 312 7.49 14.74 -32.40
C ASP C 312 6.35 15.71 -32.04
N VAL C 313 5.11 15.22 -32.07
CA VAL C 313 3.91 16.04 -31.81
C VAL C 313 3.92 16.52 -30.35
N ALA C 314 4.18 15.59 -29.43
CA ALA C 314 4.36 15.91 -28.02
C ALA C 314 5.42 17.00 -27.85
N LEU C 315 6.50 16.87 -28.61
CA LEU C 315 7.54 17.89 -28.58
C LEU C 315 7.07 19.27 -28.99
N VAL C 316 6.48 19.38 -30.18
CA VAL C 316 6.07 20.68 -30.69
C VAL C 316 4.99 21.30 -29.80
N SER C 317 4.22 20.47 -29.09
CA SER C 317 3.21 21.00 -28.18
C SER C 317 3.88 21.54 -26.92
N ALA C 318 4.84 20.80 -26.39
CA ALA C 318 5.61 21.25 -25.24
C ALA C 318 6.26 22.59 -25.51
N LEU C 319 6.89 22.66 -26.68
CA LEU C 319 7.66 23.84 -26.98
C LEU C 319 6.73 25.01 -27.35
N LYS C 320 5.68 24.71 -28.10
CA LYS C 320 4.64 25.71 -28.40
C LYS C 320 4.01 26.26 -27.12
N ASP C 321 4.06 25.47 -26.05
CA ASP C 321 3.62 25.91 -24.74
C ASP C 321 4.70 26.76 -24.04
N LEU C 322 5.96 26.53 -24.41
CA LEU C 322 7.05 27.37 -23.89
C LEU C 322 7.23 28.65 -24.70
N GLU C 323 6.38 28.83 -25.70
CA GLU C 323 6.37 30.04 -26.52
C GLU C 323 6.43 31.31 -25.67
N GLU C 324 5.57 31.38 -24.67
CA GLU C 324 5.49 32.55 -23.78
C GLU C 324 6.83 32.88 -23.12
N ASP C 325 7.40 31.88 -22.44
CA ASP C 325 8.63 32.05 -21.66
C ASP C 325 9.86 32.32 -22.55
N ILE C 326 9.88 31.75 -23.75
CA ILE C 326 11.02 32.01 -24.66
C ILE C 326 10.87 33.39 -25.32
N MET C 327 9.65 33.87 -25.50
CA MET C 327 9.47 35.25 -25.99
C MET C 327 9.80 36.30 -24.91
N GLU C 328 9.37 36.08 -23.68
CA GLU C 328 9.73 37.00 -22.60
C GLU C 328 11.25 36.94 -22.35
N GLY C 329 11.82 35.73 -22.49
CA GLY C 329 13.26 35.55 -22.35
C GLY C 329 14.02 36.28 -23.44
N LEU C 330 13.58 36.12 -24.69
CA LEU C 330 14.17 36.80 -25.84
C LEU C 330 14.13 38.31 -25.66
N ARG C 331 12.98 38.82 -25.20
CA ARG C 331 12.83 40.25 -24.97
C ARG C 331 13.75 40.73 -23.85
N GLU C 332 13.79 39.98 -22.75
CA GLU C 332 14.71 40.27 -21.65
C GLU C 332 16.15 40.39 -22.15
N ARG C 333 16.53 39.51 -23.06
CA ARG C 333 17.87 39.51 -23.62
C ARG C 333 18.08 40.74 -24.50
N ALA C 334 16.96 41.34 -24.93
CA ALA C 334 16.93 42.44 -25.91
C ALA C 334 17.58 42.02 -27.21
N LEU C 335 17.63 40.71 -27.41
CA LEU C 335 18.05 40.16 -28.68
C LEU C 335 16.85 40.37 -29.58
N ASP C 336 17.06 41.02 -30.72
CA ASP C 336 15.94 41.37 -31.60
C ASP C 336 15.20 40.11 -32.01
N ASP C 337 13.90 40.10 -31.73
CA ASP C 337 13.09 38.88 -31.80
C ASP C 337 12.93 38.38 -33.23
N SER C 338 12.57 39.28 -34.14
CA SER C 338 12.25 38.92 -35.53
C SER C 338 13.47 38.39 -36.30
N MET C 339 14.61 39.07 -36.20
CA MET C 339 15.86 38.58 -36.79
C MET C 339 16.47 37.43 -35.99
N CYS C 340 17.40 36.70 -36.63
CA CYS C 340 18.14 35.58 -36.03
C CYS C 340 17.22 34.56 -35.31
N THR C 341 16.18 34.09 -36.01
CA THR C 341 15.23 33.11 -35.47
C THR C 341 15.48 31.63 -35.78
N SER C 342 16.45 31.32 -36.62
CA SER C 342 16.57 29.94 -37.10
C SER C 342 17.62 29.07 -36.40
N GLY C 343 18.39 29.65 -35.47
CA GLY C 343 19.55 28.97 -34.94
C GLY C 343 19.37 28.33 -33.58
N PHE C 344 18.13 28.01 -33.21
CA PHE C 344 17.86 27.51 -31.86
C PHE C 344 18.41 26.12 -31.62
N THR C 345 18.62 25.85 -30.33
CA THR C 345 19.09 24.56 -29.87
C THR C 345 18.31 24.14 -28.64
N VAL C 346 17.62 23.01 -28.75
CA VAL C 346 16.77 22.55 -27.67
C VAL C 346 17.32 21.28 -27.00
N VAL C 347 17.56 21.35 -25.70
CA VAL C 347 18.13 20.23 -24.95
C VAL C 347 17.05 19.64 -24.06
N VAL C 348 16.69 18.41 -24.42
CA VAL C 348 15.60 17.64 -23.83
C VAL C 348 16.12 16.46 -23.01
N LYS C 349 15.81 16.47 -21.71
CA LYS C 349 16.13 15.34 -20.84
C LYS C 349 14.99 14.36 -20.84
N GLU C 350 15.27 13.12 -21.25
CA GLU C 350 14.23 12.11 -21.24
C GLU C 350 14.58 11.02 -20.25
N SER C 351 13.54 10.42 -19.70
CA SER C 351 13.71 9.48 -18.63
C SER C 351 12.62 8.44 -18.68
N CYS C 352 12.98 7.21 -18.36
CA CYS C 352 12.00 6.14 -18.34
C CYS C 352 12.25 5.27 -17.12
N ASP C 353 11.25 5.12 -16.26
CA ASP C 353 11.44 4.27 -15.10
C ASP C 353 10.19 3.44 -14.76
N GLY C 354 10.41 2.23 -14.27
CA GLY C 354 9.31 1.34 -13.94
C GLY C 354 8.72 1.48 -12.54
N MET C 355 7.54 0.89 -12.38
CA MET C 355 6.84 0.93 -11.12
C MET C 355 6.11 -0.39 -10.82
N GLY C 356 6.30 -0.92 -9.62
CA GLY C 356 5.70 -2.19 -9.25
C GLY C 356 4.27 -2.09 -8.73
N ASP C 357 3.78 -3.19 -8.20
CA ASP C 357 2.57 -3.27 -7.36
C ASP C 357 1.39 -2.37 -7.78
N VAL C 358 1.14 -2.30 -9.09
CA VAL C 358 -0.05 -1.66 -9.63
C VAL C 358 -1.08 -2.75 -9.96
N SER C 359 -2.18 -2.80 -9.21
CA SER C 359 -3.13 -3.91 -9.32
C SER C 359 -3.93 -3.91 -10.62
N GLU C 360 -4.02 -5.08 -11.26
CA GLU C 360 -4.74 -5.18 -12.52
C GLU C 360 -6.25 -4.96 -12.31
N LYS C 361 -6.94 -4.61 -13.39
CA LYS C 361 -8.38 -4.41 -13.38
C LYS C 361 -9.10 -5.64 -13.95
N HIS C 362 -10.29 -5.93 -13.44
CA HIS C 362 -11.05 -7.10 -13.82
C HIS C 362 -11.30 -7.07 -15.34
N GLY C 363 -11.93 -5.98 -15.76
CA GLY C 363 -12.00 -5.56 -17.14
C GLY C 363 -12.45 -6.61 -18.13
N SER C 364 -12.15 -6.36 -19.39
CA SER C 364 -12.45 -7.31 -20.45
C SER C 364 -11.18 -8.04 -20.85
N GLY C 365 -10.26 -7.33 -21.48
CA GLY C 365 -9.00 -7.89 -21.89
C GLY C 365 -8.08 -6.80 -22.39
N PRO C 366 -6.85 -7.16 -22.76
CA PRO C 366 -6.34 -8.53 -22.62
C PRO C 366 -5.68 -8.71 -21.25
N ALA C 367 -5.18 -9.91 -20.96
CA ALA C 367 -4.43 -10.15 -19.72
C ALA C 367 -3.16 -9.29 -19.72
N VAL C 368 -2.89 -8.62 -18.59
CA VAL C 368 -1.70 -7.75 -18.53
C VAL C 368 -1.02 -7.85 -17.17
N PRO C 369 0.33 -7.80 -17.16
CA PRO C 369 1.05 -7.88 -15.87
C PRO C 369 0.77 -6.69 -14.94
N GLU C 370 1.07 -6.84 -13.65
CA GLU C 370 0.81 -5.78 -12.68
C GLU C 370 1.64 -4.51 -12.82
N LYS C 371 2.93 -4.68 -13.04
CA LYS C 371 3.88 -3.56 -13.12
C LYS C 371 3.63 -2.59 -14.27
N ALA C 372 3.81 -1.29 -14.01
CA ALA C 372 3.59 -0.26 -15.04
C ALA C 372 4.81 0.60 -15.28
N VAL C 373 5.10 0.85 -16.55
CA VAL C 373 6.25 1.64 -16.92
C VAL C 373 5.90 2.99 -17.51
N ARG C 374 6.47 4.02 -16.91
CA ARG C 374 6.17 5.38 -17.31
C ARG C 374 7.33 6.03 -18.05
N PHE C 375 7.15 6.25 -19.34
CA PHE C 375 8.17 6.88 -20.19
C PHE C 375 7.85 8.35 -20.36
N SER C 376 8.78 9.22 -19.97
CA SER C 376 8.54 10.67 -20.01
C SER C 376 9.75 11.47 -20.51
N PHE C 377 9.57 12.79 -20.62
CA PHE C 377 10.68 13.72 -20.86
C PHE C 377 10.40 15.09 -20.25
N THR C 378 11.38 15.99 -20.33
CA THR C 378 11.27 17.33 -19.78
C THR C 378 12.19 18.20 -20.63
N ILE C 379 11.83 19.46 -20.88
CA ILE C 379 12.72 20.33 -21.64
C ILE C 379 13.57 21.11 -20.63
N MET C 380 14.86 20.78 -20.61
CA MET C 380 15.81 21.38 -19.68
C MET C 380 16.15 22.79 -20.14
N SER C 381 16.55 22.93 -21.39
CA SER C 381 16.88 24.29 -21.86
C SER C 381 16.62 24.51 -23.34
N ILE C 382 16.50 25.78 -23.73
CA ILE C 382 16.43 26.12 -25.12
C ILE C 382 17.29 27.37 -25.28
N SER C 383 18.21 27.29 -26.24
CA SER C 383 19.22 28.31 -26.46
C SER C 383 19.30 28.76 -27.93
N ILE C 384 20.26 29.63 -28.25
CA ILE C 384 20.43 30.17 -29.60
C ILE C 384 21.91 30.32 -29.95
N ARG C 385 22.23 30.32 -31.24
CA ARG C 385 23.60 30.45 -31.70
C ARG C 385 23.82 31.66 -32.63
N LEU C 386 23.09 31.72 -33.75
CA LEU C 386 23.36 32.67 -34.86
C LEU C 386 23.37 34.14 -34.41
N GLU C 387 24.06 35.03 -35.14
CA GLU C 387 24.55 34.88 -36.53
C GLU C 387 25.68 33.89 -36.80
N GLY C 388 26.39 33.50 -35.75
CA GLY C 388 27.69 32.87 -35.85
C GLY C 388 28.33 33.27 -34.54
N GLU C 389 29.65 33.43 -34.52
CA GLU C 389 30.30 34.05 -33.38
C GLU C 389 30.11 33.27 -32.09
N ASP C 390 29.37 33.91 -31.20
CA ASP C 390 29.28 33.57 -29.80
C ASP C 390 28.51 32.25 -29.59
N ASP C 391 29.30 31.21 -29.28
CA ASP C 391 28.93 30.05 -28.46
C ASP C 391 27.60 29.43 -28.84
N GLY C 392 26.77 29.24 -27.81
CA GLY C 392 25.34 29.11 -27.93
C GLY C 392 24.84 29.94 -26.76
N ILE C 393 23.63 30.46 -26.87
CA ILE C 393 23.17 31.45 -25.90
C ILE C 393 21.89 31.02 -25.21
N THR C 394 21.97 30.81 -23.91
CA THR C 394 20.80 30.31 -23.21
C THR C 394 19.70 31.34 -23.32
N ILE C 395 18.46 30.85 -23.33
CA ILE C 395 17.27 31.69 -23.26
C ILE C 395 16.44 31.17 -22.13
N PHE C 396 15.97 29.94 -22.28
CA PHE C 396 15.17 29.39 -21.21
C PHE C 396 15.83 28.17 -20.61
N GLN C 397 15.84 28.13 -19.29
CA GLN C 397 16.39 27.00 -18.58
C GLN C 397 15.45 26.67 -17.44
N GLU C 398 15.03 25.42 -17.39
CA GLU C 398 14.09 24.97 -16.38
C GLU C 398 14.70 25.25 -15.00
N GLN C 399 13.97 25.98 -14.16
CA GLN C 399 14.51 26.46 -12.89
C GLN C 399 14.50 25.38 -11.78
N LYS C 400 13.56 24.45 -11.87
CA LYS C 400 13.43 23.38 -10.89
C LYS C 400 13.08 22.06 -11.61
N PRO C 401 14.07 21.44 -12.29
CA PRO C 401 13.84 20.28 -13.15
C PRO C 401 13.31 19.07 -12.40
N ASN C 402 13.73 18.94 -11.16
CA ASN C 402 13.33 17.85 -10.29
C ASN C 402 11.82 17.84 -9.95
N SER C 403 11.19 19.02 -10.03
CA SER C 403 9.77 19.15 -9.69
C SER C 403 8.95 18.20 -10.54
N GLU C 404 7.90 17.65 -9.98
CA GLU C 404 7.02 16.81 -10.76
C GLU C 404 6.10 17.67 -11.61
N LEU C 405 6.17 18.98 -11.36
CA LEU C 405 5.40 19.96 -12.14
C LEU C 405 5.80 19.96 -13.58
N SER C 406 7.10 19.89 -13.84
CA SER C 406 7.53 19.61 -15.20
C SER C 406 8.19 18.25 -15.31
N CYS C 407 7.37 17.27 -15.69
CA CYS C 407 7.78 16.01 -16.30
C CYS C 407 6.68 15.66 -17.30
N ARG C 408 7.00 15.55 -18.59
CA ARG C 408 5.99 15.34 -19.62
C ARG C 408 5.86 13.86 -19.94
N PRO C 409 4.75 13.22 -19.50
CA PRO C 409 4.60 11.80 -19.81
C PRO C 409 4.46 11.62 -21.30
N LEU C 410 4.95 10.52 -21.83
CA LEU C 410 4.85 10.28 -23.27
C LEU C 410 4.28 8.89 -23.51
N CYS C 411 5.00 7.86 -23.10
CA CYS C 411 4.50 6.49 -23.27
C CYS C 411 4.10 5.89 -21.94
N LEU C 412 2.86 5.44 -21.84
CA LEU C 412 2.39 4.83 -20.62
C LEU C 412 2.06 3.37 -20.90
N MET C 413 2.66 2.46 -20.14
CA MET C 413 2.47 1.03 -20.40
C MET C 413 2.19 0.22 -19.14
N PHE C 414 1.64 -0.99 -19.31
CA PHE C 414 1.69 -2.00 -18.26
C PHE C 414 2.63 -3.07 -18.77
N VAL C 415 3.84 -3.07 -18.25
CA VAL C 415 4.89 -3.97 -18.70
C VAL C 415 5.76 -4.30 -17.50
N ASP C 416 6.23 -5.54 -17.40
CA ASP C 416 7.21 -5.88 -16.39
C ASP C 416 8.57 -5.46 -16.94
N GLU C 417 9.36 -4.79 -16.10
CA GLU C 417 10.69 -4.37 -16.49
C GLU C 417 11.57 -5.52 -16.95
N SER C 418 11.29 -6.70 -16.42
CA SER C 418 12.11 -7.90 -16.65
C SER C 418 12.02 -8.43 -18.08
N ASP C 419 10.81 -8.51 -18.64
CA ASP C 419 10.67 -8.98 -20.00
C ASP C 419 11.12 -7.90 -20.99
N HIS C 420 12.09 -8.29 -21.79
CA HIS C 420 12.72 -7.36 -22.69
C HIS C 420 11.89 -7.29 -23.97
N GLU C 421 11.38 -8.44 -24.39
CA GLU C 421 10.67 -8.64 -25.65
C GLU C 421 9.63 -7.56 -25.87
N THR C 422 8.72 -7.48 -24.92
CA THR C 422 7.62 -6.55 -24.98
C THR C 422 8.07 -5.10 -24.79
N LEU C 423 8.97 -4.88 -23.85
CA LEU C 423 9.48 -3.54 -23.58
C LEU C 423 10.05 -2.90 -24.86
N THR C 424 10.85 -3.68 -25.59
CA THR C 424 11.43 -3.20 -26.84
C THR C 424 10.41 -3.15 -27.95
N ALA C 425 9.44 -4.05 -27.90
CA ALA C 425 8.37 -4.03 -28.88
C ALA C 425 7.58 -2.71 -28.84
N ILE C 426 7.24 -2.22 -27.64
CA ILE C 426 6.47 -0.96 -27.50
C ILE C 426 7.35 0.29 -27.59
N LEU C 427 8.54 0.24 -26.99
CA LEU C 427 9.45 1.39 -27.02
C LEU C 427 10.29 1.49 -28.27
N GLY C 428 10.11 0.53 -29.18
CA GLY C 428 10.85 0.54 -30.43
C GLY C 428 10.57 1.74 -31.32
N PRO C 429 9.30 1.95 -31.68
CA PRO C 429 8.91 3.12 -32.47
C PRO C 429 9.41 4.44 -31.89
N VAL C 430 9.24 4.63 -30.59
CA VAL C 430 9.65 5.87 -29.90
C VAL C 430 11.16 6.19 -30.12
N VAL C 431 12.01 5.22 -29.82
CA VAL C 431 13.44 5.34 -30.13
C VAL C 431 13.68 5.64 -31.60
N ALA C 432 12.97 4.95 -32.50
CA ALA C 432 13.09 5.20 -33.95
C ALA C 432 12.82 6.66 -34.35
N GLU C 433 11.78 7.28 -33.79
CA GLU C 433 11.54 8.69 -34.08
C GLU C 433 12.66 9.53 -33.47
N ARG C 434 13.16 9.15 -32.30
CA ARG C 434 14.28 9.93 -31.75
C ARG C 434 15.53 9.97 -32.65
N LYS C 435 16.06 8.79 -32.99
CA LYS C 435 17.29 8.73 -33.78
C LYS C 435 17.03 9.19 -35.22
N ALA C 436 15.77 9.17 -35.67
CA ALA C 436 15.44 9.75 -36.98
C ALA C 436 15.37 11.28 -36.89
N MET C 437 15.02 11.77 -35.69
CA MET C 437 14.76 13.18 -35.44
C MET C 437 16.03 14.02 -35.17
N MET C 438 17.04 13.39 -34.57
CA MET C 438 18.30 14.09 -34.26
C MET C 438 18.93 14.80 -35.46
N GLU C 439 18.64 14.27 -36.64
CA GLU C 439 19.19 14.77 -37.89
C GLU C 439 18.47 16.02 -38.38
N SER C 440 17.14 15.98 -38.30
CA SER C 440 16.32 17.01 -38.90
C SER C 440 16.01 18.13 -37.92
N ARG C 441 15.95 19.35 -38.44
CA ARG C 441 15.63 20.48 -37.61
C ARG C 441 14.14 20.83 -37.75
N LEU C 442 13.54 21.24 -36.64
CA LEU C 442 12.11 21.53 -36.56
C LEU C 442 11.78 22.93 -37.08
N ILE C 443 10.57 23.08 -37.65
CA ILE C 443 10.03 24.40 -38.00
C ILE C 443 8.64 24.59 -37.39
N ILE C 444 8.56 25.62 -36.55
CA ILE C 444 7.37 25.98 -35.81
C ILE C 444 6.96 27.40 -36.16
N SER C 445 5.67 27.70 -36.09
CA SER C 445 5.22 29.07 -36.19
C SER C 445 4.96 29.60 -34.78
N VAL C 446 5.82 30.50 -34.33
CA VAL C 446 5.81 30.97 -32.95
C VAL C 446 6.16 32.45 -32.94
N GLY C 447 5.47 33.20 -32.07
CA GLY C 447 5.62 34.64 -32.01
C GLY C 447 5.25 35.32 -33.31
N GLY C 448 4.46 34.62 -34.14
CA GLY C 448 4.06 35.11 -35.45
C GLY C 448 4.95 34.64 -36.59
N LEU C 449 6.17 34.21 -36.27
CA LEU C 449 7.15 33.91 -37.32
C LEU C 449 7.55 32.45 -37.35
N LEU C 450 7.97 32.00 -38.52
CA LEU C 450 8.44 30.64 -38.71
C LEU C 450 9.90 30.53 -38.25
N ARG C 451 10.15 29.70 -37.22
CA ARG C 451 11.48 29.55 -36.66
C ARG C 451 11.88 28.08 -36.51
N SER C 452 13.18 27.84 -36.37
CA SER C 452 13.73 26.50 -36.47
C SER C 452 14.53 26.04 -35.24
N PHE C 453 14.29 24.81 -34.83
CA PHE C 453 14.91 24.27 -33.64
C PHE C 453 15.78 23.06 -33.91
N ARG C 454 16.91 23.01 -33.24
CA ARG C 454 17.68 21.79 -33.19
C ARG C 454 17.41 21.10 -31.86
N PHE C 455 17.30 19.78 -31.88
CA PHE C 455 17.07 19.04 -30.64
C PHE C 455 18.27 18.22 -30.23
N PHE C 456 18.70 18.40 -28.98
CA PHE C 456 19.77 17.56 -28.43
C PHE C 456 19.19 16.72 -27.29
N PHE C 457 19.05 15.41 -27.50
CA PHE C 457 18.46 14.49 -26.53
C PHE C 457 19.47 13.87 -25.59
N ARG C 458 19.28 14.07 -24.28
CA ARG C 458 20.09 13.36 -23.30
C ARG C 458 19.17 12.55 -22.43
N GLY C 459 19.15 11.23 -22.60
CA GLY C 459 18.52 10.41 -21.58
C GLY C 459 19.51 10.33 -20.43
N THR C 460 19.22 11.04 -19.34
CA THR C 460 20.01 10.94 -18.11
C THR C 460 19.32 10.31 -16.90
N GLY C 461 18.02 10.04 -17.03
CA GLY C 461 17.17 9.80 -15.87
C GLY C 461 16.98 8.34 -15.50
N TYR C 462 17.47 7.47 -16.37
CA TYR C 462 17.33 6.04 -16.16
C TYR C 462 18.09 5.57 -14.95
N ASP C 463 17.54 4.59 -14.25
CA ASP C 463 18.22 4.00 -13.12
C ASP C 463 19.31 3.07 -13.66
N GLU C 464 20.25 2.68 -12.81
CA GLU C 464 21.36 1.85 -13.28
C GLU C 464 20.92 0.50 -13.87
N LYS C 465 19.99 -0.17 -13.23
CA LYS C 465 19.54 -1.46 -13.75
C LYS C 465 18.94 -1.35 -15.15
N MET C 466 18.16 -0.29 -15.42
CA MET C 466 17.59 -0.08 -16.77
C MET C 466 18.66 0.29 -17.82
N VAL C 467 19.55 1.21 -17.47
CA VAL C 467 20.67 1.57 -18.34
C VAL C 467 21.35 0.29 -18.78
N ARG C 468 21.66 -0.53 -17.79
CA ARG C 468 22.34 -1.80 -18.04
C ARG C 468 21.53 -2.70 -18.96
N GLU C 469 20.23 -2.82 -18.69
CA GLU C 469 19.42 -3.76 -19.45
C GLU C 469 19.07 -3.30 -20.89
N MET C 470 19.12 -2.00 -21.16
CA MET C 470 18.91 -1.50 -22.53
C MET C 470 20.20 -1.37 -23.27
N GLU C 471 21.30 -1.44 -22.51
CA GLU C 471 22.60 -1.34 -23.10
C GLU C 471 23.22 -2.71 -23.27
N GLY C 472 22.49 -3.74 -22.85
CA GLY C 472 22.98 -5.10 -23.04
C GLY C 472 24.01 -5.56 -22.03
N LEU C 473 24.19 -4.81 -20.94
CA LEU C 473 25.18 -5.17 -19.94
C LEU C 473 24.69 -6.35 -19.09
N GLU C 474 25.53 -6.85 -18.18
CA GLU C 474 25.07 -7.84 -17.22
C GLU C 474 24.75 -7.12 -15.94
N ALA C 475 23.49 -7.16 -15.54
CA ALA C 475 23.08 -6.47 -14.34
C ALA C 475 23.02 -7.46 -13.18
N SER C 476 22.88 -6.90 -11.97
CA SER C 476 23.40 -5.57 -11.71
C SER C 476 24.68 -5.65 -10.88
N GLY C 477 25.01 -6.86 -10.42
CA GLY C 477 26.13 -7.08 -9.52
C GLY C 477 27.28 -7.80 -10.18
N SER C 478 27.28 -7.83 -11.52
CA SER C 478 28.29 -8.57 -12.29
C SER C 478 29.69 -7.99 -12.09
N THR C 479 30.71 -8.78 -12.42
CA THR C 479 32.11 -8.42 -12.18
C THR C 479 32.45 -7.06 -12.81
N TYR C 480 31.74 -6.68 -13.87
CA TYR C 480 32.00 -5.39 -14.52
C TYR C 480 31.01 -4.37 -14.01
N ILE C 481 31.49 -3.50 -13.11
CA ILE C 481 30.59 -2.59 -12.37
C ILE C 481 30.24 -1.33 -13.14
N CYS C 482 31.24 -0.69 -13.70
CA CYS C 482 31.01 0.61 -14.25
C CYS C 482 30.30 0.53 -15.59
N THR C 483 29.18 1.23 -15.66
CA THR C 483 28.52 1.43 -16.93
C THR C 483 29.40 2.35 -17.78
N LEU C 484 30.16 3.23 -17.16
CA LEU C 484 30.96 4.20 -17.89
C LEU C 484 32.41 3.73 -18.15
N CYS C 485 32.85 2.69 -17.44
CA CYS C 485 34.25 2.23 -17.53
C CYS C 485 34.34 0.72 -17.65
N ASP C 486 35.51 0.28 -18.09
CA ASP C 486 35.75 -1.12 -18.33
C ASP C 486 36.28 -1.88 -17.10
N SER C 487 36.40 -1.20 -15.97
CA SER C 487 36.94 -1.84 -14.77
C SER C 487 36.12 -3.00 -14.22
N THR C 488 36.82 -4.06 -13.82
CA THR C 488 36.18 -5.21 -13.19
C THR C 488 35.95 -4.88 -11.72
N ARG C 489 35.42 -5.84 -10.97
CA ARG C 489 35.19 -5.65 -9.54
C ARG C 489 36.49 -5.52 -8.73
N ALA C 490 37.34 -6.52 -8.86
CA ALA C 490 38.56 -6.60 -8.09
C ALA C 490 39.58 -5.53 -8.51
N GLU C 491 39.57 -5.19 -9.81
CA GLU C 491 40.47 -4.16 -10.33
C GLU C 491 40.08 -2.78 -9.79
N ALA C 492 38.79 -2.58 -9.57
CA ALA C 492 38.30 -1.32 -9.01
C ALA C 492 38.38 -1.40 -7.50
N SER C 493 38.90 -2.52 -6.99
CA SER C 493 39.11 -2.64 -5.56
C SER C 493 40.43 -1.97 -5.19
N GLN C 494 41.53 -2.49 -5.72
CA GLN C 494 42.85 -1.92 -5.48
C GLN C 494 42.89 -0.43 -5.84
N ASN C 495 42.56 -0.11 -7.08
CA ASN C 495 42.56 1.28 -7.52
C ASN C 495 41.15 1.80 -7.61
N MET C 496 40.99 3.04 -7.18
CA MET C 496 39.65 3.60 -7.05
C MET C 496 39.49 4.95 -7.73
N VAL C 497 40.21 5.94 -7.21
CA VAL C 497 40.03 7.33 -7.59
C VAL C 497 40.49 7.68 -9.02
N LEU C 498 41.21 6.78 -9.66
CA LEU C 498 41.71 7.04 -11.02
C LEU C 498 41.00 6.18 -12.04
N HIS C 499 40.15 6.80 -12.86
CA HIS C 499 39.47 6.03 -13.89
C HIS C 499 39.13 6.89 -15.08
N SER C 500 38.99 6.25 -16.23
CA SER C 500 38.66 6.96 -17.47
C SER C 500 37.44 6.38 -18.16
N ILE C 501 36.44 7.23 -18.34
CA ILE C 501 35.19 6.85 -18.99
C ILE C 501 35.39 6.42 -20.42
N THR C 502 34.90 5.22 -20.73
CA THR C 502 35.03 4.68 -22.07
C THR C 502 33.66 4.37 -22.63
N ARG C 503 32.91 3.53 -21.93
CA ARG C 503 31.66 3.01 -22.47
C ARG C 503 30.69 4.08 -23.02
N SER C 504 30.32 3.89 -24.28
CA SER C 504 29.42 4.79 -25.02
C SER C 504 28.67 3.92 -26.04
N HIS C 505 27.58 4.44 -26.58
CA HIS C 505 26.67 3.64 -27.40
C HIS C 505 27.33 2.86 -28.57
N ASP C 506 27.88 3.58 -29.55
CA ASP C 506 28.50 2.99 -30.76
C ASP C 506 29.52 1.91 -30.42
N GLU C 507 30.29 2.15 -29.37
CA GLU C 507 31.29 1.21 -28.89
C GLU C 507 30.64 -0.07 -28.38
N ASN C 508 29.56 0.08 -27.63
CA ASN C 508 28.79 -1.08 -27.17
C ASN C 508 28.20 -1.88 -28.32
N LEU C 509 27.75 -1.17 -29.35
CA LEU C 509 27.21 -1.84 -30.55
C LEU C 509 28.30 -2.67 -31.22
N GLU C 510 29.42 -2.02 -31.52
CA GLU C 510 30.52 -2.74 -32.14
C GLU C 510 31.00 -3.89 -31.26
N ARG C 511 30.98 -3.68 -29.95
CA ARG C 511 31.37 -4.70 -28.98
C ARG C 511 30.44 -5.90 -29.00
N TYR C 512 29.14 -5.65 -29.18
CA TYR C 512 28.23 -6.79 -29.36
C TYR C 512 28.54 -7.54 -30.63
N GLU C 513 28.72 -6.82 -31.74
CA GLU C 513 28.99 -7.50 -33.01
C GLU C 513 30.24 -8.37 -32.91
N ILE C 514 31.20 -7.94 -32.10
CA ILE C 514 32.35 -8.79 -31.78
C ILE C 514 31.88 -9.99 -30.96
N TRP C 515 31.10 -9.74 -29.91
CA TRP C 515 30.62 -10.82 -29.04
C TRP C 515 29.90 -11.93 -29.80
N ARG C 516 29.12 -11.55 -30.81
CA ARG C 516 28.35 -12.50 -31.59
C ARG C 516 29.21 -13.13 -32.67
N LYS C 517 29.68 -12.30 -33.59
CA LYS C 517 30.47 -12.74 -34.72
C LYS C 517 31.72 -13.50 -34.30
N ASN C 518 32.39 -13.00 -33.26
CA ASN C 518 33.54 -13.66 -32.61
C ASN C 518 34.64 -14.11 -33.57
N PRO C 519 35.42 -13.15 -34.12
CA PRO C 519 36.48 -13.50 -35.07
C PRO C 519 37.68 -14.20 -34.43
N PHE C 520 37.99 -13.90 -33.17
CA PHE C 520 39.21 -14.40 -32.55
C PHE C 520 39.05 -15.77 -31.88
N SER C 521 37.80 -16.21 -31.73
CA SER C 521 37.45 -17.54 -31.22
C SER C 521 38.00 -17.84 -29.82
N GLU C 522 37.81 -16.90 -28.91
CA GLU C 522 38.12 -17.15 -27.50
C GLU C 522 36.97 -17.91 -26.85
N SER C 523 37.28 -18.64 -25.77
CA SER C 523 36.27 -19.31 -24.97
C SER C 523 35.40 -18.26 -24.28
N ALA C 524 34.22 -18.68 -23.80
CA ALA C 524 33.25 -17.78 -23.19
C ALA C 524 33.86 -16.82 -22.16
N ASP C 525 34.69 -17.35 -21.27
CA ASP C 525 35.34 -16.58 -20.21
C ASP C 525 36.17 -15.45 -20.82
N GLU C 526 37.11 -15.83 -21.68
CA GLU C 526 38.02 -14.89 -22.31
C GLU C 526 37.26 -13.92 -23.23
N LEU C 527 36.22 -14.39 -23.92
CA LEU C 527 35.46 -13.52 -24.82
C LEU C 527 34.74 -12.45 -24.03
N ARG C 528 34.09 -12.87 -22.96
CA ARG C 528 33.47 -11.93 -22.06
C ARG C 528 34.51 -10.98 -21.49
N ASP C 529 35.75 -11.45 -21.38
CA ASP C 529 36.82 -10.54 -21.02
C ASP C 529 37.15 -9.52 -22.12
N ARG C 530 37.10 -9.95 -23.38
CA ARG C 530 37.50 -9.08 -24.50
C ARG C 530 36.53 -7.93 -24.77
N VAL C 531 35.24 -8.20 -24.63
CA VAL C 531 34.21 -7.18 -24.84
C VAL C 531 33.89 -6.44 -23.55
N LYS C 532 34.63 -6.79 -22.49
CA LYS C 532 34.43 -6.23 -21.15
C LYS C 532 32.98 -6.33 -20.67
N GLY C 533 32.32 -7.45 -20.99
CA GLY C 533 31.00 -7.71 -20.50
C GLY C 533 29.87 -6.99 -21.22
N VAL C 534 29.88 -7.00 -22.54
CA VAL C 534 28.66 -6.67 -23.28
C VAL C 534 28.14 -7.97 -23.89
N SER C 535 27.05 -8.51 -23.33
CA SER C 535 26.50 -9.79 -23.79
C SER C 535 25.32 -9.61 -24.75
N ALA C 536 24.89 -8.38 -24.95
CA ALA C 536 23.66 -8.13 -25.69
C ALA C 536 23.70 -6.85 -26.51
N LYS C 537 23.02 -6.88 -27.64
CA LYS C 537 22.93 -5.72 -28.51
C LYS C 537 22.02 -4.68 -27.90
N PRO C 538 22.59 -3.54 -27.54
CA PRO C 538 21.74 -2.46 -27.06
C PRO C 538 20.94 -1.88 -28.19
N PHE C 539 19.79 -1.31 -27.87
CA PHE C 539 19.00 -0.68 -28.90
C PHE C 539 19.02 0.83 -28.71
N MET C 540 18.55 1.29 -27.57
CA MET C 540 18.57 2.71 -27.28
C MET C 540 19.96 3.26 -27.03
N GLU C 541 20.10 4.55 -27.30
CA GLU C 541 21.30 5.29 -27.00
C GLU C 541 21.07 6.03 -25.67
N THR C 542 22.07 6.00 -24.79
CA THR C 542 21.98 6.62 -23.46
C THR C 542 23.27 7.36 -23.13
N GLN C 543 23.15 8.59 -22.66
CA GLN C 543 24.32 9.37 -22.29
C GLN C 543 25.06 8.68 -21.15
N PRO C 544 26.39 8.59 -21.25
CA PRO C 544 27.23 8.04 -20.17
C PRO C 544 27.25 8.97 -18.95
N THR C 545 26.15 9.00 -18.20
CA THR C 545 26.05 9.89 -17.04
C THR C 545 25.53 9.12 -15.83
N LEU C 546 25.63 9.75 -14.66
CA LEU C 546 25.32 9.12 -13.37
C LEU C 546 24.07 9.73 -12.72
N ASP C 547 23.07 8.88 -12.47
CA ASP C 547 21.88 9.24 -11.70
C ASP C 547 22.29 9.70 -10.31
N ALA C 548 21.76 10.83 -9.87
CA ALA C 548 22.13 11.37 -8.56
C ALA C 548 21.40 10.63 -7.43
N LEU C 549 20.09 10.40 -7.62
CA LEU C 549 19.24 9.85 -6.56
C LEU C 549 19.73 8.49 -6.05
N HIS C 550 19.78 7.53 -6.96
CA HIS C 550 20.18 6.16 -6.63
C HIS C 550 21.58 6.18 -6.06
N CYS C 551 22.43 7.06 -6.58
CA CYS C 551 23.78 7.22 -6.04
C CYS C 551 23.74 7.54 -4.54
N ASP C 552 22.89 8.50 -4.19
CA ASP C 552 22.68 8.89 -2.78
C ASP C 552 22.21 7.73 -1.94
N ILE C 553 21.20 7.04 -2.43
CA ILE C 553 20.67 5.91 -1.69
C ILE C 553 21.69 4.77 -1.55
N GLY C 554 22.49 4.53 -2.58
CA GLY C 554 23.53 3.50 -2.57
C GLY C 554 24.58 3.74 -1.51
N ASN C 555 25.16 4.94 -1.53
CA ASN C 555 26.13 5.29 -0.50
C ASN C 555 25.53 5.33 0.89
N ALA C 556 24.30 5.80 1.00
CA ALA C 556 23.63 5.82 2.30
C ALA C 556 23.51 4.41 2.89
N THR C 557 23.12 3.45 2.05
CA THR C 557 22.92 2.06 2.52
C THR C 557 24.27 1.38 2.79
N GLU C 558 25.32 1.81 2.08
CA GLU C 558 26.65 1.27 2.33
C GLU C 558 27.11 1.77 3.71
N PHE C 559 26.92 3.05 3.99
CA PHE C 559 27.30 3.60 5.30
C PHE C 559 26.48 3.03 6.41
N TYR C 560 25.24 2.69 6.10
CA TYR C 560 24.38 2.03 7.06
C TYR C 560 24.94 0.69 7.44
N LYS C 561 25.41 -0.02 6.42
CA LYS C 561 26.03 -1.31 6.65
C LYS C 561 27.34 -1.13 7.45
N ILE C 562 28.16 -0.16 7.09
CA ILE C 562 29.39 0.08 7.84
C ILE C 562 29.07 0.36 9.31
N PHE C 563 28.06 1.20 9.56
CA PHE C 563 27.58 1.45 10.92
C PHE C 563 27.27 0.15 11.62
N GLN C 564 26.42 -0.66 10.98
CA GLN C 564 26.04 -1.94 11.54
C GLN C 564 27.25 -2.76 11.94
N ASP C 565 28.31 -2.71 11.14
CA ASP C 565 29.50 -3.51 11.41
C ASP C 565 30.36 -2.91 12.53
N GLU C 566 30.28 -1.60 12.69
CA GLU C 566 31.07 -0.91 13.73
C GLU C 566 30.42 -0.97 15.10
N ILE C 567 29.11 -1.21 15.14
CA ILE C 567 28.41 -1.35 16.41
C ILE C 567 29.03 -2.51 17.20
N GLY C 568 29.02 -3.70 16.61
CA GLY C 568 29.80 -4.80 17.14
C GLY C 568 31.20 -4.60 16.62
N GLU C 569 32.11 -5.48 16.98
CA GLU C 569 33.46 -5.42 16.41
C GLU C 569 33.63 -6.50 15.33
N VAL C 570 33.62 -6.06 14.08
CA VAL C 570 33.76 -6.95 12.93
C VAL C 570 35.22 -7.27 12.61
N TYR C 571 36.08 -6.26 12.65
CA TYR C 571 37.49 -6.45 12.28
C TYR C 571 38.21 -7.18 13.41
N GLN C 572 37.63 -7.15 14.62
CA GLN C 572 38.15 -7.92 15.76
C GLN C 572 37.79 -9.40 15.66
N LYS C 573 36.51 -9.71 15.45
CA LYS C 573 36.14 -11.08 15.07
C LYS C 573 35.49 -11.05 13.67
N PRO C 574 36.20 -11.62 12.68
CA PRO C 574 35.87 -11.48 11.24
C PRO C 574 34.63 -12.27 10.82
N ASN C 575 34.23 -13.24 11.63
CA ASN C 575 33.15 -14.16 11.24
C ASN C 575 31.98 -14.08 12.21
N PRO C 576 31.12 -13.04 12.06
CA PRO C 576 30.00 -12.78 12.98
C PRO C 576 28.84 -13.75 12.76
N SER C 577 28.20 -14.15 13.86
CA SER C 577 27.01 -15.00 13.80
C SER C 577 25.80 -14.22 13.29
N ARG C 578 24.83 -14.95 12.76
CA ARG C 578 23.61 -14.35 12.23
C ARG C 578 22.78 -13.65 13.29
N GLU C 579 22.71 -14.29 14.45
CA GLU C 579 21.90 -13.77 15.52
C GLU C 579 22.45 -12.40 15.90
N GLU C 580 23.78 -12.30 15.98
CA GLU C 580 24.43 -11.03 16.27
C GLU C 580 24.23 -10.03 15.14
N ARG C 581 24.02 -10.54 13.94
CA ARG C 581 23.79 -9.67 12.80
C ARG C 581 22.49 -8.90 13.03
N ARG C 582 21.45 -9.64 13.40
CA ARG C 582 20.18 -8.98 13.78
C ARG C 582 20.29 -8.13 15.04
N ARG C 583 20.97 -8.62 16.05
CA ARG C 583 21.18 -7.84 17.26
C ARG C 583 21.82 -6.47 17.01
N TRP C 584 22.78 -6.45 16.10
CA TRP C 584 23.42 -5.21 15.68
C TRP C 584 22.44 -4.30 14.93
N ARG C 585 21.59 -4.91 14.13
CA ARG C 585 20.61 -4.08 13.44
C ARG C 585 19.61 -3.47 14.42
N SER C 586 19.19 -4.27 15.38
CA SER C 586 18.23 -3.87 16.40
C SER C 586 18.72 -2.72 17.29
N THR C 587 19.97 -2.77 17.73
CA THR C 587 20.49 -1.67 18.53
C THR C 587 20.79 -0.44 17.68
N LEU C 588 21.22 -0.65 16.44
CA LEU C 588 21.46 0.50 15.57
C LEU C 588 20.15 1.28 15.35
N ASP C 589 19.08 0.60 14.96
CA ASP C 589 17.79 1.27 14.76
C ASP C 589 17.15 1.80 16.06
N LYS C 590 17.39 1.12 17.19
CA LYS C 590 17.07 1.70 18.51
C LYS C 590 17.67 3.09 18.65
N GLN C 591 18.98 3.15 18.43
CA GLN C 591 19.70 4.41 18.52
C GLN C 591 19.10 5.45 17.58
N LEU C 592 18.99 5.09 16.30
CA LEU C 592 18.48 6.06 15.31
C LEU C 592 17.03 6.48 15.56
N ARG C 593 16.31 5.74 16.41
CA ARG C 593 15.04 6.24 16.95
C ARG C 593 15.22 7.23 18.10
N LYS C 594 16.01 6.86 19.09
CA LYS C 594 16.12 7.67 20.29
C LYS C 594 16.72 9.03 19.94
N LYS C 595 17.73 9.01 19.07
CA LYS C 595 18.33 10.22 18.55
C LYS C 595 18.09 10.25 17.05
N MET C 596 18.09 11.44 16.46
CA MET C 596 17.84 11.66 15.03
C MET C 596 16.39 11.41 14.59
N LYS C 597 15.58 10.85 15.48
CA LYS C 597 14.16 10.61 15.23
C LYS C 597 13.89 9.86 13.94
N LEU C 598 14.57 8.72 13.77
CA LEU C 598 14.45 7.91 12.57
C LEU C 598 13.93 6.51 12.81
N LYS C 599 13.15 5.98 11.86
CA LYS C 599 12.59 4.64 12.02
C LYS C 599 12.96 3.73 10.87
N PRO C 600 13.23 2.43 11.19
CA PRO C 600 13.76 1.48 10.21
C PRO C 600 12.92 1.37 8.95
N VAL C 601 13.60 1.01 7.86
CA VAL C 601 12.99 0.90 6.55
C VAL C 601 13.38 -0.43 5.91
N MET C 602 12.54 -0.90 4.99
CA MET C 602 12.79 -2.16 4.31
C MET C 602 13.72 -1.88 3.15
N ARG C 603 13.24 -1.00 2.28
CA ARG C 603 13.95 -0.45 1.16
C ARG C 603 14.22 0.95 1.69
N MET C 604 15.38 1.53 1.43
CA MET C 604 15.63 2.82 2.03
C MET C 604 15.37 3.99 1.09
N ASN C 605 14.38 4.80 1.42
CA ASN C 605 14.10 5.99 0.62
C ASN C 605 15.20 7.01 0.81
N GLY C 606 15.30 7.91 -0.16
CA GLY C 606 16.35 8.91 -0.16
C GLY C 606 16.16 9.92 0.95
N ASN C 607 14.94 10.02 1.49
CA ASN C 607 14.69 10.95 2.59
C ASN C 607 15.40 10.49 3.88
N TYR C 608 15.24 9.21 4.22
CA TYR C 608 15.95 8.63 5.35
C TYR C 608 17.47 8.57 5.05
N ALA C 609 17.81 8.76 3.78
CA ALA C 609 19.21 8.89 3.37
C ALA C 609 19.72 10.30 3.65
N ARG C 610 18.86 11.30 3.51
CA ARG C 610 19.26 12.66 3.83
C ARG C 610 19.36 12.87 5.34
N ARG C 611 18.50 12.21 6.12
CA ARG C 611 18.66 12.33 7.58
C ARG C 611 19.91 11.55 8.01
N LEU C 612 20.17 10.41 7.36
CA LEU C 612 21.30 9.55 7.77
C LEU C 612 22.66 10.11 7.42
N MET C 613 22.73 10.89 6.34
CA MET C 613 24.02 11.29 5.79
C MET C 613 24.64 12.42 6.61
N THR C 614 23.81 13.16 7.34
CA THR C 614 24.31 14.32 8.08
C THR C 614 25.29 13.89 9.18
N ARG C 615 26.17 14.82 9.59
CA ARG C 615 27.19 14.55 10.60
C ARG C 615 26.60 14.25 11.97
N GLU C 616 25.63 15.06 12.35
CA GLU C 616 24.97 14.91 13.65
C GLU C 616 24.19 13.62 13.72
N ALA C 617 23.96 12.99 12.57
CA ALA C 617 23.37 11.67 12.49
C ALA C 617 24.44 10.63 12.80
N VAL C 618 25.64 10.90 12.29
CA VAL C 618 26.82 10.07 12.57
C VAL C 618 27.26 10.24 14.02
N GLU C 619 26.69 11.24 14.68
CA GLU C 619 26.97 11.49 16.09
C GLU C 619 26.29 10.47 17.00
N ALA C 620 25.01 10.21 16.74
CA ALA C 620 24.30 9.22 17.53
C ALA C 620 24.93 7.82 17.42
N VAL C 621 25.54 7.49 16.27
CA VAL C 621 26.28 6.23 16.07
C VAL C 621 27.72 6.21 16.61
N CYS C 622 28.39 7.36 16.50
CA CYS C 622 29.73 7.53 17.07
C CYS C 622 29.74 7.18 18.56
N GLU C 623 28.60 7.39 19.23
CA GLU C 623 28.45 7.06 20.65
C GLU C 623 28.36 5.56 20.88
N LEU C 624 27.97 4.80 19.86
CA LEU C 624 27.79 3.36 19.97
C LEU C 624 29.09 2.58 19.90
N VAL C 625 29.99 2.98 19.01
CA VAL C 625 31.24 2.25 18.79
C VAL C 625 32.20 2.54 19.96
N PRO C 626 32.55 1.49 20.71
CA PRO C 626 33.47 1.63 21.87
C PRO C 626 34.85 2.22 21.50
N SER C 627 35.44 1.77 20.39
CA SER C 627 36.80 2.17 19.98
C SER C 627 36.86 3.67 19.64
N GLU C 628 37.93 4.33 20.08
CA GLU C 628 38.07 5.79 19.98
C GLU C 628 38.51 6.24 18.59
N GLU C 629 39.53 5.57 18.08
CA GLU C 629 40.09 5.92 16.78
C GLU C 629 39.12 5.51 15.67
N ARG C 630 38.33 4.44 15.88
CA ARG C 630 37.29 4.07 14.92
C ARG C 630 36.25 5.18 14.90
N ARG C 631 35.84 5.56 16.10
CA ARG C 631 34.90 6.64 16.32
C ARG C 631 35.32 7.91 15.59
N GLU C 632 36.63 8.17 15.59
CA GLU C 632 37.16 9.34 14.87
C GLU C 632 37.20 9.09 13.36
N ALA C 633 37.52 7.85 12.96
CA ALA C 633 37.69 7.46 11.56
C ALA C 633 36.41 7.63 10.76
N LEU C 634 35.33 7.00 11.21
CA LEU C 634 34.08 7.04 10.44
C LEU C 634 33.49 8.44 10.46
N LEU C 635 33.77 9.19 11.52
CA LEU C 635 33.31 10.56 11.63
C LEU C 635 33.98 11.40 10.57
N LYS C 636 35.30 11.27 10.53
CA LYS C 636 36.09 11.94 9.55
C LYS C 636 35.62 11.56 8.14
N LEU C 637 35.33 10.28 7.92
CA LEU C 637 34.79 9.75 6.65
C LEU C 637 33.52 10.48 6.22
N MET C 638 32.61 10.61 7.18
CA MET C 638 31.32 11.25 6.93
C MET C 638 31.49 12.72 6.60
N ASP C 639 32.41 13.40 7.29
CA ASP C 639 32.62 14.81 6.96
C ASP C 639 33.19 14.90 5.52
N LEU C 640 34.05 13.95 5.15
CA LEU C 640 34.53 13.85 3.76
C LEU C 640 33.36 13.73 2.81
N TYR C 641 32.41 12.90 3.21
CA TYR C 641 31.27 12.66 2.36
C TYR C 641 30.37 13.89 2.22
N LEU C 642 30.15 14.62 3.31
CA LEU C 642 29.41 15.88 3.29
C LEU C 642 30.09 16.91 2.40
N GLN C 643 31.41 16.82 2.31
CA GLN C 643 32.18 17.75 1.47
C GLN C 643 32.07 17.40 -0.01
N MET C 644 31.98 16.11 -0.33
CA MET C 644 31.88 15.74 -1.74
C MET C 644 30.44 15.55 -2.28
N LYS C 645 29.46 15.49 -1.39
CA LYS C 645 28.06 15.31 -1.80
C LYS C 645 27.39 16.44 -2.57
N PRO C 646 27.63 17.70 -2.17
CA PRO C 646 26.90 18.75 -2.88
C PRO C 646 27.34 18.92 -4.34
N VAL C 647 28.51 18.40 -4.69
CA VAL C 647 29.05 18.47 -6.05
C VAL C 647 28.08 17.85 -7.07
N TRP C 648 27.72 16.58 -6.83
CA TRP C 648 26.80 15.84 -7.69
C TRP C 648 25.32 15.98 -7.25
N ARG C 649 25.06 16.52 -6.05
CA ARG C 649 23.66 16.74 -5.64
C ARG C 649 23.07 18.04 -6.12
N SER C 650 23.88 19.06 -6.01
CA SER C 650 23.46 20.38 -6.40
C SER C 650 23.28 20.44 -7.90
N THR C 651 22.38 21.30 -8.34
CA THR C 651 22.06 21.47 -9.75
C THR C 651 23.27 21.87 -10.60
N CYS C 652 23.88 23.01 -10.27
CA CYS C 652 25.03 23.54 -11.02
C CYS C 652 26.14 23.99 -10.06
N PRO C 653 27.10 23.08 -9.73
CA PRO C 653 28.21 23.31 -8.80
C PRO C 653 29.23 24.36 -9.25
N SER C 654 29.22 24.70 -10.54
CA SER C 654 30.18 25.65 -11.13
C SER C 654 30.06 27.03 -10.52
N ARG C 655 28.94 27.28 -9.83
CA ARG C 655 28.66 28.57 -9.22
C ARG C 655 28.30 28.35 -7.74
N ASP C 656 27.26 27.57 -7.49
CA ASP C 656 26.75 27.33 -6.14
C ASP C 656 27.78 26.77 -5.16
N CYS C 657 28.61 25.83 -5.60
CA CYS C 657 29.63 25.24 -4.74
C CYS C 657 30.95 24.94 -5.45
N PRO C 658 31.73 26.00 -5.78
CA PRO C 658 32.96 25.89 -6.56
C PRO C 658 34.11 25.17 -5.87
N ASP C 659 34.32 25.48 -4.59
CA ASP C 659 35.50 25.00 -3.86
C ASP C 659 35.47 23.50 -3.61
N GLN C 660 34.31 22.97 -3.25
CA GLN C 660 34.12 21.54 -3.13
C GLN C 660 34.41 20.82 -4.46
N LEU C 661 33.95 21.42 -5.56
CA LEU C 661 34.19 20.91 -6.93
C LEU C 661 35.66 20.83 -7.30
N CYS C 662 36.38 21.93 -7.11
CA CYS C 662 37.80 21.96 -7.45
C CYS C 662 38.59 20.97 -6.56
N GLN C 663 38.14 20.77 -5.31
CA GLN C 663 38.84 19.89 -4.35
C GLN C 663 38.36 18.46 -4.36
N TYR C 664 37.40 18.17 -5.23
CA TYR C 664 36.71 16.89 -5.24
C TYR C 664 37.64 15.71 -5.53
N SER C 665 38.57 15.89 -6.46
CA SER C 665 39.49 14.82 -6.81
C SER C 665 40.34 14.46 -5.61
N TYR C 666 41.03 15.45 -5.06
CA TYR C 666 41.83 15.29 -3.86
C TYR C 666 41.03 14.73 -2.67
N ASN C 667 39.78 15.17 -2.54
CA ASN C 667 38.92 14.79 -1.44
C ASN C 667 38.52 13.31 -1.55
N SER C 668 38.25 12.87 -2.78
CA SER C 668 37.97 11.49 -3.07
C SER C 668 39.18 10.61 -2.82
N GLN C 669 40.35 11.09 -3.23
CA GLN C 669 41.63 10.41 -2.94
C GLN C 669 41.82 10.09 -1.46
N GLN C 670 41.65 11.13 -0.67
CA GLN C 670 41.66 11.06 0.77
C GLN C 670 40.65 9.98 1.27
N PHE C 671 39.44 10.06 0.74
CA PHE C 671 38.36 9.15 1.13
C PHE C 671 38.76 7.66 0.92
N ALA C 672 39.12 7.36 -0.33
CA ALA C 672 39.47 6.01 -0.78
C ALA C 672 40.64 5.50 0.05
N ASP C 673 41.61 6.38 0.29
CA ASP C 673 42.72 6.04 1.17
C ASP C 673 42.23 5.57 2.55
N LEU C 674 41.29 6.33 3.12
CA LEU C 674 40.79 6.01 4.45
C LEU C 674 40.04 4.69 4.50
N LEU C 675 39.38 4.36 3.39
CA LEU C 675 38.64 3.11 3.27
C LEU C 675 39.58 1.93 3.19
N SER C 676 40.50 1.98 2.23
CA SER C 676 41.40 0.85 2.05
C SER C 676 42.38 0.79 3.23
N SER C 677 42.39 1.84 4.06
CA SER C 677 43.23 1.85 5.26
C SER C 677 42.54 1.08 6.39
N MET C 678 41.51 1.65 7.00
CA MET C 678 40.95 1.00 8.18
C MET C 678 39.80 0.01 7.95
N PHE C 679 39.15 0.14 6.80
CA PHE C 679 37.97 -0.64 6.46
C PHE C 679 38.21 -1.79 5.50
N LYS C 680 39.47 -2.01 5.12
CA LYS C 680 39.80 -2.87 3.96
C LYS C 680 39.05 -4.19 4.00
N TYR C 681 38.86 -4.73 5.20
CA TYR C 681 38.23 -6.02 5.41
C TYR C 681 36.90 -6.14 4.64
N ARG C 682 36.21 -5.01 4.52
CA ARG C 682 34.94 -4.94 3.82
C ARG C 682 35.03 -4.46 2.35
N TYR C 683 36.23 -4.06 1.95
CA TYR C 683 36.46 -3.57 0.60
C TYR C 683 37.58 -4.22 -0.17
N ASP C 684 38.12 -5.29 0.41
CA ASP C 684 39.20 -6.05 -0.20
C ASP C 684 38.95 -6.38 -1.68
N GLY C 685 37.96 -7.23 -1.93
CA GLY C 685 37.60 -7.62 -3.28
C GLY C 685 36.25 -7.13 -3.75
N LYS C 686 35.59 -6.29 -2.96
CA LYS C 686 34.22 -5.91 -3.28
C LYS C 686 33.94 -4.44 -3.02
N ILE C 687 33.34 -3.77 -4.00
CA ILE C 687 32.87 -2.41 -3.83
C ILE C 687 31.52 -2.21 -4.47
N THR C 688 30.61 -1.52 -3.78
CA THR C 688 29.27 -1.25 -4.31
C THR C 688 29.45 -0.42 -5.57
N ASN C 689 28.57 -0.62 -6.56
CA ASN C 689 28.70 0.03 -7.87
C ASN C 689 28.83 1.54 -7.72
N TYR C 690 27.92 2.10 -6.94
CA TYR C 690 27.88 3.54 -6.72
C TYR C 690 29.09 4.13 -5.99
N LEU C 691 29.70 3.40 -5.08
CA LEU C 691 30.79 4.01 -4.33
C LEU C 691 31.93 4.22 -5.31
N HIS C 692 32.15 3.21 -6.15
CA HIS C 692 33.09 3.33 -7.26
C HIS C 692 32.73 4.46 -8.22
N LYS C 693 31.49 4.47 -8.71
CA LYS C 693 31.06 5.48 -9.67
C LYS C 693 31.22 6.90 -9.14
N THR C 694 30.91 7.09 -7.85
CA THR C 694 30.97 8.41 -7.21
C THR C 694 32.40 8.79 -6.85
N LEU C 695 33.27 7.80 -6.69
CA LEU C 695 34.68 8.05 -6.37
C LEU C 695 35.57 8.09 -7.61
N ALA C 696 34.99 7.83 -8.77
CA ALA C 696 35.78 7.75 -9.99
C ALA C 696 35.38 8.79 -11.04
N HIS C 697 34.18 8.65 -11.57
CA HIS C 697 33.83 9.39 -12.78
C HIS C 697 33.10 10.69 -12.58
N VAL C 698 32.90 11.10 -11.33
CA VAL C 698 32.16 12.34 -11.08
C VAL C 698 32.84 13.61 -11.62
N PRO C 699 34.13 13.84 -11.29
CA PRO C 699 34.76 15.09 -11.76
C PRO C 699 34.71 15.20 -13.28
N GLU C 700 34.92 14.07 -13.95
CA GLU C 700 34.87 14.00 -15.40
C GLU C 700 33.51 14.41 -15.98
N ILE C 701 32.43 13.85 -15.47
CA ILE C 701 31.11 14.12 -16.03
C ILE C 701 30.65 15.53 -15.67
N VAL C 702 31.07 16.03 -14.51
CA VAL C 702 30.73 17.41 -14.14
C VAL C 702 31.48 18.37 -15.07
N GLU C 703 32.72 18.02 -15.42
CA GLU C 703 33.48 18.78 -16.41
C GLU C 703 32.81 18.76 -17.80
N ARG C 704 32.23 17.62 -18.16
CA ARG C 704 31.61 17.42 -19.47
C ARG C 704 30.19 17.96 -19.66
N ASP C 705 29.22 17.45 -18.90
CA ASP C 705 27.86 17.99 -18.92
C ASP C 705 27.78 19.45 -18.45
N GLY C 706 28.70 19.82 -17.56
CA GLY C 706 28.71 21.13 -16.95
C GLY C 706 28.10 21.03 -15.56
N SER C 707 27.28 20.00 -15.35
CA SER C 707 26.55 19.79 -14.10
C SER C 707 25.78 18.48 -14.07
N ILE C 708 25.41 18.05 -12.86
CA ILE C 708 24.78 16.76 -12.65
C ILE C 708 23.86 16.89 -11.46
N GLY C 709 22.81 16.08 -11.41
CA GLY C 709 21.84 16.15 -10.33
C GLY C 709 20.67 17.00 -10.80
N ALA C 710 20.93 17.88 -11.76
CA ALA C 710 19.88 18.55 -12.50
C ALA C 710 19.32 17.55 -13.50
N TRP C 711 20.17 16.60 -13.83
CA TRP C 711 19.87 15.52 -14.77
C TRP C 711 19.38 14.25 -14.06
N ALA C 712 19.18 14.35 -12.75
CA ALA C 712 18.83 13.21 -11.92
C ALA C 712 17.49 12.58 -12.30
N SER C 713 17.34 11.33 -11.89
CA SER C 713 16.11 10.58 -12.11
C SER C 713 14.94 11.19 -11.30
N GLU C 714 15.22 12.17 -10.45
CA GLU C 714 14.24 12.65 -9.50
C GLU C 714 13.01 13.26 -10.17
N GLY C 715 13.27 14.02 -11.25
CA GLY C 715 12.24 14.67 -12.07
C GLY C 715 11.31 13.75 -12.84
N ASN C 716 11.64 12.47 -12.80
CA ASN C 716 10.87 11.40 -13.38
C ASN C 716 10.04 10.90 -12.30
N GLU C 717 10.82 10.19 -11.55
CA GLU C 717 10.37 9.49 -10.44
C GLU C 717 9.31 9.97 -9.57
N SER C 718 9.43 11.24 -9.25
CA SER C 718 8.48 11.92 -8.47
C SER C 718 7.13 11.89 -9.08
N GLY C 719 7.11 12.32 -10.32
CA GLY C 719 5.97 12.10 -11.21
C GLY C 719 5.20 10.81 -10.98
N ASN C 720 5.86 9.72 -10.57
CA ASN C 720 5.15 8.45 -10.33
C ASN C 720 4.02 8.60 -9.32
N LYS C 721 4.24 9.44 -8.31
CA LYS C 721 3.21 9.72 -7.32
C LYS C 721 1.92 10.09 -8.05
N LEU C 722 2.02 11.02 -8.99
CA LEU C 722 0.86 11.48 -9.76
C LEU C 722 0.20 10.34 -10.47
N PHE C 723 1.02 9.50 -11.10
CA PHE C 723 0.49 8.38 -11.85
C PHE C 723 -0.39 7.49 -10.98
N ARG C 724 -0.10 7.44 -9.68
CA ARG C 724 -0.98 6.68 -8.81
C ARG C 724 -2.30 7.40 -8.58
N ARG C 725 -2.24 8.66 -8.15
CA ARG C 725 -3.50 9.37 -7.91
C ARG C 725 -4.30 9.58 -9.20
N PHE C 726 -3.62 9.83 -10.31
CA PHE C 726 -4.33 10.01 -11.59
C PHE C 726 -4.91 8.70 -12.11
N ARG C 727 -4.57 7.61 -11.43
CA ARG C 727 -5.11 6.29 -11.73
C ARG C 727 -6.29 5.98 -10.82
N LYS C 728 -6.57 6.88 -9.90
CA LYS C 728 -7.73 6.73 -9.03
C LYS C 728 -8.72 7.87 -9.20
N MET C 729 -8.29 9.08 -8.87
CA MET C 729 -9.14 10.27 -8.97
C MET C 729 -9.65 10.50 -10.42
N ASN C 730 -8.72 10.57 -11.36
CA ASN C 730 -9.04 11.01 -12.71
C ASN C 730 -9.19 9.85 -13.71
N ALA C 731 -9.13 8.60 -13.23
CA ALA C 731 -9.26 7.46 -14.12
C ALA C 731 -10.70 7.33 -14.61
N ARG C 732 -10.90 6.60 -15.70
CA ARG C 732 -12.19 6.52 -16.40
C ARG C 732 -13.48 5.92 -15.77
N GLN C 733 -13.49 4.72 -15.16
CA GLN C 733 -12.40 3.75 -15.08
C GLN C 733 -12.71 2.33 -15.61
N SER C 734 -12.05 1.95 -16.71
CA SER C 734 -11.97 0.58 -17.26
C SER C 734 -10.61 0.39 -17.95
N LYS C 735 -10.17 -0.84 -18.16
CA LYS C 735 -8.81 -1.10 -18.68
C LYS C 735 -8.51 -0.44 -20.03
N THR C 736 -9.54 -0.34 -20.87
CA THR C 736 -9.39 0.21 -22.21
C THR C 736 -9.02 1.71 -22.24
N PHE C 737 -9.85 2.54 -21.62
CA PHE C 737 -9.70 4.00 -21.69
C PHE C 737 -8.75 4.59 -20.65
N GLU C 738 -8.46 3.78 -19.63
CA GLU C 738 -7.80 4.30 -18.46
C GLU C 738 -6.44 4.95 -18.75
N LEU C 739 -5.57 4.25 -19.47
CA LEU C 739 -4.27 4.84 -19.78
C LEU C 739 -4.44 6.11 -20.60
N GLU C 740 -5.45 6.12 -21.48
CA GLU C 740 -5.75 7.28 -22.32
C GLU C 740 -5.98 8.52 -21.46
N ASP C 741 -6.96 8.47 -20.55
CA ASP C 741 -7.27 9.68 -19.78
C ASP C 741 -6.24 10.00 -18.66
N ILE C 742 -5.54 8.99 -18.13
CA ILE C 742 -4.41 9.28 -17.22
C ILE C 742 -3.37 10.11 -17.94
N LEU C 743 -2.96 9.60 -19.10
CA LEU C 743 -1.93 10.24 -19.91
C LEU C 743 -2.31 11.69 -20.27
N LYS C 744 -3.53 11.86 -20.80
CA LYS C 744 -4.04 13.19 -21.15
C LYS C 744 -3.98 14.13 -19.95
N HIS C 745 -4.62 13.70 -18.87
CA HIS C 745 -4.73 14.54 -17.68
C HIS C 745 -3.36 14.87 -17.10
N HIS C 746 -2.43 13.93 -17.23
CA HIS C 746 -1.07 14.15 -16.79
C HIS C 746 -0.46 15.27 -17.62
N TRP C 747 -0.60 15.16 -18.94
CA TRP C 747 -0.07 16.16 -19.85
C TRP C 747 -0.57 17.54 -19.45
N LEU C 748 -1.86 17.62 -19.18
CA LEU C 748 -2.47 18.87 -18.72
C LEU C 748 -1.91 19.35 -17.42
N TYR C 749 -1.57 18.42 -16.54
CA TYR C 749 -0.98 18.82 -15.29
C TYR C 749 0.38 19.46 -15.50
N THR C 750 1.09 18.98 -16.51
CA THR C 750 2.47 19.39 -16.70
C THR C 750 2.64 20.75 -17.38
N SER C 751 1.66 21.13 -18.19
CA SER C 751 1.74 22.33 -19.02
C SER C 751 2.06 23.60 -18.19
N LYS C 752 2.94 24.45 -18.74
CA LYS C 752 3.31 25.74 -18.12
C LYS C 752 2.18 26.75 -18.14
N TYR C 753 1.48 26.76 -19.26
CA TYR C 753 0.47 27.76 -19.57
C TYR C 753 -0.50 27.88 -18.42
N LEU C 754 -0.79 26.76 -17.78
CA LEU C 754 -1.75 26.73 -16.69
C LEU C 754 -1.12 27.20 -15.40
N GLN C 755 0.10 26.72 -15.15
CA GLN C 755 0.81 27.08 -13.94
C GLN C 755 1.02 28.58 -13.86
N LYS C 756 1.30 29.18 -15.01
CA LYS C 756 1.39 30.63 -15.12
C LYS C 756 0.17 31.28 -14.52
N PHE C 757 -1.01 30.79 -14.91
CA PHE C 757 -2.27 31.28 -14.35
C PHE C 757 -2.35 31.02 -12.86
N MET C 758 -1.83 29.89 -12.41
CA MET C 758 -2.05 29.50 -11.03
C MET C 758 -1.04 30.19 -10.09
N GLU C 759 -0.11 30.96 -10.67
CA GLU C 759 0.79 31.81 -9.87
C GLU C 759 0.03 33.04 -9.37
N ALA C 760 -0.96 33.42 -10.18
CA ALA C 760 -1.81 34.58 -9.94
C ALA C 760 -1.02 35.88 -9.88
N HIS C 761 0.17 35.85 -10.47
CA HIS C 761 1.02 37.03 -10.56
C HIS C 761 1.12 37.67 -9.17
N LYS C 762 1.87 37.02 -8.29
CA LYS C 762 2.05 37.47 -6.91
C LYS C 762 0.71 37.68 -6.20
N MET D 4 -0.64 -43.66 -26.53
CA MET D 4 -0.97 -42.28 -26.91
C MET D 4 -1.35 -41.57 -25.64
N SER D 5 -0.37 -40.97 -24.97
CA SER D 5 -0.65 -40.48 -23.63
C SER D 5 0.15 -39.24 -23.22
N LEU D 6 -0.30 -38.59 -22.14
CA LEU D 6 0.36 -37.40 -21.61
C LEU D 6 0.63 -37.59 -20.10
N GLN D 7 1.90 -37.46 -19.72
CA GLN D 7 2.27 -37.24 -18.32
C GLN D 7 2.40 -35.75 -17.97
N PRO D 8 1.68 -35.28 -16.93
CA PRO D 8 1.89 -33.96 -16.32
C PRO D 8 3.34 -33.73 -15.85
N LEU D 9 3.92 -32.60 -16.25
CA LEU D 9 5.33 -32.30 -15.95
C LEU D 9 5.51 -31.10 -15.04
N THR D 10 6.39 -31.27 -14.05
CA THR D 10 6.83 -30.20 -13.19
C THR D 10 8.06 -29.48 -13.74
N ALA D 11 8.02 -28.14 -13.72
CA ALA D 11 9.09 -27.34 -14.34
C ALA D 11 10.27 -27.20 -13.39
N VAL D 12 10.16 -27.85 -12.23
CA VAL D 12 11.15 -27.86 -11.15
C VAL D 12 11.54 -26.40 -10.86
N ASN D 13 12.84 -26.12 -10.79
CA ASN D 13 13.30 -24.76 -10.62
C ASN D 13 13.41 -24.09 -11.99
N CYS D 14 13.42 -22.76 -11.97
CA CYS D 14 13.78 -21.96 -13.14
C CYS D 14 12.86 -22.25 -14.34
N GLY D 15 11.61 -21.81 -14.24
CA GLY D 15 10.66 -21.93 -15.34
C GLY D 15 10.41 -20.58 -15.99
N SER D 16 11.31 -19.63 -15.75
CA SER D 16 11.19 -18.28 -16.31
C SER D 16 11.82 -18.15 -17.69
N LEU D 17 12.44 -19.23 -18.12
CA LEU D 17 13.16 -19.27 -19.38
C LEU D 17 12.23 -19.44 -20.59
N VAL D 18 11.32 -20.40 -20.50
CA VAL D 18 10.51 -20.78 -21.65
C VAL D 18 9.60 -19.63 -22.02
N GLN D 19 9.36 -19.50 -23.32
CA GLN D 19 8.69 -18.34 -23.86
C GLN D 19 7.76 -18.76 -25.00
N PRO D 20 6.74 -17.95 -25.35
CA PRO D 20 5.60 -18.46 -26.14
C PRO D 20 5.99 -19.17 -27.44
N GLY D 21 6.83 -18.56 -28.27
CA GLY D 21 7.46 -19.29 -29.35
C GLY D 21 8.82 -19.70 -28.80
N PHE D 22 9.31 -20.86 -29.21
CA PHE D 22 10.70 -21.23 -28.97
C PHE D 22 10.96 -22.47 -29.80
N SER D 23 12.16 -23.02 -29.70
CA SER D 23 12.53 -24.19 -30.52
C SER D 23 13.15 -25.33 -29.71
N LEU D 24 12.93 -26.56 -30.18
CA LEU D 24 13.55 -27.73 -29.56
C LEU D 24 14.36 -28.50 -30.58
N LEU D 25 15.66 -28.56 -30.31
CA LEU D 25 16.61 -29.18 -31.20
C LEU D 25 16.91 -30.60 -30.75
N ASP D 26 16.46 -31.57 -31.53
CA ASP D 26 16.78 -32.95 -31.23
C ASP D 26 17.91 -33.40 -32.15
N LEU D 27 19.11 -33.54 -31.60
CA LEU D 27 20.24 -34.04 -32.37
C LEU D 27 21.03 -34.97 -31.48
N GLU D 28 21.41 -36.11 -32.02
CA GLU D 28 22.28 -37.07 -31.35
C GLU D 28 21.85 -37.32 -29.91
N GLY D 29 20.75 -38.05 -29.73
CA GLY D 29 20.20 -38.24 -28.42
C GLY D 29 19.55 -36.97 -27.90
N ASP D 30 20.01 -36.51 -26.73
CA ASP D 30 19.31 -35.48 -25.96
C ASP D 30 18.94 -34.24 -26.76
N VAL D 31 17.77 -33.71 -26.44
CA VAL D 31 17.22 -32.52 -27.07
C VAL D 31 17.57 -31.28 -26.27
N TYR D 32 17.92 -30.21 -26.98
CA TYR D 32 18.25 -28.97 -26.34
C TYR D 32 17.23 -27.89 -26.65
N LEU D 33 16.92 -27.09 -25.64
CA LEU D 33 15.99 -26.01 -25.75
C LEU D 33 16.75 -24.82 -26.30
N PHE D 34 16.06 -24.07 -27.16
CA PHE D 34 16.61 -22.91 -27.81
C PHE D 34 15.64 -21.73 -27.81
N GLY D 35 16.17 -20.57 -27.44
CA GLY D 35 15.41 -19.36 -27.31
C GLY D 35 14.97 -19.27 -25.89
N GLN D 36 14.97 -18.05 -25.36
CA GLN D 36 14.57 -17.84 -23.99
C GLN D 36 14.21 -16.38 -23.81
N LYS D 37 13.41 -16.09 -22.79
CA LYS D 37 12.91 -14.74 -22.55
C LYS D 37 14.05 -13.75 -22.37
N GLY D 38 13.97 -12.63 -23.07
CA GLY D 38 14.97 -11.58 -22.96
C GLY D 38 16.34 -12.03 -23.42
N TRP D 39 17.36 -11.31 -22.98
CA TRP D 39 18.74 -11.61 -23.34
C TRP D 39 19.34 -12.67 -22.42
N PRO D 40 20.36 -13.41 -22.90
CA PRO D 40 21.00 -14.42 -22.06
C PRO D 40 21.55 -13.85 -20.76
N LYS D 41 21.48 -14.65 -19.71
CA LYS D 41 21.94 -14.26 -18.38
C LYS D 41 23.22 -15.04 -18.15
N ARG D 42 24.12 -14.49 -17.34
CA ARG D 42 25.43 -15.10 -17.10
C ARG D 42 25.34 -16.56 -16.69
N SER D 43 24.26 -16.95 -16.01
CA SER D 43 24.13 -18.30 -15.50
C SER D 43 24.52 -19.30 -16.62
N CYS D 44 23.95 -19.08 -17.82
CA CYS D 44 24.35 -19.79 -19.05
C CYS D 44 24.32 -18.82 -20.24
N PRO D 45 25.44 -18.13 -20.51
CA PRO D 45 25.55 -17.03 -21.48
C PRO D 45 25.27 -17.46 -22.92
N THR D 46 25.39 -18.75 -23.18
CA THR D 46 25.22 -19.31 -24.51
C THR D 46 23.82 -19.10 -25.05
N GLY D 47 22.83 -19.38 -24.22
CA GLY D 47 21.44 -19.16 -24.60
C GLY D 47 20.75 -20.48 -24.94
N ILE D 48 21.47 -21.57 -24.86
CA ILE D 48 20.95 -22.90 -25.21
C ILE D 48 21.03 -23.89 -24.07
N PHE D 49 19.92 -24.52 -23.71
CA PHE D 49 19.95 -25.43 -22.58
C PHE D 49 19.71 -26.88 -22.98
N GLY D 50 20.40 -27.82 -22.35
CA GLY D 50 20.08 -29.20 -22.62
C GLY D 50 18.85 -29.52 -21.79
N VAL D 51 17.97 -30.37 -22.33
CA VAL D 51 16.77 -30.72 -21.58
C VAL D 51 16.74 -32.18 -21.18
N ARG D 52 16.53 -32.42 -19.90
CA ARG D 52 16.40 -33.79 -19.42
C ARG D 52 15.08 -33.94 -18.69
N ILE D 53 14.32 -34.97 -19.03
CA ILE D 53 13.04 -35.21 -18.37
C ILE D 53 13.13 -36.53 -17.64
N LYS D 54 13.22 -36.45 -16.32
CA LYS D 54 13.31 -37.65 -15.49
C LYS D 54 12.28 -37.65 -14.36
N LYS D 55 11.54 -38.75 -14.20
CA LYS D 55 10.53 -38.93 -13.15
C LYS D 55 9.55 -37.76 -13.04
N GLY D 56 9.16 -37.19 -14.19
CA GLY D 56 8.23 -36.09 -14.25
C GLY D 56 8.87 -34.71 -14.17
N GLU D 57 10.09 -34.68 -13.62
CA GLU D 57 10.88 -33.46 -13.49
C GLU D 57 11.43 -33.00 -14.83
N LEU D 58 11.15 -31.74 -15.14
CA LEU D 58 11.70 -31.13 -16.33
C LEU D 58 12.89 -30.28 -15.93
N LYS D 59 14.07 -30.80 -16.19
CA LYS D 59 15.27 -30.10 -15.82
C LYS D 59 16.06 -29.52 -16.99
N LEU D 60 16.45 -28.26 -16.80
CA LEU D 60 17.18 -27.51 -17.80
C LEU D 60 18.64 -27.28 -17.38
N ARG D 61 19.56 -27.62 -18.28
CA ARG D 61 20.99 -27.50 -17.99
C ARG D 61 21.75 -26.57 -18.93
N ALA D 62 22.83 -25.98 -18.44
CA ALA D 62 23.64 -25.08 -19.23
C ALA D 62 24.45 -25.80 -20.29
N ILE D 63 24.38 -25.31 -21.52
CA ILE D 63 25.24 -25.80 -22.60
C ILE D 63 26.32 -24.78 -22.92
N SER D 64 27.56 -25.25 -23.12
CA SER D 64 28.69 -24.37 -23.39
C SER D 64 29.30 -24.60 -24.77
N PHE D 65 29.43 -23.52 -25.52
CA PHE D 65 29.96 -23.59 -26.87
C PHE D 65 31.46 -23.84 -26.94
N SER D 66 31.90 -24.34 -28.08
CA SER D 66 33.31 -24.49 -28.37
C SER D 66 33.92 -23.12 -28.65
N ASN D 67 35.23 -22.97 -28.42
CA ASN D 67 35.91 -21.69 -28.52
C ASN D 67 35.82 -21.04 -29.90
N ASN D 68 35.78 -21.90 -30.93
CA ASN D 68 35.81 -21.47 -32.33
C ASN D 68 34.44 -21.08 -32.86
N SER D 69 33.44 -21.09 -32.00
CA SER D 69 32.06 -20.89 -32.43
C SER D 69 31.51 -19.51 -32.08
N SER D 70 30.62 -19.00 -32.93
CA SER D 70 29.93 -17.74 -32.69
C SER D 70 28.84 -17.94 -31.65
N TYR D 71 28.39 -16.85 -31.02
CA TYR D 71 27.34 -16.93 -30.00
C TYR D 71 26.03 -16.40 -30.56
N LEU D 72 24.93 -16.93 -30.04
CA LEU D 72 23.65 -16.73 -30.67
C LEU D 72 22.67 -15.93 -29.83
N PRO D 73 21.89 -15.05 -30.48
CA PRO D 73 20.78 -14.38 -29.78
C PRO D 73 19.60 -15.33 -29.61
N PRO D 74 18.86 -15.21 -28.49
CA PRO D 74 17.72 -16.08 -28.23
C PRO D 74 16.56 -15.81 -29.21
N LEU D 75 16.68 -16.32 -30.44
CA LEU D 75 15.63 -16.14 -31.44
C LEU D 75 14.27 -16.66 -30.97
N ARG D 76 13.21 -16.02 -31.45
CA ARG D 76 11.86 -16.42 -31.10
C ARG D 76 11.32 -17.56 -31.92
N CYS D 77 10.94 -17.26 -33.15
CA CYS D 77 10.28 -18.24 -33.98
C CYS D 77 11.03 -18.38 -35.30
N PRO D 78 12.19 -19.06 -35.25
CA PRO D 78 12.97 -19.25 -36.47
C PRO D 78 12.51 -20.46 -37.31
N ALA D 79 13.19 -20.68 -38.43
CA ALA D 79 12.98 -21.85 -39.27
C ALA D 79 14.13 -22.82 -39.04
N ILE D 80 13.78 -23.92 -38.38
CA ILE D 80 14.70 -24.98 -38.05
C ILE D 80 14.65 -26.04 -39.15
N ALA D 81 15.82 -26.41 -39.68
CA ALA D 81 15.93 -27.53 -40.62
C ALA D 81 16.97 -28.51 -40.09
N HIS D 82 16.53 -29.72 -39.77
CA HIS D 82 17.45 -30.67 -39.19
C HIS D 82 18.08 -31.45 -40.35
N PHE D 83 19.38 -31.23 -40.57
CA PHE D 83 20.09 -31.88 -41.67
C PHE D 83 20.79 -33.13 -41.17
N GLU D 84 20.38 -34.24 -41.78
CA GLU D 84 20.72 -35.61 -41.36
C GLU D 84 22.17 -35.97 -41.70
N ALA D 85 22.68 -37.00 -41.02
CA ALA D 85 24.05 -37.45 -41.14
C ALA D 85 24.49 -37.84 -42.55
N GLN D 86 25.55 -37.20 -43.01
CA GLN D 86 26.26 -37.64 -44.20
C GLN D 86 27.58 -36.88 -44.31
N ASP D 87 28.26 -37.06 -45.43
CA ASP D 87 29.48 -36.33 -45.71
C ASP D 87 29.28 -34.82 -45.59
N GLY D 88 30.22 -34.14 -44.95
CA GLY D 88 31.28 -34.83 -44.22
C GLY D 88 31.01 -34.73 -42.74
N LYS D 89 30.09 -33.84 -42.39
CA LYS D 89 29.93 -33.44 -41.00
C LYS D 89 28.45 -33.45 -40.59
N PRO D 90 28.02 -34.56 -39.97
CA PRO D 90 26.81 -34.66 -39.14
C PRO D 90 27.10 -34.08 -37.75
N GLU D 91 26.13 -33.58 -36.98
CA GLU D 91 24.71 -33.53 -37.30
C GLU D 91 24.30 -32.07 -37.34
N CYS D 92 23.59 -31.65 -38.37
CA CYS D 92 23.41 -30.21 -38.50
C CYS D 92 22.03 -29.71 -38.13
N TYR D 93 22.00 -28.49 -37.59
CA TYR D 93 20.75 -27.77 -37.42
C TYR D 93 20.85 -26.39 -38.02
N LEU D 94 20.05 -26.19 -39.07
CA LEU D 94 20.06 -24.93 -39.78
C LEU D 94 18.98 -24.02 -39.19
N ILE D 95 19.41 -22.90 -38.60
CA ILE D 95 18.49 -21.99 -37.92
C ILE D 95 18.50 -20.63 -38.59
N HIS D 96 17.35 -20.28 -39.19
CA HIS D 96 17.21 -18.94 -39.78
C HIS D 96 15.76 -18.49 -39.91
N GLY D 97 15.49 -17.20 -39.73
CA GLY D 97 16.38 -16.30 -39.02
C GLY D 97 15.79 -15.81 -37.72
N GLY D 98 14.53 -16.15 -37.47
CA GLY D 98 13.87 -15.79 -36.23
C GLY D 98 13.73 -14.31 -35.89
N ARG D 99 13.39 -14.05 -34.63
CA ARG D 99 13.27 -12.70 -34.06
C ARG D 99 14.07 -12.54 -32.78
N THR D 100 15.03 -11.64 -32.85
CA THR D 100 15.87 -11.29 -31.72
C THR D 100 14.99 -10.78 -30.56
N PRO D 101 15.33 -11.17 -29.32
CA PRO D 101 14.61 -10.69 -28.13
C PRO D 101 14.56 -9.18 -28.06
N ASN D 102 15.69 -8.53 -28.30
CA ASN D 102 15.69 -7.14 -28.68
C ASN D 102 14.97 -7.19 -30.00
N ASN D 103 13.87 -6.45 -30.12
CA ASN D 103 12.93 -6.80 -31.18
C ASN D 103 13.47 -6.40 -32.54
N GLU D 104 13.81 -7.43 -33.31
CA GLU D 104 14.35 -7.29 -34.66
C GLU D 104 14.24 -8.62 -35.39
N LEU D 105 14.38 -8.56 -36.70
CA LEU D 105 14.54 -9.77 -37.49
C LEU D 105 15.99 -9.95 -37.89
N SER D 106 16.52 -11.12 -37.60
CA SER D 106 17.88 -11.46 -38.03
C SER D 106 17.85 -12.19 -39.36
N SER D 107 18.62 -11.69 -40.33
CA SER D 107 18.65 -12.32 -41.64
C SER D 107 19.83 -13.30 -41.80
N SER D 108 20.67 -13.44 -40.79
CA SER D 108 21.86 -14.29 -40.88
C SER D 108 21.55 -15.74 -40.50
N LEU D 109 22.01 -16.66 -41.33
CA LEU D 109 21.78 -18.09 -41.09
C LEU D 109 22.87 -18.72 -40.23
N TYR D 110 22.46 -19.57 -39.29
CA TYR D 110 23.42 -20.25 -38.44
C TYR D 110 23.35 -21.76 -38.57
N MET D 111 24.51 -22.38 -38.55
CA MET D 111 24.62 -23.83 -38.54
C MET D 111 25.10 -24.26 -37.20
N LEU D 112 24.22 -24.93 -36.48
CA LEU D 112 24.49 -25.31 -35.12
C LEU D 112 24.74 -26.80 -35.06
N SER D 113 25.73 -27.21 -34.26
CA SER D 113 26.01 -28.64 -34.16
C SER D 113 26.74 -29.09 -32.90
N VAL D 114 26.92 -30.41 -32.82
CA VAL D 114 27.57 -31.08 -31.72
C VAL D 114 29.08 -31.02 -31.93
N ASP D 115 29.81 -30.96 -30.82
CA ASP D 115 31.26 -30.99 -30.87
C ASP D 115 31.80 -32.16 -30.04
N SER D 116 31.77 -32.03 -28.72
CA SER D 116 32.50 -32.95 -27.87
C SER D 116 31.74 -33.40 -26.63
N ARG D 117 32.24 -34.49 -26.03
CA ARG D 117 31.65 -35.06 -24.83
C ARG D 117 32.63 -36.08 -24.24
N GLY D 118 32.37 -36.58 -23.04
CA GLY D 118 31.52 -35.91 -22.07
C GLY D 118 32.23 -34.67 -21.48
N CYS D 119 33.38 -34.84 -20.82
CA CYS D 119 33.92 -36.12 -20.38
C CYS D 119 32.92 -36.82 -19.45
N ASN D 120 32.25 -36.03 -18.63
CA ASN D 120 31.05 -36.50 -17.97
C ASN D 120 29.84 -35.69 -18.48
N ARG D 121 29.07 -36.29 -19.39
CA ARG D 121 27.77 -35.78 -19.85
C ARG D 121 27.70 -34.30 -20.23
N LYS D 122 28.74 -33.78 -20.86
CA LYS D 122 28.72 -32.39 -21.24
C LYS D 122 28.88 -32.31 -22.74
N VAL D 123 27.98 -31.60 -23.41
CA VAL D 123 28.12 -31.48 -24.84
C VAL D 123 28.45 -30.05 -25.22
N THR D 124 29.68 -29.84 -25.65
CA THR D 124 30.06 -28.57 -26.23
C THR D 124 29.45 -28.51 -27.62
N LEU D 125 29.07 -27.33 -28.07
CA LEU D 125 28.48 -27.17 -29.39
C LEU D 125 29.21 -26.14 -30.18
N ARG D 126 28.97 -26.12 -31.48
CA ARG D 126 29.53 -25.04 -32.25
C ARG D 126 28.48 -24.45 -33.17
N CYS D 127 28.44 -23.12 -33.17
CA CYS D 127 27.61 -22.36 -34.08
C CYS D 127 28.48 -21.73 -35.11
N GLU D 128 28.00 -21.77 -36.33
CA GLU D 128 28.76 -21.21 -37.42
C GLU D 128 27.84 -20.36 -38.26
N GLU D 129 28.14 -19.07 -38.32
CA GLU D 129 27.45 -18.18 -39.22
C GLU D 129 27.71 -18.65 -40.65
N LYS D 130 26.82 -18.30 -41.57
CA LYS D 130 27.20 -18.47 -42.95
C LYS D 130 26.93 -17.20 -43.69
N GLU D 131 27.99 -16.65 -44.26
CA GLU D 131 27.89 -15.56 -45.19
C GLU D 131 27.00 -16.06 -46.32
N LEU D 132 26.10 -15.22 -46.79
CA LEU D 132 25.17 -15.62 -47.84
C LEU D 132 25.39 -14.78 -49.10
N VAL D 133 25.92 -15.42 -50.14
CA VAL D 133 26.10 -14.76 -51.43
C VAL D 133 24.72 -14.68 -52.07
N GLY D 134 24.28 -13.46 -52.34
CA GLY D 134 22.93 -13.29 -52.81
C GLY D 134 22.63 -11.94 -53.42
N ASP D 135 21.38 -11.69 -53.87
CA ASP D 135 20.19 -12.57 -53.78
C ASP D 135 19.94 -13.24 -52.41
N VAL D 136 20.01 -12.43 -51.36
CA VAL D 136 19.81 -12.92 -50.01
C VAL D 136 18.34 -12.94 -49.63
N PRO D 137 17.99 -13.83 -48.70
CA PRO D 137 16.61 -13.88 -48.22
C PRO D 137 16.26 -12.65 -47.38
N SER D 138 15.08 -12.08 -47.61
CA SER D 138 14.62 -10.98 -46.78
C SER D 138 14.45 -11.51 -45.35
N ALA D 139 14.91 -10.74 -44.38
CA ALA D 139 14.79 -11.13 -42.98
C ALA D 139 13.33 -11.40 -42.60
N ARG D 140 13.08 -12.52 -41.91
CA ARG D 140 11.72 -13.02 -41.70
C ARG D 140 11.56 -13.95 -40.48
N TYR D 141 10.31 -14.19 -40.08
CA TYR D 141 9.99 -15.14 -39.01
C TYR D 141 8.76 -15.98 -39.35
N GLY D 142 8.69 -17.18 -38.81
CA GLY D 142 7.55 -18.06 -39.05
C GLY D 142 7.68 -18.84 -40.33
N HIS D 143 8.67 -18.49 -41.12
CA HIS D 143 8.98 -19.18 -42.36
C HIS D 143 9.49 -20.58 -42.07
N THR D 144 9.52 -21.43 -43.09
CA THR D 144 10.05 -22.77 -42.90
C THR D 144 11.20 -23.05 -43.87
N LEU D 145 12.12 -23.89 -43.41
CA LEU D 145 13.31 -24.27 -44.14
C LEU D 145 13.48 -25.78 -44.06
N SER D 146 13.93 -26.42 -45.15
CA SER D 146 14.09 -27.88 -45.14
C SER D 146 15.23 -28.37 -46.05
N VAL D 147 15.85 -29.49 -45.64
CA VAL D 147 17.01 -30.05 -46.35
C VAL D 147 16.55 -31.02 -47.44
N ILE D 148 17.12 -30.89 -48.65
CA ILE D 148 16.79 -31.83 -49.73
C ILE D 148 18.00 -32.36 -50.48
N ASN D 149 17.89 -33.60 -50.95
CA ASN D 149 18.94 -34.20 -51.76
C ASN D 149 18.45 -34.66 -53.13
N SER D 150 19.18 -34.24 -54.15
CA SER D 150 18.89 -34.59 -55.53
C SER D 150 20.21 -34.98 -56.19
N ARG D 151 20.31 -36.26 -56.57
CA ARG D 151 21.24 -36.73 -57.60
C ARG D 151 22.76 -36.40 -57.52
N GLY D 152 23.46 -36.64 -56.41
CA GLY D 152 22.91 -36.92 -55.09
C GLY D 152 23.21 -35.74 -54.19
N LYS D 153 23.53 -34.61 -54.80
CA LYS D 153 24.01 -33.42 -54.07
C LYS D 153 22.91 -32.85 -53.18
N THR D 154 23.29 -32.05 -52.20
CA THR D 154 22.33 -31.54 -51.23
C THR D 154 22.21 -30.02 -51.21
N ALA D 155 20.98 -29.54 -51.29
CA ALA D 155 20.72 -28.11 -51.13
C ALA D 155 19.59 -27.92 -50.14
N CYS D 156 19.15 -26.68 -49.98
CA CYS D 156 18.13 -26.41 -48.99
C CYS D 156 17.03 -25.50 -49.55
N VAL D 157 15.82 -25.62 -49.03
CA VAL D 157 14.66 -24.86 -49.53
C VAL D 157 14.02 -24.00 -48.44
N LEU D 158 13.91 -22.69 -48.71
CA LEU D 158 13.43 -21.71 -47.73
C LEU D 158 12.22 -20.94 -48.21
N PHE D 159 11.11 -21.02 -47.48
CA PHE D 159 9.91 -20.32 -47.95
C PHE D 159 8.95 -19.98 -46.81
N GLY D 160 8.17 -18.92 -47.04
CA GLY D 160 7.07 -18.57 -46.16
C GLY D 160 7.39 -17.55 -45.10
N GLY D 161 6.57 -17.47 -44.07
CA GLY D 161 6.83 -16.57 -42.97
C GLY D 161 6.43 -15.15 -43.27
N ARG D 162 6.50 -14.31 -42.24
CA ARG D 162 6.21 -12.90 -42.38
C ARG D 162 7.47 -12.05 -42.31
N SER D 163 7.29 -10.74 -42.45
CA SER D 163 8.35 -9.78 -42.21
C SER D 163 7.73 -8.43 -41.90
N TYR D 164 8.52 -7.53 -41.33
CA TYR D 164 8.05 -6.19 -40.99
C TYR D 164 7.71 -5.43 -42.24
N MET D 165 6.84 -4.43 -42.09
CA MET D 165 6.38 -3.62 -43.21
C MET D 165 7.60 -3.09 -43.97
N PRO D 166 7.53 -2.99 -45.31
CA PRO D 166 8.68 -2.48 -46.10
C PRO D 166 9.23 -1.17 -45.53
N PRO D 167 10.57 -1.05 -45.38
CA PRO D 167 11.25 0.03 -44.63
C PRO D 167 10.94 1.45 -45.10
N THR D 168 10.47 1.56 -46.33
CA THR D 168 10.02 2.84 -46.87
C THR D 168 8.64 3.20 -46.33
N GLU D 169 7.77 2.19 -46.24
CA GLU D 169 6.35 2.39 -45.91
C GLU D 169 6.04 2.20 -44.41
N ARG D 170 7.07 1.92 -43.62
CA ARG D 170 6.85 1.60 -42.21
C ARG D 170 6.88 2.86 -41.37
N THR D 171 5.74 3.16 -40.78
CA THR D 171 5.54 4.35 -39.99
C THR D 171 5.43 3.96 -38.54
N THR D 172 5.91 4.84 -37.65
CA THR D 172 6.01 4.55 -36.23
C THR D 172 4.65 4.20 -35.61
N GLN D 173 3.57 4.54 -36.30
CA GLN D 173 2.25 4.08 -35.92
C GLN D 173 2.02 2.64 -36.39
N ASN D 174 2.43 2.36 -37.63
CA ASN D 174 2.28 1.04 -38.26
C ASN D 174 3.54 0.18 -38.15
N TRP D 175 4.49 0.66 -37.35
CA TRP D 175 5.76 -0.01 -37.12
C TRP D 175 5.63 -1.48 -36.80
N ASN D 176 4.84 -1.75 -35.77
CA ASN D 176 4.71 -3.11 -35.24
C ASN D 176 3.81 -3.95 -36.12
N SER D 177 3.22 -3.32 -37.13
CA SER D 177 2.44 -4.08 -38.09
C SER D 177 3.40 -4.99 -38.87
N VAL D 178 2.88 -6.07 -39.43
CA VAL D 178 3.72 -7.05 -40.09
C VAL D 178 2.96 -7.66 -41.28
N VAL D 179 3.64 -7.86 -42.41
CA VAL D 179 2.99 -8.46 -43.59
C VAL D 179 3.70 -9.69 -44.07
N ASP D 180 2.96 -10.56 -44.74
CA ASP D 180 3.54 -11.77 -45.29
C ASP D 180 4.53 -11.38 -46.38
N CYS D 181 5.76 -11.86 -46.27
CA CYS D 181 6.78 -11.60 -47.30
C CYS D 181 6.36 -12.27 -48.61
N PRO D 182 6.78 -11.69 -49.75
CA PRO D 182 6.44 -12.19 -51.10
C PRO D 182 6.75 -13.68 -51.33
N PRO D 183 5.90 -14.35 -52.12
CA PRO D 183 5.98 -15.79 -52.42
C PRO D 183 7.10 -16.14 -53.39
N GLN D 184 8.36 -16.04 -52.95
CA GLN D 184 9.48 -16.57 -53.72
C GLN D 184 10.30 -17.53 -52.86
N VAL D 185 10.66 -18.67 -53.44
CA VAL D 185 11.44 -19.66 -52.71
C VAL D 185 12.91 -19.38 -52.84
N TYR D 186 13.63 -19.61 -51.75
CA TYR D 186 15.07 -19.40 -51.74
C TYR D 186 15.79 -20.73 -51.62
N LEU D 187 16.50 -21.12 -52.67
CA LEU D 187 17.28 -22.33 -52.60
C LEU D 187 18.68 -21.96 -52.12
N ILE D 188 18.98 -22.41 -50.90
CA ILE D 188 20.27 -22.14 -50.28
C ILE D 188 21.15 -23.38 -50.28
N ASP D 189 22.21 -23.34 -51.07
CA ASP D 189 23.23 -24.37 -50.97
C ASP D 189 23.87 -24.20 -49.60
N LEU D 190 24.09 -25.31 -48.89
CA LEU D 190 24.77 -25.26 -47.59
C LEU D 190 26.14 -24.61 -47.76
N GLU D 191 26.94 -25.15 -48.67
CA GLU D 191 28.15 -24.47 -49.14
C GLU D 191 28.29 -24.75 -50.65
N PHE D 192 28.46 -23.69 -51.44
CA PHE D 192 28.74 -22.36 -50.90
C PHE D 192 27.48 -21.56 -50.56
N GLY D 193 27.65 -20.28 -50.25
CA GLY D 193 26.57 -19.46 -49.73
C GLY D 193 25.61 -18.93 -50.79
N CYS D 194 25.61 -19.54 -51.96
CA CYS D 194 24.72 -19.11 -53.05
C CYS D 194 23.24 -19.31 -52.67
N CYS D 195 22.48 -18.22 -52.73
CA CYS D 195 21.05 -18.22 -52.42
C CYS D 195 20.24 -17.76 -53.61
N THR D 196 19.50 -18.68 -54.23
CA THR D 196 18.77 -18.36 -55.46
C THR D 196 17.31 -18.06 -55.14
N ALA D 197 16.78 -16.95 -55.66
CA ALA D 197 15.38 -16.62 -55.41
C ALA D 197 14.54 -16.94 -56.66
N HIS D 198 13.39 -17.59 -56.45
CA HIS D 198 12.63 -18.25 -57.54
C HIS D 198 11.13 -17.93 -57.41
N THR D 199 10.52 -17.46 -58.51
CA THR D 199 9.10 -17.10 -58.48
C THR D 199 8.23 -18.35 -58.60
N LEU D 200 6.97 -18.23 -58.16
CA LEU D 200 6.04 -19.36 -58.15
C LEU D 200 4.68 -19.05 -58.79
N PRO D 201 4.53 -19.41 -60.08
CA PRO D 201 3.25 -19.27 -60.80
C PRO D 201 2.07 -19.89 -60.05
N GLU D 202 2.33 -20.99 -59.34
CA GLU D 202 1.27 -21.71 -58.61
C GLU D 202 0.89 -21.03 -57.29
N LEU D 203 1.86 -20.38 -56.65
CA LEU D 203 1.60 -19.68 -55.38
C LEU D 203 1.44 -18.18 -55.61
N THR D 204 0.21 -17.71 -55.51
CA THR D 204 -0.10 -16.31 -55.75
C THR D 204 -0.08 -15.52 -54.44
N ASP D 205 0.27 -16.20 -53.36
CA ASP D 205 0.27 -15.58 -52.03
C ASP D 205 1.32 -16.21 -51.12
N GLY D 206 1.83 -15.42 -50.18
CA GLY D 206 2.76 -15.90 -49.20
C GLY D 206 1.98 -16.34 -47.98
N GLN D 207 2.65 -17.07 -47.08
CA GLN D 207 1.98 -17.63 -45.91
C GLN D 207 3.00 -17.83 -44.79
N SER D 208 2.55 -18.40 -43.68
CA SER D 208 3.40 -18.55 -42.51
C SER D 208 2.92 -19.67 -41.59
N PHE D 209 3.82 -20.11 -40.71
CA PHE D 209 3.53 -21.14 -39.72
C PHE D 209 3.10 -22.46 -40.38
N HIS D 210 3.50 -22.63 -41.64
CA HIS D 210 3.17 -23.83 -42.39
C HIS D 210 4.23 -24.88 -42.13
N VAL D 211 3.83 -25.98 -41.52
CA VAL D 211 4.78 -27.03 -41.16
C VAL D 211 5.22 -27.77 -42.42
N ALA D 212 6.52 -27.82 -42.64
CA ALA D 212 7.06 -28.45 -43.85
C ALA D 212 7.66 -29.81 -43.53
N LEU D 213 7.34 -30.78 -44.38
CA LEU D 213 7.84 -32.12 -44.22
C LEU D 213 8.56 -32.49 -45.51
N ALA D 214 9.85 -32.78 -45.41
CA ALA D 214 10.68 -32.97 -46.60
C ALA D 214 11.22 -34.39 -46.70
N ARG D 215 10.88 -35.06 -47.79
CA ARG D 215 11.43 -36.38 -48.07
C ARG D 215 11.96 -36.45 -49.50
N GLN D 216 13.16 -37.01 -49.64
CA GLN D 216 13.69 -37.46 -50.93
C GLN D 216 13.44 -36.48 -52.09
N ASP D 217 14.07 -35.31 -52.03
CA ASP D 217 14.07 -34.27 -53.10
C ASP D 217 12.66 -33.73 -53.38
N CYS D 218 11.77 -33.84 -52.39
CA CYS D 218 10.39 -33.31 -52.47
C CYS D 218 9.97 -32.73 -51.11
N VAL D 219 9.31 -31.57 -51.14
CA VAL D 219 8.94 -30.89 -49.90
C VAL D 219 7.45 -30.57 -49.81
N TYR D 220 6.82 -31.03 -48.74
CA TYR D 220 5.40 -30.84 -48.57
C TYR D 220 5.13 -29.73 -47.57
N PHE D 221 4.41 -28.71 -48.02
CA PHE D 221 4.02 -27.62 -47.14
C PHE D 221 2.58 -27.81 -46.70
N LEU D 222 2.41 -28.14 -45.43
CA LEU D 222 1.09 -28.27 -44.83
C LEU D 222 0.51 -26.87 -44.65
N GLY D 223 -0.82 -26.77 -44.59
CA GLY D 223 -1.48 -25.49 -44.57
C GLY D 223 -0.99 -24.58 -43.46
N GLY D 224 -1.10 -23.29 -43.69
CA GLY D 224 -0.64 -22.30 -42.73
C GLY D 224 -1.47 -21.04 -42.82
N HIS D 225 -1.31 -20.13 -41.88
CA HIS D 225 -2.12 -18.93 -41.83
C HIS D 225 -1.63 -17.93 -42.87
N ILE D 226 -2.55 -17.51 -43.74
CA ILE D 226 -2.28 -16.45 -44.71
C ILE D 226 -2.88 -15.15 -44.18
N LEU D 227 -2.10 -14.07 -44.21
CA LEU D 227 -2.50 -12.82 -43.55
C LEU D 227 -3.27 -11.87 -44.46
N SER D 228 -3.29 -12.15 -45.75
CA SER D 228 -4.02 -11.30 -46.66
C SER D 228 -5.52 -11.54 -46.54
N SER D 229 -5.95 -12.75 -46.87
CA SER D 229 -7.36 -13.13 -46.81
C SER D 229 -7.75 -13.76 -45.47
N ASP D 230 -6.78 -13.87 -44.56
CA ASP D 230 -6.98 -14.43 -43.22
C ASP D 230 -7.58 -15.84 -43.26
N CYS D 231 -7.19 -16.61 -44.28
CA CYS D 231 -7.72 -17.96 -44.45
C CYS D 231 -6.63 -19.00 -44.16
N ARG D 232 -7.05 -20.17 -43.71
CA ARG D 232 -6.14 -21.25 -43.33
C ARG D 232 -6.39 -22.44 -44.26
N PRO D 233 -5.76 -22.40 -45.44
CA PRO D 233 -6.10 -23.31 -46.55
C PRO D 233 -6.02 -24.80 -46.16
N SER D 234 -7.06 -25.55 -46.52
CA SER D 234 -7.07 -27.00 -46.33
C SER D 234 -6.08 -27.60 -47.31
N ARG D 235 -5.96 -26.97 -48.48
CA ARG D 235 -5.05 -27.41 -49.51
C ARG D 235 -3.62 -27.51 -48.99
N LEU D 236 -3.00 -28.65 -49.24
CA LEU D 236 -1.59 -28.86 -48.93
C LEU D 236 -0.79 -28.59 -50.20
N ILE D 237 0.42 -28.06 -50.07
CA ILE D 237 1.17 -27.68 -51.26
C ILE D 237 2.51 -28.41 -51.41
N ARG D 238 2.65 -29.25 -52.44
CA ARG D 238 3.88 -30.01 -52.60
C ARG D 238 4.76 -29.35 -53.62
N LEU D 239 6.07 -29.39 -53.42
CA LEU D 239 6.96 -28.95 -54.49
C LEU D 239 8.06 -29.97 -54.72
N HIS D 240 8.61 -29.90 -55.92
CA HIS D 240 9.61 -30.86 -56.32
C HIS D 240 10.81 -30.13 -56.95
N VAL D 241 12.01 -30.36 -56.38
CA VAL D 241 13.20 -29.61 -56.80
C VAL D 241 14.15 -30.39 -57.70
N GLU D 242 14.51 -29.77 -58.81
CA GLU D 242 15.39 -30.37 -59.80
C GLU D 242 16.77 -29.73 -59.77
N LEU D 243 17.76 -30.47 -59.29
CA LEU D 243 19.12 -29.95 -59.22
C LEU D 243 19.91 -30.60 -60.34
N LEU D 244 20.41 -29.78 -61.26
CA LEU D 244 21.19 -30.28 -62.39
C LEU D 244 22.25 -29.23 -62.71
N LEU D 245 23.28 -29.64 -63.44
CA LEU D 245 24.40 -28.76 -63.73
C LEU D 245 24.04 -27.75 -64.82
N GLY D 246 24.16 -26.47 -64.53
CA GLY D 246 24.45 -25.97 -63.19
C GLY D 246 23.20 -25.32 -62.61
N SER D 247 22.06 -25.66 -63.20
CA SER D 247 20.79 -25.01 -62.89
C SER D 247 19.92 -25.81 -61.94
N PRO D 248 19.65 -25.23 -60.76
CA PRO D 248 18.68 -25.78 -59.80
C PRO D 248 17.23 -25.37 -60.10
N VAL D 249 16.71 -25.77 -61.25
CA VAL D 249 15.35 -25.41 -61.65
C VAL D 249 14.34 -26.06 -60.70
N LEU D 250 13.18 -25.44 -60.52
CA LEU D 250 12.24 -25.85 -59.47
C LEU D 250 10.81 -25.99 -59.96
N THR D 251 10.20 -27.18 -59.79
CA THR D 251 8.77 -27.31 -60.07
C THR D 251 7.94 -27.41 -58.81
N CYS D 252 6.62 -27.39 -58.99
CA CYS D 252 5.70 -27.35 -57.88
C CYS D 252 4.32 -27.85 -58.29
N THR D 253 3.54 -28.23 -57.29
CA THR D 253 2.18 -28.66 -57.54
C THR D 253 1.25 -28.48 -56.33
N ILE D 254 -0.03 -28.29 -56.62
CA ILE D 254 -1.06 -28.18 -55.58
C ILE D 254 -1.65 -29.53 -55.26
N LEU D 255 -1.89 -29.76 -53.98
CA LEU D 255 -2.55 -30.98 -53.55
C LEU D 255 -3.97 -30.61 -53.15
N HIS D 256 -4.90 -31.46 -53.54
CA HIS D 256 -6.32 -31.18 -53.40
C HIS D 256 -6.71 -30.88 -51.98
N GLU D 257 -6.62 -31.89 -51.13
CA GLU D 257 -7.11 -31.78 -49.77
C GLU D 257 -6.04 -32.16 -48.75
N GLY D 258 -5.94 -31.35 -47.69
CA GLY D 258 -5.00 -31.56 -46.61
C GLY D 258 -5.55 -30.95 -45.33
N LEU D 259 -4.76 -30.99 -44.26
CA LEU D 259 -5.21 -30.50 -42.95
C LEU D 259 -5.09 -28.97 -42.84
N THR D 260 -6.05 -28.33 -42.17
CA THR D 260 -5.97 -26.89 -41.85
C THR D 260 -5.37 -26.68 -40.47
N ILE D 261 -4.17 -26.09 -40.43
CA ILE D 261 -3.46 -25.96 -39.17
C ILE D 261 -2.49 -24.78 -39.19
N THR D 262 -2.22 -24.23 -38.01
CA THR D 262 -1.22 -23.18 -37.84
C THR D 262 -0.41 -23.48 -36.58
N SER D 263 0.89 -23.20 -36.61
CA SER D 263 1.77 -23.43 -35.48
C SER D 263 1.73 -24.89 -35.03
N ALA D 264 1.73 -25.80 -35.99
CA ALA D 264 1.64 -27.22 -35.68
C ALA D 264 3.00 -27.78 -35.23
N ILE D 265 2.96 -28.84 -34.42
CA ILE D 265 4.16 -29.51 -33.93
C ILE D 265 4.34 -30.87 -34.64
N ALA D 266 5.38 -31.01 -35.47
CA ALA D 266 5.61 -32.28 -36.16
C ALA D 266 6.56 -33.15 -35.36
N SER D 267 6.05 -34.25 -34.81
CA SER D 267 6.89 -35.13 -34.00
C SER D 267 7.18 -36.41 -34.76
N PRO D 268 8.44 -36.60 -35.17
CA PRO D 268 8.82 -37.81 -35.91
C PRO D 268 8.61 -39.05 -35.07
N ILE D 269 8.21 -40.15 -35.70
CA ILE D 269 7.99 -41.41 -34.99
C ILE D 269 8.74 -42.53 -35.70
N GLY D 270 8.26 -42.87 -36.88
CA GLY D 270 8.85 -43.92 -37.69
C GLY D 270 10.04 -43.34 -38.42
N TYR D 271 10.39 -43.98 -39.53
CA TYR D 271 11.45 -43.47 -40.37
C TYR D 271 11.09 -42.06 -40.83
N HIS D 272 10.13 -41.95 -41.73
CA HIS D 272 9.69 -40.63 -42.17
C HIS D 272 8.32 -40.22 -41.67
N GLU D 273 7.71 -41.08 -40.86
CA GLU D 273 6.34 -40.88 -40.45
C GLU D 273 6.29 -40.01 -39.22
N TYR D 274 5.78 -38.79 -39.41
CA TYR D 274 5.67 -37.84 -38.33
C TYR D 274 4.21 -37.74 -37.96
N ILE D 275 3.91 -37.58 -36.68
CA ILE D 275 2.53 -37.21 -36.37
C ILE D 275 2.49 -35.69 -36.17
N ILE D 276 1.58 -35.05 -36.93
CA ILE D 276 1.23 -33.66 -36.69
C ILE D 276 0.46 -33.68 -35.40
N PHE D 277 0.96 -32.93 -34.43
CA PHE D 277 0.44 -32.99 -33.09
C PHE D 277 -0.68 -31.95 -32.87
N GLY D 278 -0.92 -31.12 -33.88
CA GLY D 278 -1.98 -30.15 -33.81
C GLY D 278 -1.46 -28.74 -33.56
N GLY D 279 -2.41 -27.83 -33.40
CA GLY D 279 -2.12 -26.41 -33.39
C GLY D 279 -3.48 -25.76 -33.43
N TYR D 280 -3.54 -24.57 -33.98
CA TYR D 280 -4.80 -23.87 -34.07
C TYR D 280 -5.49 -24.07 -35.42
N GLN D 281 -6.75 -24.51 -35.42
CA GLN D 281 -7.51 -24.66 -36.65
C GLN D 281 -8.09 -23.35 -37.12
N SER D 282 -8.54 -22.53 -36.18
CA SER D 282 -9.09 -21.20 -36.46
C SER D 282 -8.53 -20.17 -35.50
N GLU D 283 -8.94 -18.91 -35.70
CA GLU D 283 -8.42 -17.83 -34.88
C GLU D 283 -8.85 -17.89 -33.41
N THR D 284 -9.72 -18.83 -33.08
CA THR D 284 -10.12 -19.04 -31.69
C THR D 284 -9.91 -20.49 -31.26
N GLN D 285 -10.62 -21.42 -31.90
CA GLN D 285 -10.52 -22.83 -31.53
C GLN D 285 -9.18 -23.44 -31.95
N LYS D 286 -8.62 -24.23 -31.04
CA LYS D 286 -7.34 -24.90 -31.22
C LYS D 286 -7.60 -26.37 -31.54
N ARG D 287 -6.81 -26.96 -32.42
CA ARG D 287 -7.06 -28.35 -32.82
C ARG D 287 -6.68 -29.31 -31.69
N MET D 288 -7.65 -30.09 -31.23
CA MET D 288 -7.36 -31.13 -30.24
C MET D 288 -6.88 -32.40 -30.93
N GLU D 289 -7.49 -32.69 -32.06
CA GLU D 289 -7.27 -33.93 -32.80
C GLU D 289 -5.80 -34.11 -33.15
N CYS D 290 -5.25 -35.26 -32.76
CA CYS D 290 -3.85 -35.57 -33.02
C CYS D 290 -3.82 -36.44 -34.26
N THR D 291 -2.97 -36.06 -35.21
CA THR D 291 -3.07 -36.69 -36.51
C THR D 291 -1.75 -37.34 -36.91
N TYR D 292 -1.85 -38.44 -37.66
CA TYR D 292 -0.68 -39.16 -38.16
C TYR D 292 -0.41 -38.92 -39.65
N VAL D 293 0.88 -38.74 -39.99
CA VAL D 293 1.33 -38.47 -41.36
C VAL D 293 2.50 -39.32 -41.82
N GLY D 294 2.27 -40.16 -42.82
CA GLY D 294 3.36 -40.83 -43.50
C GLY D 294 3.62 -40.07 -44.78
N LEU D 295 4.83 -40.21 -45.32
CA LEU D 295 5.16 -39.58 -46.60
C LEU D 295 5.83 -40.58 -47.52
N ASP D 296 5.17 -40.90 -48.62
CA ASP D 296 5.76 -41.82 -49.59
C ASP D 296 5.75 -41.19 -50.98
N ASP D 297 6.53 -41.75 -51.90
CA ASP D 297 6.74 -41.21 -53.24
C ASP D 297 5.42 -41.10 -54.00
N VAL D 298 4.54 -42.07 -53.77
CA VAL D 298 3.18 -42.01 -54.29
C VAL D 298 2.48 -40.73 -53.86
N GLY D 299 2.51 -40.47 -52.55
CA GLY D 299 1.88 -39.28 -52.02
C GLY D 299 1.95 -39.27 -50.52
N VAL D 300 1.31 -38.27 -49.92
CA VAL D 300 1.28 -38.17 -48.47
C VAL D 300 0.12 -39.00 -47.95
N HIS D 301 0.37 -39.83 -46.94
CA HIS D 301 -0.69 -40.66 -46.41
C HIS D 301 -1.04 -40.13 -45.05
N MET D 302 -2.32 -39.82 -44.92
CA MET D 302 -2.88 -39.09 -43.81
C MET D 302 -3.96 -39.83 -43.07
N GLU D 303 -3.69 -40.23 -41.83
CA GLU D 303 -4.79 -40.79 -41.03
C GLU D 303 -4.92 -40.13 -39.66
N SER D 304 -6.16 -39.85 -39.24
CA SER D 304 -6.39 -39.24 -37.93
C SER D 304 -6.01 -40.29 -36.89
N ARG D 305 -5.62 -39.88 -35.70
CA ARG D 305 -5.43 -40.89 -34.68
C ARG D 305 -6.20 -40.44 -33.45
N GLU D 306 -6.60 -41.40 -32.63
CA GLU D 306 -7.36 -41.09 -31.44
C GLU D 306 -6.48 -40.24 -30.52
N PRO D 307 -6.89 -38.99 -30.29
CA PRO D 307 -6.05 -38.09 -29.47
C PRO D 307 -6.06 -38.47 -27.99
N PRO D 308 -4.89 -38.33 -27.32
CA PRO D 308 -4.86 -38.57 -25.87
C PRO D 308 -5.92 -37.70 -25.23
N GLN D 309 -6.66 -38.24 -24.27
CA GLN D 309 -7.70 -37.49 -23.60
C GLN D 309 -7.09 -36.32 -22.83
N TRP D 310 -7.58 -35.12 -23.11
CA TRP D 310 -7.01 -33.91 -22.54
C TRP D 310 -7.62 -33.58 -21.21
N THR D 311 -6.78 -33.17 -20.26
CA THR D 311 -7.30 -32.66 -19.00
C THR D 311 -8.09 -31.42 -19.32
N SER D 312 -9.13 -31.17 -18.53
CA SER D 312 -10.04 -30.07 -18.80
C SER D 312 -9.27 -28.77 -18.92
N GLU D 313 -8.15 -28.68 -18.21
CA GLU D 313 -7.34 -27.47 -18.28
C GLU D 313 -6.88 -27.18 -19.70
N ILE D 314 -6.14 -28.11 -20.27
CA ILE D 314 -5.60 -27.90 -21.60
C ILE D 314 -6.71 -27.88 -22.67
N SER D 315 -7.82 -28.56 -22.38
CA SER D 315 -8.98 -28.51 -23.26
C SER D 315 -9.61 -27.11 -23.32
N HIS D 316 -9.54 -26.36 -22.23
CA HIS D 316 -10.07 -24.98 -22.17
C HIS D 316 -9.03 -23.89 -22.32
N SER D 317 -7.77 -24.29 -22.44
CA SER D 317 -6.68 -23.34 -22.50
C SER D 317 -6.80 -22.44 -23.72
N ARG D 318 -6.70 -21.14 -23.48
CA ARG D 318 -6.77 -20.14 -24.52
C ARG D 318 -5.77 -20.41 -25.65
N THR D 319 -4.51 -20.67 -25.27
CA THR D 319 -3.44 -20.99 -26.22
C THR D 319 -2.55 -22.11 -25.71
N TRP D 320 -1.81 -22.75 -26.63
CA TRP D 320 -0.79 -23.71 -26.24
C TRP D 320 0.30 -23.83 -27.29
N PHE D 321 1.47 -24.30 -26.88
CA PHE D 321 2.59 -24.45 -27.79
C PHE D 321 3.44 -25.61 -27.33
N GLY D 322 4.62 -25.74 -27.92
CA GLY D 322 5.55 -26.77 -27.51
C GLY D 322 6.59 -27.11 -28.55
N GLY D 323 7.13 -28.32 -28.45
CA GLY D 323 8.10 -28.83 -29.40
C GLY D 323 8.13 -30.33 -29.34
N SER D 324 8.78 -30.94 -30.32
CA SER D 324 8.86 -32.39 -30.40
C SER D 324 10.23 -32.86 -29.98
N LEU D 325 10.26 -33.75 -28.98
CA LEU D 325 11.53 -34.28 -28.49
C LEU D 325 11.97 -35.42 -29.40
N GLY D 326 11.14 -35.74 -30.40
CA GLY D 326 11.46 -36.79 -31.35
C GLY D 326 11.17 -38.15 -30.76
N LYS D 327 11.38 -39.20 -31.55
CA LYS D 327 11.05 -40.57 -31.13
C LYS D 327 9.60 -40.67 -30.67
N GLY D 328 8.72 -39.99 -31.39
CA GLY D 328 7.30 -39.95 -31.07
C GLY D 328 6.98 -39.37 -29.71
N THR D 329 7.89 -38.54 -29.21
CA THR D 329 7.72 -37.90 -27.91
C THR D 329 7.80 -36.38 -28.11
N ALA D 330 6.90 -35.65 -27.45
CA ALA D 330 6.84 -34.20 -27.62
C ALA D 330 6.41 -33.53 -26.32
N LEU D 331 6.66 -32.22 -26.25
CA LEU D 331 6.33 -31.41 -25.10
C LEU D 331 5.25 -30.37 -25.42
N VAL D 332 4.31 -30.17 -24.50
CA VAL D 332 3.35 -29.07 -24.62
C VAL D 332 3.33 -28.21 -23.37
N ALA D 333 2.92 -26.96 -23.54
CA ALA D 333 2.95 -26.02 -22.44
C ALA D 333 1.69 -25.17 -22.37
N ILE D 334 1.16 -25.06 -21.17
CA ILE D 334 -0.04 -24.27 -20.96
C ILE D 334 0.23 -23.05 -20.09
N PRO D 335 -0.03 -21.84 -20.63
CA PRO D 335 0.05 -20.62 -19.83
C PRO D 335 -0.90 -20.71 -18.62
N SER D 336 -0.50 -20.10 -17.51
CA SER D 336 -1.26 -20.21 -16.27
C SER D 336 -1.50 -18.88 -15.59
N GLU D 337 -2.59 -18.82 -14.83
CA GLU D 337 -2.89 -17.67 -14.00
C GLU D 337 -3.06 -18.06 -12.54
N GLY D 338 -3.05 -17.03 -11.70
CA GLY D 338 -3.25 -17.19 -10.27
C GLY D 338 -2.84 -15.88 -9.65
N ASN D 339 -2.58 -15.90 -8.35
CA ASN D 339 -2.13 -14.70 -7.66
C ASN D 339 -1.78 -15.10 -6.21
N PRO D 340 -0.55 -14.73 -5.76
CA PRO D 340 0.53 -14.16 -6.58
C PRO D 340 1.12 -15.12 -7.62
N THR D 341 2.07 -14.62 -8.40
CA THR D 341 2.64 -15.36 -9.53
C THR D 341 3.14 -16.74 -9.10
N PRO D 342 2.77 -17.78 -9.86
CA PRO D 342 2.93 -19.22 -9.55
C PRO D 342 4.25 -19.75 -8.93
N PRO D 343 5.47 -19.28 -9.33
CA PRO D 343 5.92 -18.28 -10.34
C PRO D 343 5.82 -18.74 -11.80
N GLU D 344 5.82 -20.05 -12.01
CA GLU D 344 5.99 -20.60 -13.35
C GLU D 344 4.79 -20.24 -14.20
N ALA D 345 5.06 -19.52 -15.29
CA ALA D 345 3.99 -19.02 -16.12
C ALA D 345 3.44 -20.15 -16.97
N TYR D 346 4.15 -21.28 -16.99
CA TYR D 346 3.77 -22.37 -17.87
C TYR D 346 3.79 -23.73 -17.20
N HIS D 347 2.63 -24.38 -17.19
CA HIS D 347 2.55 -25.78 -16.84
C HIS D 347 3.00 -26.56 -18.05
N PHE D 348 3.47 -27.78 -17.84
CA PHE D 348 3.92 -28.60 -18.96
C PHE D 348 3.30 -30.00 -18.96
N TYR D 349 3.25 -30.60 -20.15
CA TYR D 349 2.85 -32.00 -20.30
C TYR D 349 3.70 -32.67 -21.34
N GLN D 350 3.95 -33.94 -21.15
CA GLN D 350 4.73 -34.72 -22.08
C GLN D 350 3.87 -35.76 -22.74
N VAL D 351 3.80 -35.69 -24.05
CA VAL D 351 2.99 -36.62 -24.81
C VAL D 351 3.86 -37.64 -25.55
N SER D 352 3.33 -38.85 -25.66
CA SER D 352 4.03 -39.94 -26.31
C SER D 352 3.04 -40.77 -27.12
N PHE D 353 3.53 -41.44 -28.15
CA PHE D 353 2.70 -42.26 -29.00
C PHE D 353 2.93 -43.75 -28.63
N GLN D 354 2.11 -44.67 -29.19
CA GLN D 354 2.12 -46.10 -28.82
C GLN D 354 2.10 -46.30 -27.31
#